data_8HNU
#
_entry.id   8HNU
#
_cell.length_a   1.00
_cell.length_b   1.00
_cell.length_c   1.00
_cell.angle_alpha   90.00
_cell.angle_beta   90.00
_cell.angle_gamma   90.00
#
_symmetry.space_group_name_H-M   'P 1'
#
loop_
_entity.id
_entity.type
_entity.pdbx_description
1 polymer 'Cellodextrin phosphorylase'
2 non-polymer 'CHLORIDE ION'
3 water water
#
_entity_poly.entity_id   1
_entity_poly.type   'polypeptide(L)'
_entity_poly.pdbx_seq_one_letter_code
;MGITKVTARNNKITPVELLNQKFGNKINLGNFADAVFTDAAFKNVAGIANLPMKAPVMQVLMENSIVSKYLKQFVPDRSV
SFVEEGQKFYIVLEDGQKIEVPEDVNKALKATVSDVKHWAGYLTEDGEHVIDLLKPAPGPHFYVNLLIGNRLGFKRTLQT
TPKSVVDRFGRGSFRSHAATQVLATRFDMRQEENGFPANRQFYLYEDGKQIFYSALIDDNIVEATSKHSSNRTVIKYKTA
SNLEITRTIFLVPHKKGFPLATELQRIEIKNASDKARNLSITYTGMFGTGAVHAIFEDVTYTNVIMQSAALYNDKGEFIG
ITPDYYPEEFKQDTRFVTMIVRNGDEKSFPQSFSTDYNDFVGTGTLEHPAGGSNLNNKLNRKGPGFFALGAPFTVEPGKT
VIIDTFTGLSSSKDNENYSDAVMLRELDNLLRYFEKSESVEETLNEIINFHENYGKYFQFNTGNKLFDSGFNRNLAFQVL
YQTFMSRSFGQTQKGYREIGFREIQDLFASMYYFINIGYQDFVKELLFEWTANVYKMGYANHNFYWVGKQPGLYSDDSLW
LLQAYYRYIIYTKDTSVLNEEVPVADGNNEKRAVRETLKAIIQYSASISVGDHGLPLLDLADWNDSLKIDSNSIDGATKE
KLYYEQLKKTNGKYGDRFMSDYSESVMNAFLLKLAIDHLAEIATLDNDTQLAQQMSELSKEVTDRIQKHAWKENFFARVL
INRYKDGSYTYLGAKGDKLSADPNIDGVYFLNSFAWSVLSDVATDEQIAIMVDVIKKHLLTPYGLRLVTPADLNKIANDT
ATGHYFFGDRENGAVFKHASMMAVAALIKAAKKVKDNELAKEMARIAYFMIDLVLPYKNLENPFQVAGNPRISTQYINTD
TGENIGPLLSGTATWLNLNLISLAGIEYTRDGISFNPILREEETQLNFTLKAPKSSYKFSITKPVGFARMESSEYELFVD
GQKIDNTVIPMYTDEKEHIVTLKFKLEHHHHHH
;
_entity_poly.pdbx_strand_id   A,B
#
loop_
_chem_comp.id
_chem_comp.type
_chem_comp.name
_chem_comp.formula
CL non-polymer 'CHLORIDE ION' 'Cl -1'
#
# COMPACT_ATOMS: atom_id res chain seq x y z
N GLY A 2 2.67 33.97 19.50
CA GLY A 2 1.91 33.97 18.27
C GLY A 2 0.92 32.84 18.17
N ILE A 3 1.15 31.92 17.24
CA ILE A 3 0.26 30.78 17.04
C ILE A 3 0.55 29.73 18.11
N THR A 4 -0.50 29.25 18.76
CA THR A 4 -0.38 28.20 19.77
C THR A 4 -1.00 26.91 19.27
N LYS A 5 -0.63 25.82 19.92
CA LYS A 5 -1.05 24.48 19.51
C LYS A 5 -1.57 23.74 20.74
N VAL A 6 -2.75 23.13 20.61
CA VAL A 6 -3.38 22.36 21.67
C VAL A 6 -3.67 20.96 21.14
N THR A 7 -3.10 19.95 21.77
CA THR A 7 -3.26 18.58 21.31
C THR A 7 -4.51 17.94 21.93
N ALA A 8 -4.86 16.77 21.40
CA ALA A 8 -6.04 16.07 21.89
C ALA A 8 -5.89 15.66 23.35
N ARG A 9 -4.70 15.19 23.73
CA ARG A 9 -4.48 14.77 25.11
C ARG A 9 -4.35 15.95 26.06
N ASN A 10 -3.93 17.11 25.56
CA ASN A 10 -3.81 18.30 26.39
C ASN A 10 -5.14 19.01 26.61
N ASN A 11 -6.15 18.70 25.82
CA ASN A 11 -7.49 19.26 26.01
C ASN A 11 -8.16 18.51 27.15
N LYS A 12 -8.05 19.07 28.36
CA LYS A 12 -8.49 18.34 29.55
C LYS A 12 -10.00 18.30 29.66
N ILE A 13 -10.67 19.40 29.36
CA ILE A 13 -12.12 19.49 29.54
C ILE A 13 -12.83 18.73 28.42
N THR A 14 -13.70 17.82 28.80
CA THR A 14 -14.53 17.05 27.88
C THR A 14 -15.90 17.69 27.75
N PRO A 15 -16.62 17.42 26.66
CA PRO A 15 -17.98 17.98 26.53
C PRO A 15 -18.91 17.54 27.65
N VAL A 16 -18.77 16.30 28.14
CA VAL A 16 -19.63 15.82 29.21
C VAL A 16 -19.34 16.56 30.51
N GLU A 17 -18.06 16.86 30.77
CA GLU A 17 -17.72 17.63 31.96
C GLU A 17 -18.30 19.03 31.90
N LEU A 18 -18.23 19.68 30.74
CA LEU A 18 -18.83 21.00 30.59
C LEU A 18 -20.34 20.95 30.75
N LEU A 19 -20.98 19.91 30.20
CA LEU A 19 -22.42 19.75 30.36
C LEU A 19 -22.79 19.56 31.83
N ASN A 20 -21.99 18.77 32.56
CA ASN A 20 -22.24 18.57 33.98
C ASN A 20 -22.07 19.86 34.76
N GLN A 21 -21.04 20.64 34.44
CA GLN A 21 -20.81 21.88 35.18
C GLN A 21 -21.80 22.97 34.79
N LYS A 22 -22.48 22.84 33.66
CA LYS A 22 -23.47 23.83 33.26
C LYS A 22 -24.90 23.47 33.62
N PHE A 23 -25.23 22.18 33.69
CA PHE A 23 -26.60 21.75 33.96
C PHE A 23 -26.71 20.77 35.13
N GLY A 24 -25.62 20.55 35.87
CA GLY A 24 -25.67 19.57 36.94
C GLY A 24 -26.63 19.93 38.05
N ASN A 25 -26.69 21.21 38.41
CA ASN A 25 -27.54 21.67 39.49
C ASN A 25 -28.94 22.08 39.04
N LYS A 26 -29.23 21.97 37.75
CA LYS A 26 -30.53 22.36 37.21
C LYS A 26 -31.41 21.18 36.84
N ILE A 27 -30.84 20.13 36.25
CA ILE A 27 -31.58 18.94 35.86
C ILE A 27 -30.81 17.71 36.33
N ASN A 28 -31.51 16.58 36.36
CA ASN A 28 -30.90 15.31 36.74
C ASN A 28 -30.25 14.70 35.50
N LEU A 29 -28.92 14.66 35.49
CA LEU A 29 -28.18 14.14 34.35
C LEU A 29 -28.09 12.62 34.35
N GLY A 30 -28.51 11.96 35.42
CA GLY A 30 -28.45 10.51 35.46
C GLY A 30 -27.02 10.00 35.62
N ASN A 31 -26.84 8.72 35.30
CA ASN A 31 -25.53 8.09 35.38
C ASN A 31 -24.71 8.26 34.11
N PHE A 32 -25.35 8.41 32.96
CA PHE A 32 -24.67 8.58 31.70
C PHE A 32 -25.32 9.71 30.91
N ALA A 33 -24.50 10.39 30.12
CA ALA A 33 -24.97 11.49 29.29
C ALA A 33 -24.06 11.61 28.07
N ASP A 34 -24.55 12.29 27.05
CA ASP A 34 -23.76 12.54 25.85
C ASP A 34 -23.74 14.04 25.58
N ALA A 35 -22.65 14.50 24.99
CA ALA A 35 -22.50 15.92 24.71
C ALA A 35 -21.53 16.11 23.56
N VAL A 36 -21.60 17.29 22.95
CA VAL A 36 -20.72 17.66 21.84
C VAL A 36 -20.48 19.16 21.89
N PHE A 37 -19.24 19.56 21.62
CA PHE A 37 -18.92 20.98 21.55
C PHE A 37 -19.58 21.60 20.33
N THR A 38 -20.14 22.79 20.52
CA THR A 38 -20.84 23.48 19.44
C THR A 38 -19.92 24.39 18.62
N ASP A 39 -18.67 24.59 19.05
CA ASP A 39 -17.76 25.46 18.34
C ASP A 39 -16.33 24.99 18.57
N ALA A 40 -15.42 25.50 17.74
CA ALA A 40 -14.03 25.09 17.80
C ALA A 40 -13.29 25.68 18.99
N ALA A 41 -13.88 26.63 19.71
CA ALA A 41 -13.27 27.20 20.91
C ALA A 41 -13.62 26.43 22.18
N PHE A 42 -14.46 25.40 22.08
CA PHE A 42 -14.84 24.57 23.22
C PHE A 42 -15.47 25.38 24.34
N LYS A 43 -16.28 26.36 23.98
CA LYS A 43 -16.93 27.24 24.95
C LYS A 43 -18.33 26.81 25.31
N ASN A 44 -19.09 26.28 24.35
CA ASN A 44 -20.46 25.88 24.57
C ASN A 44 -20.64 24.42 24.16
N VAL A 45 -21.69 23.79 24.71
CA VAL A 45 -21.91 22.37 24.54
C VAL A 45 -23.39 22.12 24.32
N ALA A 46 -23.70 21.05 23.59
CA ALA A 46 -25.06 20.59 23.39
C ALA A 46 -25.11 19.10 23.69
N GLY A 47 -26.07 18.68 24.51
CA GLY A 47 -26.06 17.29 24.93
C GLY A 47 -27.43 16.78 25.31
N ILE A 48 -27.45 15.51 25.70
CA ILE A 48 -28.65 14.81 26.15
C ILE A 48 -28.29 14.06 27.43
N ALA A 49 -29.20 14.09 28.39
CA ALA A 49 -28.96 13.56 29.73
C ALA A 49 -29.69 12.25 29.95
N ASN A 50 -29.27 11.55 31.01
CA ASN A 50 -29.94 10.34 31.51
C ASN A 50 -29.98 9.25 30.44
N LEU A 51 -28.82 8.83 30.03
CA LEU A 51 -28.75 7.72 29.08
C LEU A 51 -28.55 6.40 29.82
N PRO A 52 -29.11 5.31 29.28
CA PRO A 52 -28.87 3.99 29.91
C PRO A 52 -27.40 3.60 29.93
N MET A 53 -26.63 3.98 28.92
CA MET A 53 -25.21 3.68 28.88
C MET A 53 -24.54 4.69 27.97
N LYS A 54 -23.22 4.76 28.04
CA LYS A 54 -22.45 5.66 27.20
C LYS A 54 -22.59 5.26 25.74
N ALA A 55 -22.95 6.23 24.90
CA ALA A 55 -23.17 5.98 23.48
C ALA A 55 -23.10 7.31 22.74
N PRO A 56 -22.70 7.31 21.47
CA PRO A 56 -22.64 8.57 20.69
C PRO A 56 -24.02 9.01 20.21
N VAL A 57 -24.87 9.38 21.17
CA VAL A 57 -26.26 9.71 20.86
C VAL A 57 -26.33 11.02 20.08
N MET A 58 -25.51 12.01 20.45
CA MET A 58 -25.57 13.30 19.78
C MET A 58 -25.11 13.20 18.33
N GLN A 59 -24.19 12.29 18.02
CA GLN A 59 -23.78 12.10 16.63
C GLN A 59 -24.94 11.59 15.79
N VAL A 60 -25.73 10.66 16.32
CA VAL A 60 -26.90 10.16 15.60
C VAL A 60 -27.96 11.24 15.51
N LEU A 61 -28.14 12.01 16.59
CA LEU A 61 -29.15 13.07 16.59
C LEU A 61 -28.84 14.14 15.56
N MET A 62 -27.56 14.52 15.42
CA MET A 62 -27.18 15.53 14.45
C MET A 62 -27.41 15.07 13.02
N GLU A 63 -27.46 13.76 12.78
CA GLU A 63 -27.76 13.25 11.44
C GLU A 63 -29.23 13.38 11.11
N ASN A 64 -30.09 13.57 12.11
CA ASN A 64 -31.51 13.79 11.87
C ASN A 64 -31.74 15.22 11.44
N SER A 65 -32.42 15.40 10.30
CA SER A 65 -32.62 16.75 9.77
C SER A 65 -33.50 17.58 10.69
N ILE A 66 -34.56 16.98 11.23
CA ILE A 66 -35.49 17.74 12.07
C ILE A 66 -34.79 18.20 13.34
N VAL A 67 -34.10 17.28 14.02
CA VAL A 67 -33.44 17.61 15.28
C VAL A 67 -32.33 18.62 15.04
N SER A 68 -31.54 18.44 13.99
CA SER A 68 -30.47 19.38 13.69
C SER A 68 -31.01 20.76 13.37
N LYS A 69 -32.08 20.84 12.58
CA LYS A 69 -32.68 22.13 12.26
C LYS A 69 -33.22 22.81 13.51
N TYR A 70 -33.86 22.03 14.40
CA TYR A 70 -34.35 22.62 15.64
C TYR A 70 -33.21 23.12 16.51
N LEU A 71 -32.11 22.36 16.59
CA LEU A 71 -30.98 22.76 17.41
C LEU A 71 -30.27 23.98 16.84
N LYS A 72 -30.37 24.18 15.52
CA LYS A 72 -29.67 25.31 14.89
C LYS A 72 -30.16 26.66 15.39
N GLN A 73 -31.33 26.72 16.03
CA GLN A 73 -31.84 27.99 16.55
C GLN A 73 -31.29 28.34 17.92
N PHE A 74 -30.59 27.43 18.59
CA PHE A 74 -29.89 27.73 19.83
C PHE A 74 -28.38 27.71 19.68
N VAL A 75 -27.82 26.62 19.17
CA VAL A 75 -26.39 26.48 19.00
C VAL A 75 -25.95 27.36 17.82
N PRO A 76 -24.68 27.78 17.75
CA PRO A 76 -23.58 27.53 18.70
C PRO A 76 -23.45 28.62 19.77
N ASP A 77 -24.33 29.62 19.76
CA ASP A 77 -24.19 30.74 20.67
C ASP A 77 -24.64 30.42 22.09
N ARG A 78 -25.41 29.35 22.28
CA ARG A 78 -25.94 29.00 23.58
C ARG A 78 -25.75 27.50 23.83
N SER A 79 -25.65 27.14 25.11
CA SER A 79 -25.55 25.75 25.54
C SER A 79 -26.93 25.22 25.88
N VAL A 80 -27.25 24.03 25.38
CA VAL A 80 -28.56 23.43 25.56
C VAL A 80 -28.41 21.99 26.01
N SER A 81 -29.46 21.49 26.66
CA SER A 81 -29.51 20.08 27.05
C SER A 81 -30.91 19.53 26.80
N PHE A 82 -30.97 18.29 26.30
CA PHE A 82 -32.23 17.58 26.14
C PHE A 82 -32.51 16.77 27.40
N VAL A 83 -33.74 16.86 27.90
CA VAL A 83 -34.12 16.12 29.10
C VAL A 83 -35.52 15.54 28.91
N GLU A 84 -35.69 14.28 29.30
CA GLU A 84 -36.99 13.62 29.23
C GLU A 84 -37.68 13.69 30.58
N GLU A 85 -38.95 14.08 30.58
CA GLU A 85 -39.73 14.21 31.82
C GLU A 85 -41.18 13.90 31.46
N GLY A 86 -41.69 12.79 31.98
CA GLY A 86 -43.07 12.40 31.72
C GLY A 86 -43.33 12.04 30.27
N GLN A 87 -42.48 11.17 29.71
CA GLN A 87 -42.53 10.81 28.28
C GLN A 87 -42.70 12.04 27.39
N LYS A 88 -41.95 13.10 27.70
CA LYS A 88 -41.96 14.32 26.91
C LYS A 88 -40.58 14.96 27.00
N PHE A 89 -40.09 15.42 25.86
CA PHE A 89 -38.74 15.96 25.78
C PHE A 89 -38.76 17.49 25.90
N TYR A 90 -37.83 18.01 26.68
CA TYR A 90 -37.67 19.44 26.87
C TYR A 90 -36.22 19.82 26.58
N ILE A 91 -36.02 21.08 26.25
CA ILE A 91 -34.69 21.66 26.08
C ILE A 91 -34.47 22.66 27.20
N VAL A 92 -33.27 22.62 27.78
CA VAL A 92 -32.92 23.44 28.93
C VAL A 92 -31.72 24.29 28.55
N LEU A 93 -31.79 25.58 28.84
CA LEU A 93 -30.71 26.53 28.61
C LEU A 93 -30.02 26.86 29.92
N GLU A 94 -28.89 27.57 29.80
CA GLU A 94 -28.10 27.90 30.99
C GLU A 94 -28.83 28.85 31.92
N ASP A 95 -29.74 29.66 31.40
CA ASP A 95 -30.47 30.62 32.22
C ASP A 95 -31.65 29.98 32.96
N GLY A 96 -31.74 28.66 32.98
CA GLY A 96 -32.81 27.97 33.69
C GLY A 96 -34.09 27.81 32.90
N GLN A 97 -34.16 28.35 31.69
CA GLN A 97 -35.37 28.22 30.89
C GLN A 97 -35.56 26.77 30.44
N LYS A 98 -36.81 26.31 30.49
CA LYS A 98 -37.17 24.96 30.06
C LYS A 98 -38.28 25.09 29.02
N ILE A 99 -38.04 24.57 27.82
CA ILE A 99 -38.94 24.74 26.69
C ILE A 99 -39.35 23.38 26.17
N GLU A 100 -40.65 23.17 25.98
CA GLU A 100 -41.15 21.94 25.40
C GLU A 100 -40.88 21.93 23.89
N VAL A 101 -40.27 20.85 23.41
CA VAL A 101 -39.90 20.73 22.01
C VAL A 101 -41.15 20.47 21.17
N PRO A 102 -41.13 20.77 19.88
CA PRO A 102 -42.30 20.48 19.03
C PRO A 102 -42.55 18.98 18.92
N GLU A 103 -43.65 18.66 18.24
CA GLU A 103 -44.09 17.27 18.16
C GLU A 103 -43.15 16.42 17.32
N ASP A 104 -42.71 16.93 16.16
CA ASP A 104 -41.79 16.15 15.33
C ASP A 104 -40.45 15.95 16.01
N VAL A 105 -39.94 16.99 16.67
CA VAL A 105 -38.68 16.87 17.41
C VAL A 105 -38.83 15.86 18.54
N ASN A 106 -39.96 15.91 19.25
CA ASN A 106 -40.20 14.96 20.33
C ASN A 106 -40.27 13.53 19.81
N LYS A 107 -40.93 13.34 18.66
CA LYS A 107 -41.02 12.00 18.08
C LYS A 107 -39.66 11.47 17.68
N ALA A 108 -38.85 12.32 17.02
CA ALA A 108 -37.52 11.89 16.62
C ALA A 108 -36.65 11.56 17.84
N LEU A 109 -36.73 12.40 18.88
CA LEU A 109 -35.94 12.16 20.08
C LEU A 109 -36.35 10.85 20.75
N LYS A 110 -37.66 10.60 20.85
CA LYS A 110 -38.13 9.37 21.48
C LYS A 110 -37.74 8.14 20.65
N ALA A 111 -37.77 8.26 19.32
CA ALA A 111 -37.38 7.14 18.48
C ALA A 111 -35.88 6.86 18.58
N THR A 112 -35.06 7.90 18.74
CA THR A 112 -33.62 7.71 18.71
C THR A 112 -33.12 7.02 19.97
N VAL A 113 -33.59 7.45 21.15
CA VAL A 113 -33.03 6.99 22.40
C VAL A 113 -33.83 5.82 22.97
N SER A 114 -34.70 5.24 22.13
N SER A 114 -34.70 5.24 22.13
CA SER A 114 -35.55 4.16 22.61
CA SER A 114 -35.55 4.16 22.61
C SER A 114 -34.76 2.91 22.94
C SER A 114 -34.76 2.91 22.94
N ASP A 115 -33.77 2.56 22.12
CA ASP A 115 -33.02 1.31 22.25
C ASP A 115 -31.52 1.57 22.29
N VAL A 116 -31.11 2.55 23.08
CA VAL A 116 -29.69 2.88 23.18
C VAL A 116 -28.89 1.70 23.72
N LYS A 117 -29.48 0.91 24.62
CA LYS A 117 -28.77 -0.19 25.25
C LYS A 117 -28.30 -1.23 24.24
N HIS A 118 -28.97 -1.34 23.09
CA HIS A 118 -28.64 -2.34 22.09
C HIS A 118 -28.07 -1.71 20.81
N TRP A 119 -27.45 -0.53 20.93
CA TRP A 119 -26.95 0.15 19.75
C TRP A 119 -25.78 -0.61 19.12
N ALA A 120 -24.95 -1.25 19.94
CA ALA A 120 -23.82 -2.02 19.43
C ALA A 120 -24.17 -3.47 19.17
N GLY A 121 -25.44 -3.86 19.31
CA GLY A 121 -25.87 -5.21 19.04
C GLY A 121 -26.03 -6.02 20.30
N TYR A 122 -26.34 -7.30 20.11
CA TYR A 122 -26.55 -8.22 21.22
C TYR A 122 -26.17 -9.62 20.77
N LEU A 123 -25.94 -10.49 21.75
CA LEU A 123 -25.59 -11.88 21.51
C LEU A 123 -26.80 -12.76 21.75
N THR A 124 -27.01 -13.73 20.87
CA THR A 124 -28.09 -14.70 21.04
C THR A 124 -27.69 -15.76 22.04
N GLU A 125 -28.58 -16.74 22.25
CA GLU A 125 -28.27 -17.83 23.17
C GLU A 125 -27.15 -18.71 22.68
N ASP A 126 -26.84 -18.67 21.38
CA ASP A 126 -25.75 -19.45 20.79
C ASP A 126 -24.49 -18.62 20.61
N GLY A 127 -24.44 -17.41 21.15
CA GLY A 127 -23.26 -16.59 21.04
C GLY A 127 -23.09 -15.85 19.73
N GLU A 128 -24.09 -15.89 18.86
CA GLU A 128 -24.01 -15.18 17.59
C GLU A 128 -24.32 -13.70 17.80
N HIS A 129 -23.58 -12.84 17.10
CA HIS A 129 -23.70 -11.41 17.27
C HIS A 129 -24.66 -10.85 16.22
N VAL A 130 -25.74 -10.21 16.68
CA VAL A 130 -26.72 -9.58 15.82
C VAL A 130 -26.45 -8.08 15.80
N ILE A 131 -26.25 -7.53 14.60
CA ILE A 131 -25.75 -6.18 14.42
C ILE A 131 -26.75 -5.41 13.57
N ASP A 132 -27.10 -4.20 14.00
CA ASP A 132 -27.85 -3.27 13.17
C ASP A 132 -26.89 -2.53 12.24
N LEU A 133 -27.23 -2.49 10.95
CA LEU A 133 -26.33 -1.91 9.97
C LEU A 133 -26.32 -0.39 9.98
N LEU A 134 -27.23 0.25 10.71
CA LEU A 134 -27.34 1.70 10.73
C LEU A 134 -26.70 2.33 11.96
N LYS A 135 -25.99 1.55 12.76
CA LYS A 135 -25.48 2.06 14.03
C LYS A 135 -23.96 2.25 13.98
N PRO A 136 -23.42 3.18 14.75
CA PRO A 136 -21.97 3.40 14.74
C PRO A 136 -21.22 2.21 15.33
N ALA A 137 -19.98 2.05 14.88
CA ALA A 137 -19.12 0.97 15.35
C ALA A 137 -18.32 1.42 16.57
N PRO A 138 -18.35 0.67 17.66
CA PRO A 138 -17.51 1.01 18.82
C PRO A 138 -16.03 1.02 18.49
N GLY A 139 -15.58 0.16 17.58
CA GLY A 139 -14.19 0.10 17.20
C GLY A 139 -13.99 -0.59 15.87
N PRO A 140 -12.78 -0.52 15.32
CA PRO A 140 -12.53 -1.13 14.01
C PRO A 140 -12.63 -2.64 14.00
N HIS A 141 -12.52 -3.31 15.15
CA HIS A 141 -12.57 -4.76 15.22
C HIS A 141 -13.90 -5.29 15.77
N PHE A 142 -14.83 -4.41 16.12
CA PHE A 142 -16.03 -4.86 16.84
C PHE A 142 -16.95 -5.70 15.96
N TYR A 143 -17.11 -5.33 14.69
CA TYR A 143 -18.05 -5.98 13.79
C TYR A 143 -17.35 -6.91 12.81
N VAL A 144 -16.30 -7.60 13.24
CA VAL A 144 -15.47 -8.41 12.35
C VAL A 144 -15.69 -9.88 12.66
N ASN A 145 -15.83 -10.69 11.60
CA ASN A 145 -15.92 -12.13 11.69
C ASN A 145 -14.82 -12.76 10.85
N LEU A 146 -14.30 -13.88 11.34
CA LEU A 146 -13.22 -14.61 10.69
C LEU A 146 -13.73 -15.97 10.23
N LEU A 147 -13.49 -16.30 8.96
CA LEU A 147 -13.89 -17.57 8.38
C LEU A 147 -12.65 -18.37 8.00
N ILE A 148 -12.72 -19.69 8.18
CA ILE A 148 -11.62 -20.57 7.89
C ILE A 148 -12.12 -21.76 7.08
N GLY A 149 -11.23 -22.37 6.32
CA GLY A 149 -11.52 -23.57 5.57
C GLY A 149 -11.29 -24.81 6.40
N ASN A 150 -11.27 -25.95 5.72
CA ASN A 150 -11.07 -27.25 6.36
C ASN A 150 -10.23 -28.13 5.44
N ARG A 151 -8.92 -28.20 5.72
CA ARG A 151 -8.01 -29.05 4.97
C ARG A 151 -7.57 -30.27 5.77
N LEU A 152 -8.34 -30.66 6.79
CA LEU A 152 -8.01 -31.82 7.57
C LEU A 152 -8.06 -33.09 6.72
N GLY A 153 -7.05 -33.93 6.87
CA GLY A 153 -6.92 -35.12 6.05
C GLY A 153 -6.25 -34.92 4.72
N PHE A 154 -5.66 -33.76 4.47
CA PHE A 154 -4.96 -33.47 3.23
C PHE A 154 -3.54 -33.02 3.57
N LYS A 155 -2.77 -32.69 2.54
CA LYS A 155 -1.35 -32.39 2.70
C LYS A 155 -1.12 -30.93 3.06
N ARG A 156 -0.20 -30.70 3.99
CA ARG A 156 0.23 -29.36 4.39
C ARG A 156 -0.97 -28.51 4.82
N THR A 157 -1.67 -29.01 5.84
N THR A 157 -1.68 -29.00 5.83
CA THR A 157 -2.86 -28.34 6.34
CA THR A 157 -2.87 -28.30 6.31
C THR A 157 -2.52 -26.96 6.91
C THR A 157 -2.51 -26.94 6.90
N LEU A 158 -1.40 -26.86 7.63
CA LEU A 158 -1.02 -25.59 8.25
C LEU A 158 -0.68 -24.52 7.23
N GLN A 159 -0.37 -24.90 5.99
CA GLN A 159 0.06 -23.94 4.99
C GLN A 159 -0.96 -23.71 3.88
N THR A 160 -2.00 -24.53 3.78
CA THR A 160 -2.90 -24.48 2.63
C THR A 160 -4.35 -24.21 3.00
N THR A 161 -4.65 -23.93 4.27
CA THR A 161 -6.03 -23.70 4.66
C THR A 161 -6.46 -22.29 4.27
N PRO A 162 -7.54 -22.14 3.51
CA PRO A 162 -8.00 -20.78 3.14
C PRO A 162 -8.54 -20.03 4.34
N LYS A 163 -8.45 -18.70 4.27
CA LYS A 163 -8.88 -17.84 5.36
C LYS A 163 -9.63 -16.65 4.78
N SER A 164 -10.45 -16.02 5.62
CA SER A 164 -11.23 -14.89 5.14
C SER A 164 -11.64 -14.01 6.31
N VAL A 165 -11.76 -12.71 6.05
CA VAL A 165 -12.28 -11.75 7.03
C VAL A 165 -13.48 -11.06 6.40
N VAL A 166 -14.60 -11.06 7.12
CA VAL A 166 -15.86 -10.50 6.66
C VAL A 166 -16.40 -9.57 7.74
N ASP A 167 -16.73 -8.35 7.37
CA ASP A 167 -17.31 -7.41 8.32
C ASP A 167 -18.83 -7.48 8.28
N ARG A 168 -19.50 -6.54 8.94
CA ARG A 168 -20.96 -6.59 9.04
C ARG A 168 -21.64 -6.33 7.70
N PHE A 169 -20.97 -5.62 6.79
CA PHE A 169 -21.53 -5.33 5.48
C PHE A 169 -21.07 -6.31 4.42
N GLY A 170 -20.34 -7.36 4.81
CA GLY A 170 -19.76 -8.29 3.88
C GLY A 170 -18.40 -7.88 3.35
N ARG A 171 -17.90 -6.71 3.73
N ARG A 171 -17.90 -6.71 3.73
CA ARG A 171 -16.59 -6.27 3.28
CA ARG A 171 -16.59 -6.27 3.29
C ARG A 171 -15.49 -7.05 3.98
C ARG A 171 -15.49 -7.08 3.97
N GLY A 172 -14.35 -7.13 3.33
CA GLY A 172 -13.22 -7.84 3.87
C GLY A 172 -12.37 -8.39 2.74
N SER A 173 -11.74 -9.54 3.01
CA SER A 173 -10.84 -10.12 2.02
C SER A 173 -10.77 -11.62 2.21
N PHE A 174 -10.22 -12.28 1.19
CA PHE A 174 -10.17 -13.74 1.09
C PHE A 174 -8.77 -14.13 0.67
N ARG A 175 -8.12 -14.97 1.47
CA ARG A 175 -6.73 -15.34 1.25
C ARG A 175 -6.59 -16.85 1.19
N SER A 176 -5.54 -17.28 0.51
CA SER A 176 -5.13 -18.66 0.32
C SER A 176 -3.77 -18.85 0.99
N HIS A 177 -3.13 -19.98 0.69
CA HIS A 177 -1.82 -20.32 1.22
C HIS A 177 -0.89 -19.11 1.28
N ALA A 178 -0.19 -18.98 2.41
CA ALA A 178 0.74 -17.87 2.66
C ALA A 178 -0.07 -16.57 2.59
N ALA A 179 0.42 -15.54 1.92
CA ALA A 179 -0.31 -14.28 1.77
C ALA A 179 -0.94 -14.12 0.39
N THR A 180 -1.21 -15.24 -0.29
CA THR A 180 -1.83 -15.18 -1.61
C THR A 180 -3.25 -14.64 -1.49
N GLN A 181 -3.57 -13.67 -2.33
CA GLN A 181 -4.86 -12.99 -2.28
C GLN A 181 -5.76 -13.51 -3.39
N VAL A 182 -6.97 -13.94 -3.02
CA VAL A 182 -8.00 -14.22 -4.00
C VAL A 182 -8.80 -12.96 -4.31
N LEU A 183 -9.32 -12.31 -3.27
CA LEU A 183 -9.92 -10.99 -3.38
C LEU A 183 -8.91 -9.95 -2.89
N ALA A 184 -8.96 -8.77 -3.50
CA ALA A 184 -7.94 -7.76 -3.25
C ALA A 184 -7.96 -7.28 -1.81
N THR A 185 -6.77 -7.10 -1.24
CA THR A 185 -6.60 -6.52 0.07
C THR A 185 -6.18 -5.06 -0.10
N ARG A 186 -6.77 -4.18 0.69
CA ARG A 186 -6.50 -2.75 0.61
C ARG A 186 -5.54 -2.35 1.72
N PHE A 187 -4.45 -1.69 1.36
CA PHE A 187 -3.48 -1.14 2.31
C PHE A 187 -3.63 0.38 2.27
N ASP A 188 -4.35 0.93 3.24
CA ASP A 188 -4.64 2.35 3.27
C ASP A 188 -4.45 2.87 4.69
N MET A 189 -4.88 4.10 4.92
CA MET A 189 -4.65 4.75 6.21
C MET A 189 -5.59 4.25 7.30
N ARG A 190 -6.81 3.89 6.95
CA ARG A 190 -7.81 3.52 7.94
C ARG A 190 -7.71 2.04 8.29
N GLN A 191 -7.97 1.73 9.57
CA GLN A 191 -8.02 0.34 10.00
C GLN A 191 -9.27 -0.38 9.54
N GLU A 192 -10.34 0.37 9.23
CA GLU A 192 -11.60 -0.24 8.84
C GLU A 192 -11.59 -0.78 7.42
N GLU A 193 -10.68 -0.32 6.57
CA GLU A 193 -10.63 -0.73 5.17
C GLU A 193 -9.66 -1.90 5.06
N ASN A 194 -10.20 -3.12 5.03
CA ASN A 194 -9.38 -4.31 4.91
C ASN A 194 -9.24 -4.79 3.48
N GLY A 195 -10.30 -4.70 2.69
CA GLY A 195 -10.27 -5.12 1.30
C GLY A 195 -10.78 -4.03 0.38
N PHE A 196 -10.79 -4.35 -0.91
CA PHE A 196 -11.34 -3.43 -1.89
C PHE A 196 -12.83 -3.23 -1.64
N PRO A 197 -13.34 -2.01 -1.77
CA PRO A 197 -14.75 -1.76 -1.40
C PRO A 197 -15.76 -2.54 -2.22
N ALA A 198 -15.40 -3.00 -3.41
CA ALA A 198 -16.34 -3.70 -4.27
C ALA A 198 -16.46 -5.19 -3.95
N ASN A 199 -15.66 -5.72 -3.03
CA ASN A 199 -15.64 -7.14 -2.77
C ASN A 199 -16.96 -7.61 -2.18
N ARG A 200 -17.50 -8.69 -2.73
CA ARG A 200 -18.69 -9.38 -2.22
C ARG A 200 -19.95 -8.53 -2.29
N GLN A 201 -19.94 -7.44 -3.06
CA GLN A 201 -21.09 -6.55 -3.14
C GLN A 201 -21.82 -6.74 -4.46
N PHE A 202 -23.09 -6.35 -4.47
CA PHE A 202 -23.91 -6.50 -5.66
C PHE A 202 -24.97 -5.41 -5.69
N TYR A 203 -25.50 -5.18 -6.89
CA TYR A 203 -26.53 -4.19 -7.15
C TYR A 203 -27.76 -4.89 -7.73
N LEU A 204 -28.94 -4.36 -7.37
CA LEU A 204 -30.20 -4.82 -7.92
C LEU A 204 -30.86 -3.68 -8.68
N TYR A 205 -31.22 -3.95 -9.94
CA TYR A 205 -31.83 -2.98 -10.84
C TYR A 205 -33.23 -3.44 -11.21
N GLU A 206 -34.14 -2.48 -11.36
CA GLU A 206 -35.47 -2.75 -11.89
C GLU A 206 -35.83 -1.66 -12.88
N ASP A 207 -36.20 -2.07 -14.10
CA ASP A 207 -36.58 -1.14 -15.17
C ASP A 207 -35.45 -0.16 -15.48
N GLY A 208 -34.20 -0.63 -15.38
CA GLY A 208 -33.06 0.20 -15.68
C GLY A 208 -32.66 1.16 -14.58
N LYS A 209 -33.35 1.16 -13.45
CA LYS A 209 -33.05 2.05 -12.33
C LYS A 209 -32.51 1.23 -11.17
N GLN A 210 -31.44 1.71 -10.56
CA GLN A 210 -30.86 1.01 -9.42
C GLN A 210 -31.80 1.10 -8.23
N ILE A 211 -32.19 -0.06 -7.71
CA ILE A 211 -33.08 -0.11 -6.56
C ILE A 211 -32.40 -0.65 -5.31
N PHE A 212 -31.24 -1.29 -5.43
CA PHE A 212 -30.60 -1.83 -4.24
C PHE A 212 -29.09 -1.87 -4.40
N TYR A 213 -28.38 -1.50 -3.34
CA TYR A 213 -26.95 -1.72 -3.22
C TYR A 213 -26.68 -2.35 -1.86
N SER A 214 -25.90 -3.44 -1.85
CA SER A 214 -25.75 -4.23 -0.63
C SER A 214 -24.87 -3.55 0.41
N ALA A 215 -24.06 -2.56 0.03
CA ALA A 215 -23.15 -1.91 0.94
C ALA A 215 -23.61 -0.52 1.37
N LEU A 216 -24.83 -0.12 1.00
CA LEU A 216 -25.35 1.19 1.36
C LEU A 216 -26.78 1.04 1.84
N ILE A 217 -27.09 1.66 2.98
CA ILE A 217 -28.42 1.66 3.55
C ILE A 217 -29.04 3.03 3.30
N ASP A 218 -30.11 3.05 2.53
CA ASP A 218 -30.80 4.29 2.16
C ASP A 218 -32.23 4.24 2.69
N ASP A 219 -33.04 5.23 2.29
CA ASP A 219 -34.41 5.33 2.77
C ASP A 219 -35.30 4.19 2.29
N ASN A 220 -34.93 3.51 1.21
CA ASN A 220 -35.73 2.41 0.71
C ASN A 220 -35.57 1.13 1.52
N ILE A 221 -34.56 1.06 2.39
CA ILE A 221 -34.35 -0.09 3.25
C ILE A 221 -35.03 0.18 4.59
N VAL A 222 -35.93 -0.71 4.99
CA VAL A 222 -36.68 -0.53 6.23
C VAL A 222 -36.03 -1.36 7.33
N GLU A 223 -35.42 -2.48 6.97
CA GLU A 223 -34.74 -3.36 7.91
C GLU A 223 -33.43 -3.82 7.30
N ALA A 224 -32.37 -3.82 8.11
CA ALA A 224 -31.06 -4.26 7.65
C ALA A 224 -30.27 -4.73 8.86
N THR A 225 -30.07 -6.03 8.97
CA THR A 225 -29.36 -6.61 10.11
C THR A 225 -28.38 -7.66 9.62
N SER A 226 -27.34 -7.88 10.41
CA SER A 226 -26.31 -8.87 10.11
C SER A 226 -26.14 -9.79 11.29
N LYS A 227 -25.70 -11.02 11.03
CA LYS A 227 -25.51 -12.01 12.08
C LYS A 227 -24.15 -12.68 11.89
N HIS A 228 -23.29 -12.56 12.89
CA HIS A 228 -21.99 -13.21 12.90
C HIS A 228 -22.08 -14.48 13.72
N SER A 229 -21.78 -15.62 13.09
CA SER A 229 -21.80 -16.91 13.76
C SER A 229 -20.48 -17.63 13.53
N SER A 230 -20.41 -18.90 13.92
CA SER A 230 -19.18 -19.66 13.77
C SER A 230 -18.99 -20.04 12.30
N ASN A 231 -17.98 -19.45 11.67
CA ASN A 231 -17.56 -19.80 10.30
C ASN A 231 -18.65 -19.53 9.27
N ARG A 232 -19.49 -18.52 9.50
CA ARG A 232 -20.52 -18.15 8.54
C ARG A 232 -21.02 -16.76 8.88
N THR A 233 -21.47 -16.03 7.86
CA THR A 233 -22.07 -14.72 8.07
C THR A 233 -23.36 -14.60 7.28
N VAL A 234 -24.41 -14.10 7.93
CA VAL A 234 -25.72 -13.93 7.32
C VAL A 234 -26.14 -12.47 7.46
N ILE A 235 -26.52 -11.85 6.34
CA ILE A 235 -26.97 -10.47 6.30
C ILE A 235 -28.36 -10.42 5.70
N LYS A 236 -29.26 -9.67 6.32
CA LYS A 236 -30.65 -9.60 5.89
C LYS A 236 -31.06 -8.16 5.63
N TYR A 237 -31.78 -7.95 4.53
CA TYR A 237 -32.32 -6.65 4.15
C TYR A 237 -33.80 -6.80 3.82
N LYS A 238 -34.57 -5.78 4.19
CA LYS A 238 -35.97 -5.65 3.78
C LYS A 238 -36.14 -4.31 3.12
N THR A 239 -36.75 -4.29 1.93
CA THR A 239 -36.96 -3.05 1.21
C THR A 239 -38.40 -2.57 1.37
N ALA A 240 -38.61 -1.28 1.09
CA ALA A 240 -39.95 -0.71 1.16
C ALA A 240 -40.88 -1.31 0.12
N SER A 241 -40.35 -1.84 -0.98
CA SER A 241 -41.14 -2.47 -2.01
C SER A 241 -41.37 -3.96 -1.74
N ASN A 242 -41.20 -4.40 -0.49
CA ASN A 242 -41.49 -5.77 -0.07
C ASN A 242 -40.58 -6.77 -0.77
N LEU A 243 -39.29 -6.47 -0.79
CA LEU A 243 -38.26 -7.40 -1.23
C LEU A 243 -37.44 -7.82 -0.02
N GLU A 244 -37.23 -9.12 0.15
CA GLU A 244 -36.41 -9.65 1.23
C GLU A 244 -35.14 -10.25 0.64
N ILE A 245 -33.99 -9.75 1.07
CA ILE A 245 -32.71 -10.16 0.53
C ILE A 245 -31.89 -10.77 1.65
N THR A 246 -31.33 -11.95 1.40
CA THR A 246 -30.50 -12.64 2.37
C THR A 246 -29.17 -13.03 1.72
N ARG A 247 -28.07 -12.72 2.39
CA ARG A 247 -26.74 -13.09 1.94
C ARG A 247 -26.13 -14.03 2.98
N THR A 248 -25.63 -15.18 2.52
CA THR A 248 -24.93 -16.13 3.37
C THR A 248 -23.55 -16.35 2.79
N ILE A 249 -22.52 -16.06 3.57
CA ILE A 249 -21.13 -16.14 3.14
C ILE A 249 -20.40 -17.15 4.00
N PHE A 250 -19.71 -18.09 3.34
CA PHE A 250 -18.87 -19.05 4.05
C PHE A 250 -17.81 -19.58 3.11
N LEU A 251 -16.97 -20.48 3.64
CA LEU A 251 -15.89 -21.11 2.90
C LEU A 251 -16.17 -22.59 2.74
N VAL A 252 -15.91 -23.10 1.54
CA VAL A 252 -16.19 -24.51 1.23
C VAL A 252 -15.11 -25.40 1.84
N PRO A 253 -15.48 -26.39 2.65
CA PRO A 253 -14.50 -27.37 3.09
C PRO A 253 -13.95 -28.16 1.91
N HIS A 254 -12.67 -28.48 1.97
CA HIS A 254 -12.00 -29.08 0.82
C HIS A 254 -12.44 -30.51 0.60
N LYS A 255 -12.64 -30.86 -0.67
CA LYS A 255 -12.91 -32.23 -1.11
C LYS A 255 -11.94 -32.56 -2.23
N LYS A 256 -11.83 -33.86 -2.54
CA LYS A 256 -10.94 -34.30 -3.60
C LYS A 256 -11.37 -33.71 -4.94
N GLY A 257 -10.42 -33.16 -5.67
CA GLY A 257 -10.69 -32.56 -6.95
C GLY A 257 -11.16 -31.11 -6.90
N PHE A 258 -11.29 -30.53 -5.72
CA PHE A 258 -11.74 -29.16 -5.59
C PHE A 258 -10.58 -28.19 -5.73
N PRO A 259 -10.86 -26.93 -6.05
CA PRO A 259 -9.81 -25.90 -6.01
C PRO A 259 -9.32 -25.70 -4.59
N LEU A 260 -8.10 -25.17 -4.48
CA LEU A 260 -7.47 -25.02 -3.18
C LEU A 260 -8.24 -24.06 -2.28
N ALA A 261 -8.74 -22.96 -2.84
CA ALA A 261 -9.51 -22.00 -2.07
C ALA A 261 -10.83 -21.72 -2.77
N THR A 262 -11.93 -21.74 -2.02
CA THR A 262 -13.24 -21.45 -2.58
C THR A 262 -14.11 -20.79 -1.52
N GLU A 263 -14.62 -19.61 -1.83
CA GLU A 263 -15.59 -18.89 -1.01
C GLU A 263 -16.93 -18.91 -1.71
N LEU A 264 -17.98 -19.23 -0.96
CA LEU A 264 -19.34 -19.35 -1.48
C LEU A 264 -20.21 -18.27 -0.86
N GLN A 265 -20.93 -17.55 -1.72
CA GLN A 265 -21.93 -16.60 -1.26
C GLN A 265 -23.27 -16.93 -1.92
N ARG A 266 -24.29 -17.13 -1.10
CA ARG A 266 -25.64 -17.40 -1.57
C ARG A 266 -26.52 -16.18 -1.30
N ILE A 267 -27.19 -15.69 -2.34
CA ILE A 267 -28.07 -14.54 -2.24
C ILE A 267 -29.48 -15.01 -2.58
N GLU A 268 -30.37 -14.93 -1.60
CA GLU A 268 -31.77 -15.30 -1.80
C GLU A 268 -32.61 -14.04 -1.84
N ILE A 269 -33.39 -13.88 -2.90
CA ILE A 269 -34.26 -12.73 -3.08
C ILE A 269 -35.69 -13.23 -3.12
N LYS A 270 -36.50 -12.76 -2.18
CA LYS A 270 -37.90 -13.17 -2.06
C LYS A 270 -38.80 -11.98 -2.33
N ASN A 271 -39.79 -12.19 -3.20
CA ASN A 271 -40.77 -11.17 -3.55
C ASN A 271 -41.96 -11.34 -2.62
N ALA A 272 -42.04 -10.49 -1.60
CA ALA A 272 -43.13 -10.52 -0.64
C ALA A 272 -44.35 -9.73 -1.10
N SER A 273 -44.29 -9.10 -2.26
CA SER A 273 -45.42 -8.36 -2.80
C SER A 273 -46.36 -9.31 -3.55
N ASP A 274 -47.40 -8.74 -4.14
CA ASP A 274 -48.42 -9.51 -4.85
C ASP A 274 -48.26 -9.45 -6.36
N LYS A 275 -47.17 -8.88 -6.86
CA LYS A 275 -46.95 -8.74 -8.29
C LYS A 275 -45.58 -9.29 -8.65
N ALA A 276 -45.52 -9.99 -9.79
CA ALA A 276 -44.24 -10.49 -10.28
C ALA A 276 -43.33 -9.33 -10.64
N ARG A 277 -42.03 -9.50 -10.37
CA ARG A 277 -41.07 -8.43 -10.57
C ARG A 277 -39.92 -8.93 -11.44
N ASN A 278 -39.59 -8.15 -12.46
CA ASN A 278 -38.47 -8.44 -13.36
C ASN A 278 -37.28 -7.59 -12.94
N LEU A 279 -36.31 -8.22 -12.30
CA LEU A 279 -35.13 -7.53 -11.78
C LEU A 279 -33.89 -8.03 -12.48
N SER A 280 -32.77 -7.34 -12.21
CA SER A 280 -31.47 -7.79 -12.67
C SER A 280 -30.46 -7.58 -11.55
N ILE A 281 -29.44 -8.43 -11.52
CA ILE A 281 -28.42 -8.39 -10.48
C ILE A 281 -27.06 -8.21 -11.14
N THR A 282 -26.24 -7.34 -10.55
CA THR A 282 -24.85 -7.13 -10.96
C THR A 282 -23.96 -7.38 -9.75
N TYR A 283 -23.23 -8.49 -9.78
CA TYR A 283 -22.33 -8.88 -8.70
C TYR A 283 -20.92 -8.44 -9.07
N THR A 284 -20.30 -7.64 -8.21
CA THR A 284 -19.00 -7.04 -8.51
C THR A 284 -17.93 -7.55 -7.56
N GLY A 285 -16.69 -7.30 -7.93
CA GLY A 285 -15.56 -7.67 -7.08
C GLY A 285 -14.27 -7.28 -7.75
N MET A 286 -13.17 -7.51 -7.03
CA MET A 286 -11.83 -7.18 -7.53
C MET A 286 -10.87 -8.28 -7.11
N PHE A 287 -10.21 -8.89 -8.10
CA PHE A 287 -9.25 -9.95 -7.81
C PHE A 287 -7.98 -9.38 -7.19
N GLY A 288 -7.37 -10.17 -6.32
CA GLY A 288 -6.09 -9.79 -5.74
C GLY A 288 -4.95 -10.00 -6.73
N THR A 289 -3.99 -9.08 -6.69
CA THR A 289 -2.86 -9.16 -7.60
C THR A 289 -1.80 -10.12 -7.08
N GLY A 290 -1.02 -10.66 -8.02
CA GLY A 290 0.09 -11.53 -7.65
C GLY A 290 1.36 -10.79 -7.26
N ALA A 291 1.51 -9.55 -7.72
CA ALA A 291 2.69 -8.74 -7.39
C ALA A 291 2.29 -7.72 -6.33
N VAL A 292 2.32 -8.18 -5.07
CA VAL A 292 1.92 -7.32 -3.96
C VAL A 292 2.93 -6.21 -3.73
N HIS A 293 4.22 -6.54 -3.80
CA HIS A 293 5.26 -5.53 -3.61
C HIS A 293 5.20 -4.46 -4.70
N ALA A 294 4.88 -4.86 -5.92
CA ALA A 294 4.82 -3.91 -7.02
C ALA A 294 3.69 -2.92 -6.86
N ILE A 295 2.70 -3.20 -6.01
CA ILE A 295 1.65 -2.22 -5.74
C ILE A 295 2.27 -0.95 -5.19
N PHE A 296 3.17 -1.09 -4.22
N PHE A 296 3.18 -1.09 -4.22
N PHE A 296 3.18 -1.09 -4.22
CA PHE A 296 3.91 0.06 -3.72
CA PHE A 296 3.92 0.05 -3.72
CA PHE A 296 3.91 0.05 -3.71
C PHE A 296 5.02 0.48 -4.68
C PHE A 296 5.02 0.48 -4.68
C PHE A 296 5.05 0.47 -4.65
N GLU A 297 5.64 -0.49 -5.38
CA GLU A 297 6.74 -0.16 -6.27
C GLU A 297 6.27 0.40 -7.61
N ASP A 298 5.47 -0.35 -8.35
CA ASP A 298 5.14 0.02 -9.72
C ASP A 298 3.72 -0.48 -10.03
N VAL A 299 2.74 0.40 -9.90
CA VAL A 299 1.35 0.02 -10.14
C VAL A 299 1.14 -0.30 -11.62
N THR A 300 1.83 0.42 -12.51
CA THR A 300 1.73 0.13 -13.94
C THR A 300 2.20 -1.27 -14.24
N TYR A 301 3.25 -1.73 -13.55
CA TYR A 301 3.72 -3.10 -13.72
C TYR A 301 2.63 -4.10 -13.36
N THR A 302 1.93 -3.87 -12.24
CA THR A 302 0.83 -4.75 -11.86
C THR A 302 -0.28 -4.72 -12.90
N ASN A 303 -0.51 -3.56 -13.52
CA ASN A 303 -1.61 -3.45 -14.48
C ASN A 303 -1.29 -4.15 -15.80
N VAL A 304 -0.05 -4.04 -16.28
CA VAL A 304 0.28 -4.50 -17.63
C VAL A 304 0.67 -5.97 -17.73
N ILE A 305 0.92 -6.64 -16.60
CA ILE A 305 1.34 -8.04 -16.65
C ILE A 305 0.17 -9.01 -16.70
N MET A 306 -1.07 -8.52 -16.67
CA MET A 306 -2.22 -9.39 -16.64
C MET A 306 -3.32 -8.85 -17.53
N GLN A 307 -4.27 -9.71 -17.85
CA GLN A 307 -5.43 -9.37 -18.67
C GLN A 307 -6.63 -10.14 -18.12
N SER A 308 -7.80 -9.89 -18.72
CA SER A 308 -9.02 -10.57 -18.34
C SER A 308 -9.34 -11.68 -19.34
N ALA A 309 -9.97 -12.74 -18.85
CA ALA A 309 -10.39 -13.85 -19.70
C ALA A 309 -11.77 -14.31 -19.27
N ALA A 310 -12.53 -14.84 -20.21
CA ALA A 310 -13.87 -15.33 -19.96
C ALA A 310 -13.88 -16.85 -19.92
N LEU A 311 -14.80 -17.41 -19.14
CA LEU A 311 -14.95 -18.85 -19.00
C LEU A 311 -16.29 -19.29 -19.58
N TYR A 312 -16.28 -20.42 -20.27
CA TYR A 312 -17.47 -20.97 -20.91
C TYR A 312 -17.60 -22.45 -20.55
N ASN A 313 -18.82 -22.91 -20.38
CA ASN A 313 -19.07 -24.31 -20.06
C ASN A 313 -19.05 -25.12 -21.35
N ASP A 314 -19.36 -26.42 -21.24
CA ASP A 314 -19.33 -27.29 -22.41
C ASP A 314 -20.41 -26.94 -23.43
N LYS A 315 -21.44 -26.21 -23.02
CA LYS A 315 -22.49 -25.76 -23.93
C LYS A 315 -22.16 -24.44 -24.60
N GLY A 316 -21.01 -23.84 -24.28
CA GLY A 316 -20.63 -22.57 -24.88
C GLY A 316 -21.21 -21.36 -24.21
N GLU A 317 -21.73 -21.49 -23.00
CA GLU A 317 -22.36 -20.38 -22.29
C GLU A 317 -21.38 -19.74 -21.33
N PHE A 318 -21.36 -18.41 -21.32
CA PHE A 318 -20.47 -17.67 -20.44
C PHE A 318 -20.83 -17.94 -18.99
N ILE A 319 -19.82 -18.20 -18.16
CA ILE A 319 -20.05 -18.48 -16.74
C ILE A 319 -19.24 -17.61 -15.80
N GLY A 320 -18.14 -17.02 -16.20
CA GLY A 320 -17.37 -16.22 -15.25
C GLY A 320 -16.13 -15.63 -15.87
N ILE A 321 -15.33 -15.00 -15.01
CA ILE A 321 -14.16 -14.24 -15.40
C ILE A 321 -12.95 -14.76 -14.62
N THR A 322 -11.80 -14.80 -15.28
CA THR A 322 -10.55 -15.13 -14.62
C THR A 322 -9.46 -14.15 -15.02
N PRO A 323 -8.52 -13.88 -14.12
CA PRO A 323 -7.36 -13.06 -14.51
C PRO A 323 -6.21 -13.90 -15.05
N ASP A 324 -5.71 -13.54 -16.23
CA ASP A 324 -4.68 -14.30 -16.92
C ASP A 324 -3.37 -13.52 -16.88
N TYR A 325 -2.31 -14.16 -16.38
CA TYR A 325 -1.02 -13.52 -16.19
C TYR A 325 -0.02 -14.01 -17.22
N TYR A 326 0.84 -13.10 -17.68
CA TYR A 326 1.92 -13.47 -18.58
C TYR A 326 3.11 -14.10 -17.86
N PRO A 327 3.67 -13.47 -16.82
CA PRO A 327 4.89 -14.04 -16.21
C PRO A 327 4.63 -15.39 -15.58
N GLU A 328 5.66 -16.25 -15.64
CA GLU A 328 5.53 -17.62 -15.16
C GLU A 328 5.30 -17.66 -13.66
N GLU A 329 5.99 -16.82 -12.90
CA GLU A 329 5.88 -16.86 -11.44
C GLU A 329 4.48 -16.54 -10.97
N PHE A 330 3.72 -15.78 -11.75
CA PHE A 330 2.35 -15.46 -11.40
C PHE A 330 1.34 -16.40 -12.04
N LYS A 331 1.80 -17.42 -12.77
CA LYS A 331 0.92 -18.40 -13.40
C LYS A 331 0.76 -19.65 -12.57
N GLN A 332 1.34 -19.70 -11.36
CA GLN A 332 1.20 -20.86 -10.50
C GLN A 332 -0.10 -20.84 -9.70
N ASP A 333 -0.83 -19.74 -9.71
CA ASP A 333 -2.15 -19.63 -9.10
C ASP A 333 -3.12 -19.05 -10.11
N THR A 334 -4.32 -19.62 -10.17
CA THR A 334 -5.36 -19.17 -11.09
C THR A 334 -6.63 -18.88 -10.32
N ARG A 335 -7.13 -17.66 -10.43
CA ARG A 335 -8.34 -17.23 -9.74
C ARG A 335 -9.54 -17.33 -10.67
N PHE A 336 -10.73 -17.40 -10.05
CA PHE A 336 -11.96 -17.53 -10.81
C PHE A 336 -13.12 -16.97 -9.99
N VAL A 337 -14.13 -16.48 -10.70
CA VAL A 337 -15.43 -16.15 -10.12
C VAL A 337 -16.51 -16.65 -11.08
N THR A 338 -17.53 -17.30 -10.53
N THR A 338 -17.52 -17.33 -10.54
CA THR A 338 -18.62 -17.88 -11.31
CA THR A 338 -18.62 -17.85 -11.33
C THR A 338 -19.94 -17.62 -10.61
C THR A 338 -19.94 -17.60 -10.62
N MET A 339 -21.01 -17.52 -11.40
CA MET A 339 -22.36 -17.26 -10.90
C MET A 339 -23.33 -18.29 -11.46
N ILE A 340 -24.27 -18.71 -10.62
CA ILE A 340 -25.40 -19.55 -11.03
C ILE A 340 -26.68 -18.90 -10.52
N VAL A 341 -27.70 -18.85 -11.36
CA VAL A 341 -29.00 -18.31 -10.99
C VAL A 341 -30.02 -19.43 -11.02
N ARG A 342 -30.64 -19.69 -9.88
CA ARG A 342 -31.66 -20.72 -9.73
C ARG A 342 -33.01 -20.06 -9.55
N ASN A 343 -33.89 -20.28 -10.51
CA ASN A 343 -35.27 -19.80 -10.48
C ASN A 343 -36.15 -21.04 -10.42
N GLY A 344 -36.52 -21.44 -9.20
CA GLY A 344 -37.21 -22.69 -8.99
C GLY A 344 -36.34 -23.86 -9.38
N ASP A 345 -36.67 -24.51 -10.50
CA ASP A 345 -35.82 -25.57 -11.06
C ASP A 345 -34.99 -25.09 -12.23
N GLU A 346 -35.30 -23.93 -12.80
CA GLU A 346 -34.54 -23.42 -13.93
C GLU A 346 -33.17 -22.93 -13.48
N LYS A 347 -32.15 -23.24 -14.27
CA LYS A 347 -30.77 -22.83 -14.00
C LYS A 347 -30.29 -21.95 -15.14
N SER A 348 -29.68 -20.82 -14.80
CA SER A 348 -29.19 -19.88 -15.79
C SER A 348 -27.85 -19.30 -15.34
N PHE A 349 -27.21 -18.61 -16.25
CA PHE A 349 -25.84 -18.12 -16.10
C PHE A 349 -25.80 -16.64 -16.49
N PRO A 350 -24.76 -15.92 -16.06
CA PRO A 350 -24.72 -14.48 -16.33
C PRO A 350 -24.81 -14.18 -17.81
N GLN A 351 -25.56 -13.12 -18.14
CA GLN A 351 -25.75 -12.71 -19.52
C GLN A 351 -24.83 -11.57 -19.93
N SER A 352 -24.23 -10.85 -18.99
CA SER A 352 -23.33 -9.77 -19.35
C SER A 352 -22.21 -9.68 -18.32
N PHE A 353 -21.13 -9.01 -18.71
CA PHE A 353 -20.02 -8.81 -17.81
C PHE A 353 -19.31 -7.50 -18.15
N SER A 354 -18.56 -7.02 -17.17
CA SER A 354 -17.70 -5.85 -17.34
C SER A 354 -16.43 -6.08 -16.55
N THR A 355 -15.30 -5.63 -17.09
CA THR A 355 -14.01 -5.84 -16.46
C THR A 355 -13.20 -4.56 -16.31
N ASP A 356 -13.80 -3.39 -16.52
CA ASP A 356 -13.13 -2.11 -16.40
C ASP A 356 -13.81 -1.28 -15.33
N TYR A 357 -13.05 -0.83 -14.35
CA TYR A 357 -13.62 -0.02 -13.28
C TYR A 357 -14.11 1.33 -13.79
N ASN A 358 -13.33 1.96 -14.68
CA ASN A 358 -13.72 3.27 -15.19
C ASN A 358 -15.01 3.21 -15.99
N ASP A 359 -15.14 2.20 -16.85
CA ASP A 359 -16.36 2.04 -17.63
C ASP A 359 -17.55 1.73 -16.73
N PHE A 360 -17.35 0.87 -15.73
CA PHE A 360 -18.43 0.49 -14.83
C PHE A 360 -18.93 1.68 -14.01
N VAL A 361 -18.01 2.40 -13.38
CA VAL A 361 -18.40 3.55 -12.56
C VAL A 361 -18.87 4.69 -13.45
N GLY A 362 -18.14 4.98 -14.52
CA GLY A 362 -18.53 6.06 -15.41
C GLY A 362 -18.44 7.40 -14.71
N THR A 363 -19.49 8.21 -14.87
CA THR A 363 -19.55 9.53 -14.26
C THR A 363 -20.13 9.49 -12.85
N GLY A 364 -20.53 8.33 -12.36
CA GLY A 364 -21.08 8.19 -11.03
C GLY A 364 -20.04 7.79 -10.01
N THR A 365 -20.49 7.07 -8.99
CA THR A 365 -19.63 6.56 -7.92
C THR A 365 -19.76 5.06 -7.84
N LEU A 366 -19.04 4.46 -6.89
CA LEU A 366 -19.15 3.02 -6.69
C LEU A 366 -20.53 2.65 -6.13
N GLU A 367 -21.14 3.52 -5.33
CA GLU A 367 -22.46 3.24 -4.80
C GLU A 367 -23.54 3.42 -5.86
N HIS A 368 -23.35 4.33 -6.80
CA HIS A 368 -24.29 4.57 -7.90
C HIS A 368 -23.53 4.58 -9.22
N PRO A 369 -23.11 3.42 -9.70
CA PRO A 369 -22.35 3.39 -10.96
C PRO A 369 -23.22 3.78 -12.15
N ALA A 370 -22.61 4.51 -13.08
CA ALA A 370 -23.33 4.96 -14.27
C ALA A 370 -23.52 3.85 -15.28
N GLY A 371 -22.58 2.92 -15.37
CA GLY A 371 -22.68 1.82 -16.31
C GLY A 371 -23.01 0.50 -15.65
N GLY A 372 -23.61 0.56 -14.46
CA GLY A 372 -23.89 -0.66 -13.72
C GLY A 372 -24.94 -1.54 -14.38
N SER A 373 -25.97 -0.93 -14.95
CA SER A 373 -27.05 -1.70 -15.56
C SER A 373 -26.80 -2.05 -17.02
N ASN A 374 -25.74 -1.52 -17.63
CA ASN A 374 -25.41 -1.79 -19.02
C ASN A 374 -23.94 -2.18 -19.09
N LEU A 375 -23.64 -3.45 -18.88
CA LEU A 375 -22.27 -3.94 -18.95
C LEU A 375 -21.84 -4.07 -20.41
N ASN A 376 -20.61 -3.63 -20.69
CA ASN A 376 -20.15 -3.49 -22.07
C ASN A 376 -19.58 -4.78 -22.65
N ASN A 377 -19.41 -5.83 -21.85
CA ASN A 377 -18.93 -7.13 -22.34
C ASN A 377 -17.58 -7.01 -23.02
N LYS A 378 -16.71 -6.16 -22.47
CA LYS A 378 -15.38 -5.92 -23.02
C LYS A 378 -14.33 -6.53 -22.11
N LEU A 379 -13.49 -7.38 -22.67
CA LEU A 379 -12.41 -8.00 -21.91
C LEU A 379 -11.23 -7.05 -21.85
N ASN A 380 -10.86 -6.61 -20.64
CA ASN A 380 -9.78 -5.66 -20.48
C ASN A 380 -8.45 -6.30 -20.82
N ARG A 381 -7.59 -5.54 -21.51
CA ARG A 381 -6.25 -6.02 -21.84
C ARG A 381 -5.24 -5.77 -20.72
N LYS A 382 -5.62 -5.01 -19.70
CA LYS A 382 -4.75 -4.72 -18.58
C LYS A 382 -5.46 -5.06 -17.28
N GLY A 383 -4.75 -4.90 -16.17
CA GLY A 383 -5.34 -4.99 -14.86
C GLY A 383 -5.94 -3.68 -14.44
N PRO A 384 -6.47 -3.61 -13.21
CA PRO A 384 -6.56 -4.69 -12.22
C PRO A 384 -7.72 -5.65 -12.52
N GLY A 385 -7.79 -6.76 -11.80
CA GLY A 385 -8.83 -7.75 -12.04
C GLY A 385 -10.17 -7.39 -11.45
N PHE A 386 -10.74 -6.27 -11.88
CA PHE A 386 -12.10 -5.92 -11.51
C PHE A 386 -13.08 -6.71 -12.37
N PHE A 387 -14.18 -7.15 -11.76
CA PHE A 387 -15.19 -7.89 -12.49
C PHE A 387 -16.58 -7.49 -12.01
N ALA A 388 -17.54 -7.57 -12.93
CA ALA A 388 -18.94 -7.34 -12.62
C ALA A 388 -19.77 -8.22 -13.55
N LEU A 389 -20.48 -9.18 -12.98
CA LEU A 389 -21.31 -10.11 -13.75
C LEU A 389 -22.78 -9.74 -13.55
N GLY A 390 -23.51 -9.63 -14.66
CA GLY A 390 -24.89 -9.21 -14.64
C GLY A 390 -25.81 -10.25 -15.26
N ALA A 391 -26.95 -10.47 -14.59
CA ALA A 391 -27.94 -11.44 -15.05
C ALA A 391 -29.35 -10.98 -14.69
N PRO A 392 -30.31 -11.13 -15.59
CA PRO A 392 -31.70 -10.80 -15.27
C PRO A 392 -32.49 -12.02 -14.79
N PHE A 393 -33.58 -11.73 -14.08
CA PHE A 393 -34.45 -12.79 -13.59
C PHE A 393 -35.80 -12.19 -13.21
N THR A 394 -36.84 -13.01 -13.35
CA THR A 394 -38.19 -12.65 -12.94
C THR A 394 -38.58 -13.49 -11.74
N VAL A 395 -39.05 -12.83 -10.69
CA VAL A 395 -39.46 -13.50 -9.46
C VAL A 395 -40.95 -13.30 -9.27
N GLU A 396 -41.68 -14.39 -9.10
CA GLU A 396 -43.12 -14.38 -8.94
C GLU A 396 -43.49 -14.04 -7.50
N PRO A 397 -44.72 -13.57 -7.27
CA PRO A 397 -45.14 -13.23 -5.90
C PRO A 397 -45.03 -14.44 -4.98
N GLY A 398 -44.42 -14.22 -3.82
CA GLY A 398 -44.22 -15.28 -2.86
C GLY A 398 -43.12 -16.26 -3.18
N LYS A 399 -42.39 -16.05 -4.27
CA LYS A 399 -41.34 -16.96 -4.70
C LYS A 399 -39.96 -16.40 -4.36
N THR A 400 -38.96 -17.26 -4.43
CA THR A 400 -37.59 -16.92 -4.11
C THR A 400 -36.69 -17.29 -5.27
N VAL A 401 -35.73 -16.42 -5.57
CA VAL A 401 -34.70 -16.67 -6.58
C VAL A 401 -33.36 -16.72 -5.87
N ILE A 402 -32.58 -17.75 -6.16
CA ILE A 402 -31.28 -17.98 -5.52
C ILE A 402 -30.19 -17.62 -6.52
N ILE A 403 -29.14 -16.99 -6.03
CA ILE A 403 -27.94 -16.70 -6.83
C ILE A 403 -26.74 -17.17 -6.04
N ASP A 404 -26.01 -18.14 -6.59
CA ASP A 404 -24.84 -18.70 -5.93
C ASP A 404 -23.59 -18.20 -6.65
N THR A 405 -22.71 -17.52 -5.92
CA THR A 405 -21.46 -17.04 -6.45
C THR A 405 -20.31 -17.82 -5.81
N PHE A 406 -19.44 -18.36 -6.66
CA PHE A 406 -18.26 -19.11 -6.24
C PHE A 406 -17.04 -18.31 -6.66
N THR A 407 -16.29 -17.80 -5.67
CA THR A 407 -14.99 -17.20 -5.93
C THR A 407 -13.92 -18.17 -5.45
N GLY A 408 -12.75 -18.14 -6.06
CA GLY A 408 -11.74 -19.05 -5.60
C GLY A 408 -10.46 -19.01 -6.40
N LEU A 409 -9.59 -19.95 -6.07
CA LEU A 409 -8.23 -20.02 -6.59
C LEU A 409 -7.75 -21.46 -6.56
N SER A 410 -7.09 -21.87 -7.64
CA SER A 410 -6.36 -23.12 -7.75
C SER A 410 -4.87 -22.84 -7.75
N SER A 411 -4.09 -23.73 -7.15
CA SER A 411 -2.68 -23.48 -6.93
C SER A 411 -1.85 -24.70 -7.30
N SER A 412 -0.58 -24.45 -7.63
CA SER A 412 0.39 -25.51 -7.84
C SER A 412 0.89 -26.13 -6.55
N LYS A 413 0.55 -25.54 -5.40
CA LYS A 413 0.95 -26.10 -4.12
C LYS A 413 0.23 -27.41 -3.81
N ASP A 414 -0.80 -27.76 -4.57
CA ASP A 414 -1.54 -29.00 -4.37
C ASP A 414 -1.59 -29.87 -5.62
N ASN A 415 -0.89 -29.49 -6.69
CA ASN A 415 -0.93 -30.23 -7.94
C ASN A 415 0.46 -30.28 -8.54
N GLU A 416 0.68 -31.31 -9.37
CA GLU A 416 1.89 -31.45 -10.15
C GLU A 416 1.61 -31.14 -11.61
N ASN A 417 2.64 -30.64 -12.30
CA ASN A 417 2.50 -30.20 -13.69
C ASN A 417 1.36 -29.22 -13.85
N TYR A 418 1.32 -28.23 -12.95
CA TYR A 418 0.20 -27.32 -12.88
C TYR A 418 0.13 -26.40 -14.09
N SER A 419 -1.08 -26.10 -14.52
CA SER A 419 -1.36 -25.12 -15.56
C SER A 419 -2.80 -24.65 -15.35
N ASP A 420 -3.29 -23.82 -16.27
CA ASP A 420 -4.69 -23.38 -16.18
C ASP A 420 -5.66 -24.52 -16.48
N ALA A 421 -5.21 -25.58 -17.15
CA ALA A 421 -6.08 -26.73 -17.38
C ALA A 421 -6.46 -27.40 -16.07
N VAL A 422 -5.53 -27.45 -15.12
CA VAL A 422 -5.83 -27.99 -13.80
C VAL A 422 -6.92 -27.16 -13.12
N MET A 423 -6.81 -25.84 -13.21
CA MET A 423 -7.83 -24.98 -12.62
C MET A 423 -9.18 -25.20 -13.30
N LEU A 424 -9.18 -25.36 -14.61
CA LEU A 424 -10.44 -25.59 -15.32
C LEU A 424 -11.07 -26.90 -14.89
N ARG A 425 -10.27 -27.96 -14.76
CA ARG A 425 -10.80 -29.24 -14.31
C ARG A 425 -11.34 -29.17 -12.89
N GLU A 426 -10.62 -28.52 -11.99
CA GLU A 426 -11.07 -28.41 -10.61
C GLU A 426 -12.33 -27.57 -10.50
N LEU A 427 -12.42 -26.49 -11.29
CA LEU A 427 -13.62 -25.68 -11.31
C LEU A 427 -14.81 -26.47 -11.84
N ASP A 428 -14.57 -27.30 -12.85
CA ASP A 428 -15.63 -28.17 -13.35
C ASP A 428 -16.10 -29.14 -12.28
N ASN A 429 -15.16 -29.73 -11.53
CA ASN A 429 -15.55 -30.61 -10.43
C ASN A 429 -16.39 -29.88 -9.40
N LEU A 430 -15.96 -28.68 -9.02
CA LEU A 430 -16.68 -27.90 -8.02
C LEU A 430 -18.07 -27.54 -8.49
N LEU A 431 -18.21 -27.15 -9.76
CA LEU A 431 -19.52 -26.77 -10.28
C LEU A 431 -20.43 -27.98 -10.41
N ARG A 432 -19.87 -29.14 -10.78
CA ARG A 432 -20.67 -30.36 -10.82
C ARG A 432 -21.15 -30.75 -9.44
N TYR A 433 -20.31 -30.55 -8.42
CA TYR A 433 -20.72 -30.89 -7.06
C TYR A 433 -21.90 -30.05 -6.60
N PHE A 434 -21.89 -28.75 -6.91
CA PHE A 434 -22.91 -27.83 -6.44
C PHE A 434 -23.97 -27.56 -7.51
N GLU A 435 -24.25 -28.54 -8.37
CA GLU A 435 -25.23 -28.34 -9.42
C GLU A 435 -26.66 -28.37 -8.89
N LYS A 436 -26.89 -28.93 -7.70
CA LYS A 436 -28.19 -28.96 -7.08
C LYS A 436 -28.31 -27.85 -6.05
N SER A 437 -29.54 -27.35 -5.87
CA SER A 437 -29.76 -26.24 -4.95
C SER A 437 -29.48 -26.64 -3.51
N GLU A 438 -29.87 -27.87 -3.12
CA GLU A 438 -29.73 -28.30 -1.74
C GLU A 438 -28.30 -28.61 -1.35
N SER A 439 -27.38 -28.68 -2.32
CA SER A 439 -25.99 -28.98 -1.99
C SER A 439 -25.36 -27.89 -1.13
N VAL A 440 -25.70 -26.62 -1.42
CA VAL A 440 -25.17 -25.52 -0.63
C VAL A 440 -25.65 -25.60 0.80
N GLU A 441 -26.95 -25.87 1.00
CA GLU A 441 -27.49 -26.02 2.34
C GLU A 441 -26.86 -27.20 3.06
N GLU A 442 -26.64 -28.30 2.35
CA GLU A 442 -26.00 -29.47 2.96
C GLU A 442 -24.58 -29.14 3.40
N THR A 443 -23.84 -28.41 2.58
CA THR A 443 -22.47 -28.02 2.94
C THR A 443 -22.47 -27.10 4.16
N LEU A 444 -23.40 -26.15 4.20
CA LEU A 444 -23.49 -25.25 5.35
C LEU A 444 -23.81 -26.02 6.63
N ASN A 445 -24.75 -26.96 6.53
CA ASN A 445 -25.10 -27.78 7.69
C ASN A 445 -23.92 -28.64 8.12
N GLU A 446 -23.15 -29.14 7.15
CA GLU A 446 -21.95 -29.91 7.48
C GLU A 446 -20.94 -29.06 8.24
N ILE A 447 -20.75 -27.82 7.82
CA ILE A 447 -19.84 -26.92 8.53
C ILE A 447 -20.32 -26.69 9.95
N ILE A 448 -21.62 -26.40 10.10
CA ILE A 448 -22.18 -26.12 11.42
C ILE A 448 -22.02 -27.33 12.33
N ASN A 449 -22.35 -28.51 11.81
CA ASN A 449 -22.24 -29.73 12.60
C ASN A 449 -20.79 -30.04 12.97
N PHE A 450 -19.86 -29.79 12.05
CA PHE A 450 -18.46 -30.04 12.35
C PHE A 450 -18.00 -29.17 13.51
N HIS A 451 -18.34 -27.89 13.48
CA HIS A 451 -17.88 -27.01 14.55
C HIS A 451 -18.58 -27.33 15.87
N GLU A 452 -19.87 -27.69 15.81
CA GLU A 452 -20.58 -28.10 17.02
C GLU A 452 -19.95 -29.34 17.64
N ASN A 453 -19.58 -30.32 16.81
CA ASN A 453 -18.97 -31.53 17.33
C ASN A 453 -17.55 -31.27 17.84
N TYR A 454 -16.82 -30.36 17.17
CA TYR A 454 -15.48 -30.02 17.63
C TYR A 454 -15.53 -29.38 19.01
N GLY A 455 -16.54 -28.54 19.27
CA GLY A 455 -16.60 -27.89 20.56
C GLY A 455 -17.04 -28.76 21.72
N LYS A 456 -17.27 -30.06 21.49
CA LYS A 456 -17.87 -30.93 22.50
C LYS A 456 -16.87 -31.49 23.50
N TYR A 457 -15.57 -31.17 23.37
CA TYR A 457 -14.59 -31.72 24.30
C TYR A 457 -14.84 -31.23 25.72
N PHE A 458 -15.15 -29.95 25.89
CA PHE A 458 -15.44 -29.37 27.19
C PHE A 458 -16.67 -28.49 27.05
N GLN A 459 -17.71 -28.77 27.84
CA GLN A 459 -18.96 -28.03 27.73
C GLN A 459 -19.39 -27.54 29.10
N PHE A 460 -19.41 -26.23 29.28
CA PHE A 460 -19.94 -25.63 30.50
C PHE A 460 -21.46 -25.67 30.48
N ASN A 461 -22.05 -25.87 31.65
CA ASN A 461 -23.50 -25.95 31.79
C ASN A 461 -23.95 -25.11 32.98
N THR A 462 -23.48 -23.86 33.02
CA THR A 462 -23.90 -22.92 34.06
C THR A 462 -25.21 -22.27 33.65
N GLY A 463 -25.64 -21.27 34.41
CA GLY A 463 -26.86 -20.55 34.11
C GLY A 463 -26.68 -19.24 33.40
N ASN A 464 -25.44 -18.84 33.08
CA ASN A 464 -25.21 -17.55 32.46
C ASN A 464 -25.82 -17.50 31.06
N LYS A 465 -25.66 -18.57 30.28
CA LYS A 465 -26.20 -18.70 28.92
C LYS A 465 -25.50 -17.76 27.95
N LEU A 466 -24.63 -16.90 28.46
CA LEU A 466 -23.75 -16.08 27.64
C LEU A 466 -22.29 -16.45 27.81
N PHE A 467 -21.86 -16.69 29.05
CA PHE A 467 -20.54 -17.28 29.28
C PHE A 467 -20.46 -18.67 28.66
N ASP A 468 -21.53 -19.46 28.79
CA ASP A 468 -21.55 -20.79 28.19
C ASP A 468 -21.40 -20.73 26.68
N SER A 469 -22.13 -19.82 26.03
CA SER A 469 -22.01 -19.68 24.58
C SER A 469 -20.64 -19.16 24.19
N GLY A 470 -20.12 -18.21 24.96
CA GLY A 470 -18.81 -17.66 24.63
C GLY A 470 -17.69 -18.67 24.74
N PHE A 471 -17.78 -19.58 25.71
CA PHE A 471 -16.73 -20.58 25.88
C PHE A 471 -16.94 -21.76 24.94
N ASN A 472 -18.16 -22.29 24.88
CA ASN A 472 -18.40 -23.55 24.16
C ASN A 472 -18.26 -23.39 22.66
N ARG A 473 -18.60 -22.21 22.12
CA ARG A 473 -18.60 -22.00 20.68
C ARG A 473 -17.55 -20.99 20.24
N ASN A 474 -17.58 -19.78 20.78
CA ASN A 474 -16.71 -18.72 20.28
C ASN A 474 -15.25 -18.98 20.61
N LEU A 475 -14.96 -19.31 21.87
CA LEU A 475 -13.58 -19.53 22.27
C LEU A 475 -12.99 -20.78 21.61
N ALA A 476 -13.78 -21.84 21.50
CA ALA A 476 -13.30 -23.05 20.83
C ALA A 476 -12.96 -22.77 19.38
N PHE A 477 -13.83 -22.02 18.69
CA PHE A 477 -13.55 -21.67 17.31
C PHE A 477 -12.30 -20.81 17.20
N GLN A 478 -12.14 -19.86 18.11
CA GLN A 478 -10.95 -19.01 18.06
C GLN A 478 -9.69 -19.82 18.29
N VAL A 479 -9.73 -20.79 19.20
CA VAL A 479 -8.57 -21.65 19.43
C VAL A 479 -8.25 -22.46 18.19
N LEU A 480 -9.26 -23.03 17.53
CA LEU A 480 -9.02 -23.76 16.29
C LEU A 480 -8.45 -22.85 15.21
N TYR A 481 -9.00 -21.63 15.09
CA TYR A 481 -8.55 -20.68 14.08
C TYR A 481 -7.10 -20.30 14.31
N GLN A 482 -6.71 -20.07 15.57
CA GLN A 482 -5.33 -19.70 15.85
C GLN A 482 -4.39 -20.89 15.70
N THR A 483 -4.87 -22.10 15.94
CA THR A 483 -4.06 -23.28 15.66
C THR A 483 -3.76 -23.38 14.17
N PHE A 484 -4.77 -23.14 13.33
CA PHE A 484 -4.55 -23.26 11.88
C PHE A 484 -3.82 -22.06 11.29
N MET A 485 -3.97 -20.87 11.88
CA MET A 485 -3.51 -19.64 11.24
C MET A 485 -2.40 -18.91 12.00
N SER A 486 -2.14 -19.25 13.26
CA SER A 486 -1.14 -18.57 14.10
C SER A 486 -1.55 -17.10 14.20
N ARG A 487 -0.74 -16.15 13.73
CA ARG A 487 -1.06 -14.73 13.77
C ARG A 487 -0.81 -14.10 12.40
N SER A 488 -1.29 -14.76 11.34
CA SER A 488 -0.96 -14.35 9.99
C SER A 488 -2.04 -13.52 9.32
N PHE A 489 -3.30 -13.64 9.73
CA PHE A 489 -4.40 -12.96 9.06
C PHE A 489 -5.32 -12.31 10.08
N GLY A 490 -6.02 -11.28 9.63
CA GLY A 490 -6.96 -10.58 10.49
C GLY A 490 -7.49 -9.35 9.79
N GLN A 491 -8.28 -8.58 10.55
CA GLN A 491 -8.81 -7.33 10.04
C GLN A 491 -7.69 -6.33 9.77
N THR A 492 -6.74 -6.22 10.69
CA THR A 492 -5.60 -5.32 10.53
C THR A 492 -4.29 -6.05 10.31
N GLN A 493 -4.26 -7.36 10.45
CA GLN A 493 -3.06 -8.17 10.19
C GLN A 493 -3.09 -8.55 8.72
N LYS A 494 -2.51 -7.69 7.88
CA LYS A 494 -2.61 -7.85 6.44
C LYS A 494 -1.27 -8.17 5.77
N GLY A 495 -0.15 -8.00 6.46
CA GLY A 495 1.13 -8.33 5.90
C GLY A 495 1.40 -9.82 5.90
N TYR A 496 2.52 -10.20 5.30
CA TYR A 496 2.94 -11.58 5.23
C TYR A 496 3.69 -11.96 6.51
N ARG A 497 3.20 -12.98 7.20
CA ARG A 497 3.81 -13.46 8.44
C ARG A 497 3.97 -14.97 8.38
N GLU A 498 5.09 -15.46 8.89
CA GLU A 498 5.35 -16.89 9.00
C GLU A 498 4.95 -17.38 10.38
N ILE A 499 4.94 -18.70 10.53
CA ILE A 499 4.55 -19.32 11.79
C ILE A 499 5.73 -19.25 12.75
N GLY A 500 5.52 -18.60 13.90
CA GLY A 500 6.54 -18.57 14.92
C GLY A 500 6.63 -19.87 15.70
N PHE A 501 7.83 -20.17 16.18
CA PHE A 501 8.04 -21.42 16.92
C PHE A 501 7.23 -21.43 18.22
N ARG A 502 7.32 -20.34 18.99
CA ARG A 502 6.62 -20.28 20.26
C ARG A 502 5.11 -20.33 20.09
N GLU A 503 4.60 -20.08 18.88
CA GLU A 503 3.18 -20.23 18.63
C GLU A 503 2.71 -21.67 18.78
N ILE A 504 3.61 -22.61 19.02
CA ILE A 504 3.25 -23.96 19.42
C ILE A 504 2.37 -23.90 20.66
N GLN A 505 2.40 -22.76 21.36
CA GLN A 505 1.53 -22.55 22.51
C GLN A 505 0.06 -22.77 22.16
N ASP A 506 -0.35 -22.45 20.94
CA ASP A 506 -1.73 -22.69 20.54
C ASP A 506 -2.10 -24.16 20.67
N LEU A 507 -1.19 -25.04 20.24
CA LEU A 507 -1.44 -26.47 20.35
C LEU A 507 -1.57 -26.92 21.80
N PHE A 508 -1.15 -26.08 22.75
CA PHE A 508 -1.36 -26.42 24.16
C PHE A 508 -2.84 -26.58 24.48
N ALA A 509 -3.70 -25.85 23.78
CA ALA A 509 -5.13 -25.86 24.09
C ALA A 509 -5.96 -26.66 23.11
N SER A 510 -5.68 -26.57 21.81
CA SER A 510 -6.52 -27.19 20.80
C SER A 510 -6.34 -28.70 20.69
N MET A 511 -5.19 -29.24 21.14
CA MET A 511 -4.91 -30.64 20.90
C MET A 511 -5.97 -31.54 21.50
N TYR A 512 -6.39 -31.25 22.74
CA TYR A 512 -7.41 -32.06 23.39
C TYR A 512 -8.71 -32.08 22.58
N TYR A 513 -9.01 -30.98 21.89
CA TYR A 513 -10.16 -30.98 21.00
C TYR A 513 -9.94 -31.92 19.81
N PHE A 514 -8.80 -31.78 19.14
CA PHE A 514 -8.56 -32.56 17.93
C PHE A 514 -8.54 -34.05 18.23
N ILE A 515 -7.84 -34.44 19.31
CA ILE A 515 -7.79 -35.84 19.71
C ILE A 515 -9.20 -36.37 19.96
N ASN A 516 -10.11 -35.51 20.38
CA ASN A 516 -11.46 -35.94 20.71
C ASN A 516 -12.40 -35.95 19.52
N ILE A 517 -11.92 -35.58 18.33
CA ILE A 517 -12.70 -35.77 17.11
C ILE A 517 -12.00 -36.73 16.16
N GLY A 518 -11.12 -37.59 16.68
CA GLY A 518 -10.46 -38.58 15.87
C GLY A 518 -9.29 -38.07 15.05
N TYR A 519 -8.67 -36.98 15.46
CA TYR A 519 -7.55 -36.41 14.70
C TYR A 519 -6.28 -36.36 15.53
N GLN A 520 -5.98 -37.46 16.25
CA GLN A 520 -4.73 -37.54 16.98
C GLN A 520 -3.53 -37.54 16.03
N ASP A 521 -3.67 -38.16 14.87
CA ASP A 521 -2.60 -38.18 13.89
C ASP A 521 -2.26 -36.78 13.40
N PHE A 522 -3.26 -35.90 13.31
CA PHE A 522 -3.00 -34.51 12.93
C PHE A 522 -2.14 -33.82 13.99
N VAL A 523 -2.43 -34.07 15.26
CA VAL A 523 -1.62 -33.51 16.34
C VAL A 523 -0.19 -34.04 16.27
N LYS A 524 -0.04 -35.34 16.00
CA LYS A 524 1.29 -35.91 15.83
C LYS A 524 2.03 -35.25 14.67
N GLU A 525 1.32 -35.01 13.56
CA GLU A 525 1.94 -34.36 12.41
C GLU A 525 2.40 -32.96 12.76
N LEU A 526 1.58 -32.21 13.50
CA LEU A 526 2.00 -30.87 13.94
C LEU A 526 3.21 -30.93 14.84
N LEU A 527 3.24 -31.89 15.77
CA LEU A 527 4.38 -32.03 16.67
C LEU A 527 5.65 -32.34 15.89
N PHE A 528 5.56 -33.23 14.90
CA PHE A 528 6.74 -33.57 14.11
C PHE A 528 7.17 -32.41 13.23
N GLU A 529 6.20 -31.64 12.71
CA GLU A 529 6.55 -30.48 11.91
C GLU A 529 7.30 -29.44 12.74
N TRP A 530 6.89 -29.24 13.98
CA TRP A 530 7.63 -28.33 14.85
C TRP A 530 8.99 -28.91 15.23
N THR A 531 9.06 -30.21 15.47
CA THR A 531 10.32 -30.85 15.83
C THR A 531 11.33 -30.79 14.69
N ALA A 532 10.86 -30.76 13.44
CA ALA A 532 11.75 -30.70 12.29
C ALA A 532 12.50 -29.38 12.20
N ASN A 533 12.13 -28.37 12.98
CA ASN A 533 12.78 -27.07 12.95
C ASN A 533 13.80 -26.89 14.08
N VAL A 534 14.18 -27.97 14.76
CA VAL A 534 15.17 -27.93 15.82
C VAL A 534 16.49 -28.44 15.27
N TYR A 535 17.56 -27.70 15.52
CA TYR A 535 18.88 -28.07 15.04
C TYR A 535 19.51 -29.13 15.96
N LYS A 536 20.66 -29.65 15.51
CA LYS A 536 21.33 -30.71 16.26
C LYS A 536 21.81 -30.22 17.62
N MET A 537 22.33 -29.00 17.69
CA MET A 537 22.82 -28.48 18.97
C MET A 537 21.70 -28.29 19.97
N GLY A 538 20.56 -27.77 19.53
CA GLY A 538 19.43 -27.59 20.42
C GLY A 538 18.61 -26.34 20.20
N TYR A 539 19.12 -25.41 19.40
CA TYR A 539 18.34 -24.22 19.07
C TYR A 539 17.39 -24.52 17.92
N ALA A 540 16.53 -23.55 17.62
CA ALA A 540 15.45 -23.75 16.67
C ALA A 540 15.31 -22.53 15.77
N ASN A 541 14.68 -22.75 14.62
CA ASN A 541 14.32 -21.64 13.74
C ASN A 541 13.26 -20.77 14.41
N HIS A 542 13.39 -19.46 14.23
CA HIS A 542 12.39 -18.55 14.81
C HIS A 542 11.08 -18.61 14.05
N ASN A 543 11.14 -18.71 12.73
CA ASN A 543 9.94 -18.71 11.90
C ASN A 543 10.07 -19.79 10.82
N PHE A 544 8.92 -20.24 10.32
CA PHE A 544 8.88 -21.20 9.23
C PHE A 544 7.49 -21.26 8.60
N TYR A 545 7.42 -21.23 7.28
CA TYR A 545 6.19 -21.55 6.57
C TYR A 545 6.35 -22.78 5.68
N TRP A 546 7.26 -22.74 4.72
CA TRP A 546 7.66 -23.92 3.96
C TRP A 546 9.00 -24.46 4.41
N VAL A 547 9.92 -23.56 4.75
CA VAL A 547 11.21 -23.91 5.32
C VAL A 547 11.47 -22.98 6.50
N GLY A 548 12.39 -23.40 7.37
CA GLY A 548 12.74 -22.58 8.50
C GLY A 548 13.69 -21.45 8.16
N LYS A 549 13.77 -20.48 9.07
CA LYS A 549 14.67 -19.35 8.90
C LYS A 549 15.00 -18.78 10.28
N GLN A 550 16.07 -17.98 10.31
CA GLN A 550 16.56 -17.33 11.52
C GLN A 550 16.92 -18.37 12.59
N PRO A 551 17.99 -19.14 12.38
CA PRO A 551 18.32 -20.23 13.33
C PRO A 551 18.87 -19.68 14.64
N GLY A 552 18.20 -20.04 15.74
CA GLY A 552 18.69 -19.66 17.05
C GLY A 552 18.68 -18.17 17.32
N LEU A 553 17.82 -17.42 16.62
CA LEU A 553 17.77 -15.98 16.81
C LEU A 553 17.31 -15.62 18.22
N TYR A 554 16.33 -16.35 18.74
CA TYR A 554 15.79 -16.11 20.08
C TYR A 554 16.06 -17.32 20.96
N SER A 555 16.35 -17.06 22.24
CA SER A 555 16.88 -18.09 23.12
C SER A 555 15.81 -18.95 23.77
N ASP A 556 14.54 -18.59 23.65
CA ASP A 556 13.47 -19.31 24.34
C ASP A 556 12.68 -20.24 23.42
N ASP A 557 12.92 -20.20 22.12
CA ASP A 557 12.01 -20.83 21.16
C ASP A 557 11.92 -22.34 21.39
N SER A 558 13.07 -23.02 21.42
CA SER A 558 13.04 -24.48 21.46
C SER A 558 12.52 -25.03 22.78
N LEU A 559 12.48 -24.22 23.84
CA LEU A 559 12.04 -24.71 25.14
C LEU A 559 10.54 -24.92 25.23
N TRP A 560 9.75 -24.32 24.33
CA TRP A 560 8.31 -24.48 24.36
C TRP A 560 7.87 -25.85 23.85
N LEU A 561 8.69 -26.51 23.03
CA LEU A 561 8.30 -27.79 22.45
C LEU A 561 8.14 -28.87 23.51
N LEU A 562 8.91 -28.78 24.60
CA LEU A 562 8.82 -29.78 25.66
C LEU A 562 7.44 -29.77 26.31
N GLN A 563 6.86 -28.58 26.48
CA GLN A 563 5.53 -28.51 27.08
C GLN A 563 4.48 -29.18 26.19
N ALA A 564 4.54 -28.94 24.88
CA ALA A 564 3.60 -29.59 23.97
C ALA A 564 3.76 -31.09 23.98
N TYR A 565 5.01 -31.57 23.93
CA TYR A 565 5.24 -33.02 23.95
C TYR A 565 4.74 -33.63 25.25
N TYR A 566 5.00 -32.96 26.38
CA TYR A 566 4.53 -33.45 27.66
C TYR A 566 3.01 -33.51 27.71
N ARG A 567 2.33 -32.48 27.22
CA ARG A 567 0.88 -32.48 27.23
C ARG A 567 0.34 -33.64 26.39
N TYR A 568 0.88 -33.81 25.18
CA TYR A 568 0.39 -34.89 24.31
C TYR A 568 0.63 -36.25 24.94
N ILE A 569 1.84 -36.49 25.45
CA ILE A 569 2.17 -37.81 25.97
C ILE A 569 1.37 -38.10 27.24
N ILE A 570 1.17 -37.09 28.09
CA ILE A 570 0.40 -37.30 29.30
C ILE A 570 -1.06 -37.61 28.97
N TYR A 571 -1.64 -36.86 28.02
CA TYR A 571 -3.04 -37.09 27.69
C TYR A 571 -3.27 -38.43 27.01
N THR A 572 -2.41 -38.77 26.04
CA THR A 572 -2.65 -39.96 25.22
C THR A 572 -1.92 -41.20 25.71
N LYS A 573 -0.92 -41.04 26.56
CA LYS A 573 -0.05 -42.15 26.98
C LYS A 573 0.61 -42.83 25.80
N ASP A 574 0.91 -42.06 24.76
CA ASP A 574 1.50 -42.57 23.52
C ASP A 574 2.96 -42.15 23.49
N THR A 575 3.83 -43.02 24.01
CA THR A 575 5.26 -42.76 24.03
C THR A 575 5.97 -43.18 22.75
N SER A 576 5.26 -43.82 21.83
CA SER A 576 5.88 -44.25 20.57
C SER A 576 6.41 -43.06 19.78
N VAL A 577 5.83 -41.88 19.98
CA VAL A 577 6.32 -40.68 19.30
C VAL A 577 7.77 -40.39 19.67
N LEU A 578 8.25 -40.91 20.79
CA LEU A 578 9.64 -40.71 21.17
C LEU A 578 10.58 -41.44 20.22
N ASN A 579 10.13 -42.52 19.60
CA ASN A 579 10.97 -43.31 18.71
C ASN A 579 10.92 -42.82 17.26
N GLU A 580 10.07 -41.85 16.95
CA GLU A 580 9.96 -41.37 15.58
C GLU A 580 11.23 -40.66 15.15
N GLU A 581 11.65 -40.91 13.91
CA GLU A 581 12.83 -40.28 13.33
C GLU A 581 12.37 -39.08 12.51
N VAL A 582 12.74 -37.89 12.95
CA VAL A 582 12.34 -36.64 12.30
C VAL A 582 13.60 -36.01 11.71
N PRO A 583 13.53 -35.37 10.54
CA PRO A 583 14.69 -34.65 10.02
C PRO A 583 15.13 -33.53 10.96
N VAL A 584 16.43 -33.30 11.00
CA VAL A 584 16.98 -32.20 11.78
C VAL A 584 16.96 -30.93 10.93
N ALA A 585 16.96 -29.78 11.60
CA ALA A 585 16.92 -28.51 10.88
C ALA A 585 18.23 -28.20 10.16
N ASP A 586 19.32 -28.87 10.54
CA ASP A 586 20.58 -28.66 9.83
C ASP A 586 20.48 -29.10 8.38
N GLY A 587 19.81 -30.21 8.13
CA GLY A 587 19.57 -30.67 6.79
C GLY A 587 20.53 -31.76 6.35
N ASN A 588 20.63 -31.92 5.02
CA ASN A 588 21.46 -32.92 4.38
C ASN A 588 21.04 -34.31 4.89
N ASN A 589 19.80 -34.66 4.51
CA ASN A 589 19.21 -35.99 4.72
C ASN A 589 19.52 -36.61 6.07
N GLU A 590 19.50 -35.81 7.13
CA GLU A 590 19.86 -36.27 8.47
C GLU A 590 18.61 -36.36 9.34
N LYS A 591 18.47 -37.46 10.08
CA LYS A 591 17.31 -37.70 10.92
C LYS A 591 17.76 -38.02 12.34
N ARG A 592 16.92 -37.68 13.30
CA ARG A 592 17.19 -37.96 14.70
C ARG A 592 15.89 -38.38 15.38
N ALA A 593 16.01 -39.25 16.38
CA ALA A 593 14.85 -39.62 17.18
C ALA A 593 14.35 -38.43 17.98
N VAL A 594 13.05 -38.43 18.27
CA VAL A 594 12.45 -37.31 19.01
C VAL A 594 13.05 -37.21 20.41
N ARG A 595 13.29 -38.37 21.05
CA ARG A 595 13.88 -38.38 22.37
C ARG A 595 15.24 -37.69 22.38
N GLU A 596 16.07 -37.99 21.38
CA GLU A 596 17.38 -37.35 21.28
C GLU A 596 17.24 -35.85 21.01
N THR A 597 16.24 -35.44 20.24
CA THR A 597 16.03 -34.02 20.00
C THR A 597 15.67 -33.30 21.30
N LEU A 598 14.79 -33.88 22.11
CA LEU A 598 14.44 -33.28 23.38
C LEU A 598 15.66 -33.21 24.31
N LYS A 599 16.45 -34.29 24.34
CA LYS A 599 17.67 -34.28 25.14
C LYS A 599 18.63 -33.21 24.69
N ALA A 600 18.78 -33.02 23.37
CA ALA A 600 19.66 -31.99 22.85
C ALA A 600 19.16 -30.60 23.21
N ILE A 601 17.84 -30.38 23.16
CA ILE A 601 17.28 -29.09 23.55
C ILE A 601 17.61 -28.79 25.00
N ILE A 602 17.39 -29.76 25.88
CA ILE A 602 17.67 -29.56 27.30
C ILE A 602 19.16 -29.30 27.53
N GLN A 603 20.02 -30.08 26.86
CA GLN A 603 21.46 -29.90 27.02
C GLN A 603 21.90 -28.52 26.53
N TYR A 604 21.36 -28.05 25.41
CA TYR A 604 21.72 -26.74 24.90
C TYR A 604 21.31 -25.64 25.86
N SER A 605 20.09 -25.73 26.42
CA SER A 605 19.65 -24.65 27.29
C SER A 605 20.20 -24.76 28.71
N ALA A 606 20.76 -25.90 29.10
CA ALA A 606 21.19 -26.10 30.48
C ALA A 606 22.71 -26.18 30.65
N SER A 607 23.45 -26.51 29.61
CA SER A 607 24.89 -26.72 29.76
C SER A 607 25.73 -25.88 28.82
N ILE A 608 25.30 -25.69 27.57
CA ILE A 608 26.12 -25.02 26.57
C ILE A 608 25.88 -23.52 26.57
N SER A 609 24.65 -23.12 26.28
CA SER A 609 24.31 -21.70 26.16
C SER A 609 23.88 -21.15 27.53
N VAL A 610 24.86 -21.04 28.41
CA VAL A 610 24.65 -20.54 29.76
C VAL A 610 25.68 -19.45 30.04
N GLY A 611 25.37 -18.61 31.03
CA GLY A 611 26.20 -17.51 31.41
C GLY A 611 27.06 -17.82 32.62
N ASP A 612 27.52 -16.75 33.30
CA ASP A 612 28.40 -16.91 34.43
C ASP A 612 27.71 -17.63 35.59
N HIS A 613 26.44 -17.32 35.82
CA HIS A 613 25.69 -17.96 36.91
C HIS A 613 25.07 -19.29 36.50
N GLY A 614 25.25 -19.73 35.26
CA GLY A 614 24.69 -20.96 34.79
C GLY A 614 23.29 -20.87 34.22
N LEU A 615 22.70 -19.68 34.20
CA LEU A 615 21.38 -19.51 33.62
C LEU A 615 21.48 -19.37 32.11
N PRO A 616 20.41 -19.71 31.38
CA PRO A 616 20.47 -19.64 29.92
C PRO A 616 20.76 -18.23 29.42
N LEU A 617 21.54 -18.15 28.35
CA LEU A 617 21.90 -16.87 27.77
C LEU A 617 20.69 -16.19 27.16
N LEU A 618 20.66 -14.86 27.25
CA LEU A 618 19.55 -14.10 26.70
C LEU A 618 19.63 -14.02 25.18
N ASP A 619 20.84 -14.01 24.62
CA ASP A 619 21.08 -13.90 23.17
C ASP A 619 20.48 -12.57 22.70
N LEU A 620 19.91 -12.51 21.50
CA LEU A 620 19.32 -11.27 21.02
C LEU A 620 18.15 -10.86 21.90
N ALA A 621 17.27 -11.80 22.21
CA ALA A 621 16.12 -11.55 23.08
C ALA A 621 15.49 -12.89 23.42
N ASP A 622 14.46 -12.84 24.25
CA ASP A 622 13.67 -14.00 24.62
C ASP A 622 12.23 -13.63 24.31
N TRP A 623 11.27 -14.38 24.89
CA TRP A 623 9.85 -14.11 24.74
C TRP A 623 9.53 -12.62 24.74
N ASN A 624 10.19 -11.85 25.61
CA ASN A 624 10.07 -10.40 25.61
C ASN A 624 10.95 -9.83 24.50
N ASP A 625 10.32 -9.25 23.48
CA ASP A 625 11.07 -8.76 22.33
C ASP A 625 11.80 -7.46 22.62
N SER A 626 11.45 -6.77 23.70
N SER A 626 11.45 -6.77 23.70
CA SER A 626 12.06 -5.48 24.04
CA SER A 626 12.06 -5.48 24.03
C SER A 626 13.32 -5.63 24.88
C SER A 626 13.32 -5.63 24.88
N LEU A 627 13.68 -6.85 25.27
CA LEU A 627 14.86 -7.06 26.11
C LEU A 627 16.11 -7.20 25.24
N LYS A 628 16.45 -6.09 24.58
CA LYS A 628 17.65 -6.02 23.75
C LYS A 628 18.82 -5.47 24.55
N ILE A 629 19.19 -6.22 25.59
CA ILE A 629 20.23 -5.77 26.50
C ILE A 629 21.60 -5.82 25.83
N ASP A 630 21.88 -6.89 25.09
CA ASP A 630 23.18 -7.10 24.46
C ASP A 630 23.10 -6.69 23.00
N SER A 631 23.97 -5.77 22.59
CA SER A 631 24.01 -5.29 21.22
C SER A 631 24.96 -6.09 20.33
N ASN A 632 25.73 -7.02 20.90
CA ASN A 632 26.66 -7.86 20.15
C ASN A 632 26.26 -9.31 20.24
N SER A 633 24.96 -9.58 20.24
CA SER A 633 24.47 -10.95 20.35
C SER A 633 24.71 -11.71 19.05
N ILE A 634 24.67 -13.04 19.16
CA ILE A 634 24.87 -13.93 18.04
C ILE A 634 23.73 -14.94 17.99
N ASP A 635 23.51 -15.49 16.80
CA ASP A 635 22.45 -16.47 16.60
C ASP A 635 22.99 -17.88 16.82
N GLY A 636 22.18 -18.88 16.48
CA GLY A 636 22.57 -20.26 16.74
C GLY A 636 23.76 -20.72 15.91
N ALA A 637 23.79 -20.38 14.62
CA ALA A 637 24.85 -20.86 13.75
C ALA A 637 26.20 -20.23 14.13
N THR A 638 26.22 -18.92 14.37
CA THR A 638 27.44 -18.26 14.79
C THR A 638 27.93 -18.80 16.12
N LYS A 639 27.01 -18.99 17.06
CA LYS A 639 27.39 -19.54 18.37
C LYS A 639 27.94 -20.94 18.23
N GLU A 640 27.34 -21.75 17.35
CA GLU A 640 27.85 -23.11 17.15
C GLU A 640 29.25 -23.11 16.57
N LYS A 641 29.49 -22.25 15.57
CA LYS A 641 30.82 -22.16 14.98
C LYS A 641 31.85 -21.72 16.01
N LEU A 642 31.52 -20.68 16.79
CA LEU A 642 32.43 -20.20 17.81
C LEU A 642 32.65 -21.23 18.91
N TYR A 643 31.60 -21.98 19.26
CA TYR A 643 31.72 -23.02 20.27
C TYR A 643 32.64 -24.14 19.81
N TYR A 644 32.53 -24.55 18.55
CA TYR A 644 33.43 -25.55 18.03
C TYR A 644 34.87 -25.04 17.97
N GLU A 645 35.05 -23.76 17.60
CA GLU A 645 36.38 -23.17 17.62
C GLU A 645 36.97 -23.18 19.02
N GLN A 646 36.15 -22.82 20.02
CA GLN A 646 36.61 -22.83 21.41
C GLN A 646 36.95 -24.24 21.87
N LEU A 647 36.13 -25.22 21.49
CA LEU A 647 36.38 -26.60 21.88
C LEU A 647 37.68 -27.10 21.29
N LYS A 648 37.95 -26.79 20.02
CA LYS A 648 39.20 -27.24 19.42
C LYS A 648 40.40 -26.49 19.99
N LYS A 649 40.22 -25.21 20.32
CA LYS A 649 41.33 -24.41 20.83
C LYS A 649 41.70 -24.83 22.24
N THR A 650 40.72 -24.98 23.11
CA THR A 650 40.95 -25.29 24.53
C THR A 650 40.99 -26.77 24.82
N ASN A 651 40.89 -27.62 23.79
CA ASN A 651 40.90 -29.08 23.96
C ASN A 651 39.81 -29.53 24.93
N GLY A 652 38.61 -28.99 24.73
CA GLY A 652 37.46 -29.32 25.56
C GLY A 652 36.68 -30.50 25.01
N LYS A 653 35.42 -30.58 25.41
CA LYS A 653 34.54 -31.65 24.98
C LYS A 653 33.13 -31.10 24.81
N TYR A 654 32.33 -31.83 24.04
CA TYR A 654 30.95 -31.42 23.81
C TYR A 654 30.16 -31.43 25.11
N GLY A 655 29.33 -30.41 25.30
CA GLY A 655 28.57 -30.24 26.52
C GLY A 655 29.14 -29.21 27.47
N ASP A 656 30.35 -28.72 27.23
CA ASP A 656 30.93 -27.69 28.07
C ASP A 656 30.28 -26.35 27.79
N ARG A 657 30.43 -25.44 28.75
CA ARG A 657 29.83 -24.11 28.61
C ARG A 657 30.53 -23.31 27.52
N PHE A 658 29.74 -22.59 26.73
CA PHE A 658 30.28 -21.65 25.74
C PHE A 658 30.71 -20.39 26.48
N MET A 659 32.02 -20.13 26.49
CA MET A 659 32.55 -19.02 27.26
C MET A 659 32.17 -17.69 26.64
N SER A 660 31.61 -16.80 27.45
CA SER A 660 31.19 -15.48 27.01
C SER A 660 30.82 -14.67 28.25
N ASP A 661 30.48 -13.40 28.04
CA ASP A 661 30.03 -12.52 29.11
C ASP A 661 28.64 -11.97 28.82
N TYR A 662 27.84 -12.74 28.08
CA TYR A 662 26.49 -12.30 27.72
C TYR A 662 25.56 -12.37 28.93
N SER A 663 24.42 -11.70 28.79
CA SER A 663 23.42 -11.67 29.85
C SER A 663 22.64 -12.98 29.90
N GLU A 664 22.02 -13.23 31.05
CA GLU A 664 21.24 -14.44 31.28
C GLU A 664 19.78 -14.09 31.49
N SER A 665 18.89 -14.93 30.98
CA SER A 665 17.46 -14.72 31.11
C SER A 665 16.91 -15.65 32.19
N VAL A 666 16.23 -15.08 33.18
CA VAL A 666 15.67 -15.88 34.25
C VAL A 666 14.39 -16.58 33.83
N MET A 667 13.58 -15.94 32.99
CA MET A 667 12.39 -16.60 32.48
C MET A 667 12.78 -17.81 31.61
N ASN A 668 13.89 -17.69 30.88
CA ASN A 668 14.43 -18.85 30.17
C ASN A 668 14.81 -19.96 31.15
N ALA A 669 15.35 -19.58 32.30
CA ALA A 669 15.69 -20.59 33.31
C ALA A 669 14.44 -21.28 33.85
N PHE A 670 13.36 -20.53 34.07
CA PHE A 670 12.11 -21.13 34.49
C PHE A 670 11.57 -22.08 33.43
N LEU A 671 11.62 -21.66 32.16
CA LEU A 671 11.17 -22.53 31.08
C LEU A 671 12.01 -23.79 31.01
N LEU A 672 13.33 -23.67 31.19
CA LEU A 672 14.21 -24.83 31.17
C LEU A 672 13.91 -25.78 32.32
N LYS A 673 13.64 -25.24 33.51
CA LYS A 673 13.30 -26.11 34.64
C LYS A 673 12.00 -26.85 34.37
N LEU A 674 10.99 -26.16 33.83
CA LEU A 674 9.74 -26.83 33.50
C LEU A 674 9.95 -27.91 32.44
N ALA A 675 10.78 -27.62 31.44
CA ALA A 675 11.06 -28.61 30.40
C ALA A 675 11.76 -29.82 30.98
N ILE A 676 12.69 -29.60 31.91
CA ILE A 676 13.40 -30.72 32.53
C ILE A 676 12.44 -31.58 33.33
N ASP A 677 11.54 -30.96 34.08
CA ASP A 677 10.56 -31.73 34.83
C ASP A 677 9.65 -32.51 33.89
N HIS A 678 9.24 -31.89 32.79
CA HIS A 678 8.39 -32.58 31.82
C HIS A 678 9.10 -33.78 31.21
N LEU A 679 10.38 -33.63 30.86
CA LEU A 679 11.12 -34.75 30.31
C LEU A 679 11.33 -35.86 31.34
N ALA A 680 11.51 -35.49 32.61
CA ALA A 680 11.60 -36.50 33.65
C ALA A 680 10.30 -37.30 33.74
N GLU A 681 9.16 -36.60 33.70
CA GLU A 681 7.87 -37.29 33.75
C GLU A 681 7.69 -38.20 32.53
N ILE A 682 8.07 -37.71 31.35
CA ILE A 682 7.95 -38.52 30.14
C ILE A 682 8.83 -39.76 30.25
N ALA A 683 10.05 -39.59 30.78
CA ALA A 683 10.97 -40.72 30.91
C ALA A 683 10.43 -41.77 31.87
N THR A 684 9.91 -41.35 33.03
CA THR A 684 9.38 -42.35 33.95
C THR A 684 8.09 -42.97 33.43
N LEU A 685 7.36 -42.27 32.57
CA LEU A 685 6.22 -42.89 31.91
C LEU A 685 6.65 -43.87 30.82
N ASP A 686 7.86 -43.69 30.27
CA ASP A 686 8.39 -44.55 29.23
C ASP A 686 9.29 -45.65 29.79
N ASN A 687 9.31 -45.84 31.11
CA ASN A 687 10.16 -46.83 31.76
C ASN A 687 11.64 -46.58 31.47
N ASP A 688 12.01 -45.31 31.39
CA ASP A 688 13.40 -44.89 31.21
C ASP A 688 13.88 -44.36 32.56
N THR A 689 14.34 -45.28 33.42
CA THR A 689 14.64 -44.92 34.80
C THR A 689 15.88 -44.03 34.90
N GLN A 690 16.96 -44.39 34.21
CA GLN A 690 18.19 -43.63 34.31
C GLN A 690 18.01 -42.21 33.77
N LEU A 691 17.32 -42.07 32.64
CA LEU A 691 17.06 -40.75 32.10
C LEU A 691 16.24 -39.91 33.07
N ALA A 692 15.25 -40.53 33.71
CA ALA A 692 14.48 -39.83 34.73
C ALA A 692 15.37 -39.38 35.89
N GLN A 693 16.34 -40.22 36.28
CA GLN A 693 17.23 -39.86 37.37
C GLN A 693 18.09 -38.65 37.01
N GLN A 694 18.68 -38.67 35.80
CA GLN A 694 19.49 -37.52 35.39
C GLN A 694 18.63 -36.26 35.28
N MET A 695 17.41 -36.40 34.77
CA MET A 695 16.53 -35.24 34.67
C MET A 695 16.19 -34.70 36.06
N SER A 696 15.95 -35.58 37.02
CA SER A 696 15.62 -35.13 38.38
C SER A 696 16.79 -34.38 39.01
N GLU A 697 18.01 -34.93 38.89
CA GLU A 697 19.15 -34.24 39.49
C GLU A 697 19.44 -32.92 38.78
N LEU A 698 19.27 -32.88 37.45
CA LEU A 698 19.45 -31.64 36.72
C LEU A 698 18.42 -30.60 37.13
N SER A 699 17.17 -31.03 37.34
CA SER A 699 16.13 -30.12 37.81
C SER A 699 16.48 -29.55 39.17
N LYS A 700 16.96 -30.40 40.08
CA LYS A 700 17.37 -29.92 41.38
C LYS A 700 18.50 -28.90 41.28
N GLU A 701 19.50 -29.18 40.43
CA GLU A 701 20.61 -28.25 40.26
C GLU A 701 20.13 -26.92 39.68
N VAL A 702 19.24 -26.96 38.69
CA VAL A 702 18.74 -25.72 38.09
C VAL A 702 17.93 -24.92 39.11
N THR A 703 17.11 -25.61 39.90
CA THR A 703 16.35 -24.92 40.95
C THR A 703 17.29 -24.26 41.94
N ASP A 704 18.35 -24.96 42.35
CA ASP A 704 19.32 -24.37 43.27
C ASP A 704 19.97 -23.13 42.66
N ARG A 705 20.35 -23.20 41.38
CA ARG A 705 20.97 -22.04 40.73
C ARG A 705 20.01 -20.86 40.69
N ILE A 706 18.75 -21.10 40.33
CA ILE A 706 17.78 -20.02 40.24
C ILE A 706 17.56 -19.39 41.60
N GLN A 707 17.39 -20.22 42.64
CA GLN A 707 17.17 -19.69 43.97
C GLN A 707 18.38 -18.91 44.47
N LYS A 708 19.58 -19.35 44.12
CA LYS A 708 20.79 -18.70 44.62
C LYS A 708 21.04 -17.36 43.93
N HIS A 709 20.82 -17.30 42.61
CA HIS A 709 21.31 -16.16 41.84
C HIS A 709 20.24 -15.23 41.31
N ALA A 710 18.96 -15.62 41.33
CA ALA A 710 17.92 -14.82 40.68
C ALA A 710 16.98 -14.13 41.65
N TRP A 711 16.89 -14.57 42.89
CA TRP A 711 15.98 -13.97 43.87
C TRP A 711 16.69 -12.83 44.59
N LYS A 712 16.18 -11.62 44.43
CA LYS A 712 16.77 -10.44 45.08
C LYS A 712 15.75 -9.86 46.06
N GLU A 713 15.64 -10.51 47.22
CA GLU A 713 15.12 -10.02 48.50
C GLU A 713 13.66 -9.57 48.47
N ASN A 714 13.09 -9.37 47.28
CA ASN A 714 11.65 -9.15 47.15
C ASN A 714 11.04 -9.79 45.91
N PHE A 715 11.83 -10.06 44.88
CA PHE A 715 11.30 -10.48 43.59
C PHE A 715 12.34 -11.36 42.91
N PHE A 716 11.90 -12.11 41.91
CA PHE A 716 12.81 -12.83 41.05
C PHE A 716 13.26 -11.89 39.94
N ALA A 717 14.57 -11.77 39.76
CA ALA A 717 15.10 -10.89 38.73
C ALA A 717 14.68 -11.38 37.35
N ARG A 718 14.72 -10.47 36.38
CA ARG A 718 14.38 -10.80 35.01
C ARG A 718 15.60 -11.11 34.17
N VAL A 719 16.64 -10.30 34.28
CA VAL A 719 17.87 -10.46 33.51
C VAL A 719 19.05 -10.34 34.46
N LEU A 720 20.05 -11.21 34.29
CA LEU A 720 21.31 -11.11 35.02
C LEU A 720 22.38 -10.57 34.09
N ILE A 721 23.06 -9.52 34.54
CA ILE A 721 24.05 -8.81 33.72
C ILE A 721 25.44 -9.19 34.19
N ASN A 722 26.32 -9.52 33.24
CA ASN A 722 27.66 -9.99 33.56
C ASN A 722 28.77 -9.17 32.91
N ARG A 723 28.45 -8.14 32.15
CA ARG A 723 29.45 -7.41 31.38
C ARG A 723 29.99 -6.18 32.09
N TYR A 724 29.59 -5.93 33.33
CA TYR A 724 30.07 -4.78 34.10
C TYR A 724 30.90 -5.32 35.26
N LYS A 725 32.22 -5.39 35.07
CA LYS A 725 33.09 -5.92 36.11
C LYS A 725 33.17 -4.98 37.31
N ASP A 726 32.92 -3.69 37.11
CA ASP A 726 32.94 -2.74 38.22
C ASP A 726 31.74 -2.90 39.16
N GLY A 727 30.74 -3.68 38.77
CA GLY A 727 29.57 -3.89 39.61
C GLY A 727 28.53 -2.79 39.54
N SER A 728 28.61 -1.91 38.54
CA SER A 728 27.61 -0.85 38.42
C SER A 728 26.22 -1.41 38.21
N TYR A 729 26.10 -2.42 37.35
CA TYR A 729 24.82 -3.09 37.11
C TYR A 729 25.07 -4.59 37.06
N THR A 730 24.29 -5.34 37.84
CA THR A 730 24.41 -6.79 37.89
C THR A 730 23.12 -7.52 37.60
N TYR A 731 21.96 -6.90 37.75
CA TYR A 731 20.69 -7.57 37.48
C TYR A 731 19.64 -6.52 37.16
N LEU A 732 18.55 -6.99 36.57
CA LEU A 732 17.41 -6.16 36.24
C LEU A 732 16.13 -6.95 36.50
N GLY A 733 15.21 -6.37 37.25
CA GLY A 733 13.94 -7.01 37.48
C GLY A 733 13.63 -7.29 38.93
N ALA A 734 14.19 -6.50 39.84
CA ALA A 734 13.91 -6.65 41.27
C ALA A 734 14.27 -5.33 41.95
N LYS A 735 14.26 -5.34 43.27
CA LYS A 735 14.56 -4.15 44.05
C LYS A 735 16.07 -3.92 44.10
N GLY A 736 16.47 -2.66 43.87
CA GLY A 736 17.86 -2.31 43.95
C GLY A 736 18.66 -2.49 42.67
N ASP A 737 17.99 -2.68 41.54
CA ASP A 737 18.69 -2.84 40.28
C ASP A 737 19.14 -1.51 39.67
N LYS A 738 18.72 -0.38 40.26
CA LYS A 738 19.14 0.95 39.83
C LYS A 738 18.77 1.24 38.38
N LEU A 739 17.72 0.60 37.87
CA LEU A 739 17.30 0.79 36.49
C LEU A 739 15.86 1.27 36.38
N SER A 740 15.22 1.60 37.49
CA SER A 740 13.84 2.08 37.44
C SER A 740 13.79 3.50 36.88
N ALA A 741 12.82 3.74 36.02
CA ALA A 741 12.57 5.07 35.48
C ALA A 741 11.53 5.85 36.28
N ASP A 742 10.96 5.23 37.32
CA ASP A 742 9.98 5.89 38.17
C ASP A 742 10.60 6.16 39.53
N PRO A 743 10.73 7.42 39.96
CA PRO A 743 11.34 7.69 41.27
C PRO A 743 10.59 7.05 42.42
N ASN A 744 9.27 6.88 42.30
CA ASN A 744 8.48 6.30 43.38
C ASN A 744 8.56 4.78 43.44
N ILE A 745 9.19 4.14 42.46
CA ILE A 745 9.33 2.68 42.42
C ILE A 745 10.80 2.35 42.54
N ASP A 746 11.13 1.54 43.54
CA ASP A 746 12.51 1.11 43.77
C ASP A 746 12.74 -0.20 43.02
N GLY A 747 13.20 -0.07 41.77
CA GLY A 747 13.47 -1.22 40.93
C GLY A 747 12.41 -1.42 39.87
N VAL A 748 12.72 -2.30 38.94
CA VAL A 748 11.80 -2.70 37.88
C VAL A 748 11.25 -4.08 38.21
N TYR A 749 10.01 -4.31 37.84
CA TYR A 749 9.35 -5.58 38.13
C TYR A 749 8.65 -6.09 36.88
N PHE A 750 8.88 -7.36 36.57
CA PHE A 750 8.28 -8.00 35.40
C PHE A 750 7.24 -8.99 35.85
N LEU A 751 6.06 -8.94 35.22
CA LEU A 751 5.00 -9.88 35.55
C LEU A 751 5.41 -11.32 35.22
N ASN A 752 6.08 -11.51 34.08
CA ASN A 752 6.44 -12.86 33.66
C ASN A 752 7.42 -13.52 34.62
N SER A 753 8.23 -12.72 35.33
CA SER A 753 9.15 -13.29 36.30
C SER A 753 8.39 -14.06 37.38
N PHE A 754 7.42 -13.40 38.01
CA PHE A 754 6.58 -14.09 39.00
C PHE A 754 5.78 -15.21 38.36
N ALA A 755 5.22 -14.94 37.17
CA ALA A 755 4.35 -15.92 36.52
C ALA A 755 5.07 -17.24 36.30
N TRP A 756 6.26 -17.19 35.73
CA TRP A 756 7.00 -18.40 35.43
C TRP A 756 7.85 -18.90 36.59
N SER A 757 8.03 -18.11 37.64
CA SER A 757 8.54 -18.67 38.88
C SER A 757 7.49 -19.59 39.52
N VAL A 758 6.23 -19.16 39.52
CA VAL A 758 5.18 -20.01 40.07
C VAL A 758 4.90 -21.18 39.14
N LEU A 759 4.84 -20.94 37.83
CA LEU A 759 4.49 -21.99 36.88
C LEU A 759 5.53 -23.10 36.85
N SER A 760 6.79 -22.78 37.09
CA SER A 760 7.86 -23.77 37.09
C SER A 760 8.07 -24.43 38.45
N ASP A 761 7.23 -24.09 39.44
CA ASP A 761 7.32 -24.67 40.78
C ASP A 761 8.68 -24.42 41.42
N VAL A 762 9.20 -23.21 41.23
CA VAL A 762 10.47 -22.80 41.81
C VAL A 762 10.28 -21.95 43.06
N ALA A 763 9.38 -20.98 43.00
CA ALA A 763 9.14 -20.09 44.12
C ALA A 763 8.48 -20.82 45.28
N THR A 764 8.83 -20.40 46.50
CA THR A 764 8.24 -20.95 47.70
C THR A 764 7.04 -20.12 48.12
N ASP A 765 6.36 -20.55 49.19
CA ASP A 765 5.16 -19.86 49.65
C ASP A 765 5.47 -18.44 50.11
N GLU A 766 6.56 -18.27 50.87
CA GLU A 766 6.92 -16.94 51.32
C GLU A 766 7.28 -16.03 50.16
N GLN A 767 8.04 -16.54 49.19
CA GLN A 767 8.36 -15.77 48.00
C GLN A 767 7.10 -15.46 47.21
N ILE A 768 6.17 -16.41 47.14
CA ILE A 768 4.90 -16.16 46.44
C ILE A 768 4.14 -15.02 47.11
N ALA A 769 4.07 -15.03 48.44
CA ALA A 769 3.36 -13.97 49.16
C ALA A 769 4.03 -12.62 48.94
N ILE A 770 5.36 -12.58 49.00
CA ILE A 770 6.07 -11.31 48.81
C ILE A 770 5.85 -10.78 47.40
N MET A 771 5.94 -11.66 46.40
CA MET A 771 5.73 -11.23 45.02
C MET A 771 4.29 -10.80 44.78
N VAL A 772 3.34 -11.45 45.42
CA VAL A 772 1.94 -11.05 45.29
C VAL A 772 1.74 -9.65 45.87
N ASP A 773 2.34 -9.39 47.03
CA ASP A 773 2.25 -8.05 47.61
C ASP A 773 2.88 -7.01 46.69
N VAL A 774 4.03 -7.33 46.11
CA VAL A 774 4.69 -6.39 45.20
C VAL A 774 3.82 -6.13 43.98
N ILE A 775 3.20 -7.19 43.44
CA ILE A 775 2.35 -7.04 42.26
C ILE A 775 1.14 -6.17 42.59
N LYS A 776 0.52 -6.40 43.75
CA LYS A 776 -0.60 -5.56 44.15
C LYS A 776 -0.19 -4.12 44.34
N LYS A 777 1.05 -3.89 44.79
CA LYS A 777 1.51 -2.52 45.01
C LYS A 777 1.81 -1.80 43.69
N HIS A 778 2.43 -2.49 42.74
CA HIS A 778 2.99 -1.84 41.57
C HIS A 778 2.37 -2.29 40.26
N LEU A 779 2.25 -3.60 40.03
CA LEU A 779 1.88 -4.09 38.71
C LEU A 779 0.37 -4.17 38.49
N LEU A 780 -0.45 -3.89 39.51
CA LEU A 780 -1.89 -3.98 39.39
C LEU A 780 -2.48 -2.61 39.10
N THR A 781 -3.24 -2.52 38.02
CA THR A 781 -3.89 -1.30 37.56
C THR A 781 -5.40 -1.52 37.51
N PRO A 782 -6.19 -0.44 37.47
CA PRO A 782 -7.65 -0.61 37.38
C PRO A 782 -8.10 -1.34 36.13
N TYR A 783 -7.26 -1.41 35.09
CA TYR A 783 -7.60 -2.10 33.85
C TYR A 783 -6.88 -3.43 33.71
N GLY A 784 -6.22 -3.92 34.76
CA GLY A 784 -5.59 -5.21 34.73
C GLY A 784 -4.15 -5.14 35.19
N LEU A 785 -3.39 -6.17 34.86
CA LEU A 785 -1.99 -6.29 35.24
C LEU A 785 -1.12 -5.87 34.07
N ARG A 786 -0.29 -4.86 34.27
CA ARG A 786 0.60 -4.42 33.20
C ARG A 786 1.83 -5.32 33.12
N LEU A 787 2.45 -5.33 31.93
CA LEU A 787 3.55 -6.25 31.68
C LEU A 787 4.76 -5.93 32.55
N VAL A 788 5.11 -4.65 32.70
CA VAL A 788 6.32 -4.28 33.40
C VAL A 788 6.15 -2.84 33.91
N THR A 789 6.80 -2.55 35.04
CA THR A 789 6.87 -1.19 35.54
C THR A 789 7.84 -0.38 34.68
N PRO A 790 7.75 0.96 34.73
CA PRO A 790 8.65 1.77 33.92
C PRO A 790 10.12 1.49 34.22
N ALA A 791 10.93 1.44 33.17
CA ALA A 791 12.34 1.11 33.29
C ALA A 791 13.15 2.04 32.40
N ASP A 792 14.40 2.25 32.80
CA ASP A 792 15.37 3.07 32.07
C ASP A 792 16.48 2.15 31.58
N LEU A 793 16.27 1.56 30.40
CA LEU A 793 17.24 0.62 29.85
C LEU A 793 18.40 1.30 29.14
N ASN A 794 18.36 2.62 28.96
CA ASN A 794 19.45 3.31 28.30
C ASN A 794 20.73 3.33 29.12
N LYS A 795 20.64 3.06 30.43
CA LYS A 795 21.83 3.04 31.26
C LYS A 795 22.70 1.82 30.99
N ILE A 796 22.12 0.73 30.48
CA ILE A 796 22.87 -0.47 30.16
C ILE A 796 22.80 -0.83 28.68
N ALA A 797 21.86 -0.28 27.93
CA ALA A 797 21.62 -0.61 26.53
C ALA A 797 21.46 0.65 25.71
N ASN A 798 22.43 1.57 25.81
CA ASN A 798 22.26 2.90 25.24
C ASN A 798 22.34 2.87 23.73
N ASP A 799 21.45 2.10 23.10
CA ASP A 799 21.25 2.10 21.67
C ASP A 799 19.79 2.11 21.27
N THR A 800 18.88 1.90 22.21
CA THR A 800 17.45 1.82 21.91
C THR A 800 16.86 3.21 21.70
N ALA A 801 15.67 3.23 21.12
CA ALA A 801 14.98 4.48 20.84
C ALA A 801 14.40 5.07 22.12
N THR A 802 13.76 6.22 22.00
CA THR A 802 13.19 6.93 23.12
C THR A 802 11.72 6.60 23.36
N GLY A 803 11.16 5.67 22.63
CA GLY A 803 9.76 5.32 22.79
C GLY A 803 8.95 5.72 21.56
N HIS A 804 7.96 4.90 21.25
CA HIS A 804 7.13 5.11 20.07
C HIS A 804 5.66 5.37 20.37
N TYR A 805 5.21 5.17 21.60
CA TYR A 805 3.79 5.19 21.91
C TYR A 805 3.49 6.18 23.02
N PHE A 806 2.30 6.77 22.94
CA PHE A 806 1.75 7.54 24.05
C PHE A 806 1.50 6.62 25.24
N PHE A 807 1.30 7.22 26.40
CA PHE A 807 1.04 6.42 27.59
C PHE A 807 -0.22 5.60 27.43
N GLY A 808 -0.13 4.31 27.78
CA GLY A 808 -1.27 3.41 27.70
C GLY A 808 -1.32 2.57 26.45
N ASP A 809 -0.41 2.75 25.51
CA ASP A 809 -0.41 2.02 24.24
C ASP A 809 0.80 1.09 24.19
N ARG A 810 0.54 -0.20 23.96
CA ARG A 810 1.57 -1.20 23.73
C ARG A 810 2.66 -1.18 24.78
N GLU A 811 3.88 -0.81 24.38
CA GLU A 811 5.02 -0.85 25.28
C GLU A 811 4.97 0.22 26.36
N ASN A 812 4.15 1.25 26.18
CA ASN A 812 4.10 2.35 27.15
C ASN A 812 2.95 2.13 28.14
N GLY A 813 3.13 1.12 28.98
CA GLY A 813 2.25 0.91 30.11
C GLY A 813 0.93 0.25 29.81
N ALA A 814 0.77 -0.38 28.66
CA ALA A 814 -0.48 -1.05 28.36
C ALA A 814 -0.54 -2.40 29.08
N VAL A 815 -1.75 -2.94 29.15
CA VAL A 815 -2.00 -4.26 29.73
C VAL A 815 -2.06 -5.26 28.58
N PHE A 816 -1.01 -6.08 28.45
CA PHE A 816 -0.99 -7.12 27.44
C PHE A 816 -1.75 -8.34 27.96
N LYS A 817 -2.78 -8.76 27.24
CA LYS A 817 -3.68 -9.78 27.77
C LYS A 817 -3.04 -11.17 27.77
N HIS A 818 -2.07 -11.42 26.89
CA HIS A 818 -1.39 -12.70 26.88
C HIS A 818 -0.55 -12.88 28.16
N ALA A 819 0.27 -11.88 28.49
CA ALA A 819 1.07 -11.96 29.71
C ALA A 819 0.18 -11.96 30.95
N SER A 820 -0.90 -11.18 30.92
CA SER A 820 -1.83 -11.18 32.04
C SER A 820 -2.48 -12.55 32.21
N MET A 821 -2.77 -13.24 31.10
CA MET A 821 -3.35 -14.58 31.20
C MET A 821 -2.35 -15.58 31.75
N MET A 822 -1.08 -15.46 31.37
CA MET A 822 -0.06 -16.32 31.97
C MET A 822 0.06 -16.06 33.47
N ALA A 823 0.01 -14.79 33.87
CA ALA A 823 0.04 -14.46 35.29
C ALA A 823 -1.18 -15.03 36.01
N VAL A 824 -2.35 -15.00 35.36
CA VAL A 824 -3.55 -15.58 35.95
C VAL A 824 -3.40 -17.08 36.11
N ALA A 825 -2.79 -17.74 35.13
CA ALA A 825 -2.51 -19.17 35.26
C ALA A 825 -1.62 -19.44 36.46
N ALA A 826 -0.57 -18.63 36.63
CA ALA A 826 0.29 -18.78 37.80
C ALA A 826 -0.48 -18.58 39.10
N LEU A 827 -1.36 -17.57 39.13
CA LEU A 827 -2.14 -17.30 40.32
C LEU A 827 -3.06 -18.47 40.66
N ILE A 828 -3.70 -19.05 39.65
CA ILE A 828 -4.57 -20.20 39.88
C ILE A 828 -3.77 -21.38 40.41
N LYS A 829 -2.62 -21.65 39.79
CA LYS A 829 -1.79 -22.76 40.23
C LYS A 829 -1.33 -22.58 41.67
N ALA A 830 -0.93 -21.35 42.02
CA ALA A 830 -0.51 -21.09 43.39
C ALA A 830 -1.67 -21.23 44.37
N ALA A 831 -2.84 -20.66 44.03
CA ALA A 831 -3.98 -20.73 44.94
C ALA A 831 -4.47 -22.14 45.13
N LYS A 832 -4.22 -23.03 44.17
CA LYS A 832 -4.63 -24.41 44.32
C LYS A 832 -3.80 -25.16 45.37
N LYS A 833 -2.63 -24.63 45.76
CA LYS A 833 -1.74 -25.39 46.62
C LYS A 833 -1.12 -24.64 47.78
N VAL A 834 -1.25 -23.31 47.89
CA VAL A 834 -0.62 -22.59 48.98
C VAL A 834 -1.29 -22.95 50.30
N LYS A 835 -0.51 -22.92 51.38
CA LYS A 835 -1.03 -23.28 52.69
C LYS A 835 -1.93 -22.20 53.26
N ASP A 836 -1.55 -20.93 53.09
CA ASP A 836 -2.32 -19.83 53.64
C ASP A 836 -3.63 -19.68 52.88
N ASN A 837 -4.75 -19.75 53.61
CA ASN A 837 -6.06 -19.63 52.98
C ASN A 837 -6.33 -18.20 52.53
N GLU A 838 -5.89 -17.21 53.30
CA GLU A 838 -6.10 -15.81 52.93
C GLU A 838 -5.35 -15.46 51.66
N LEU A 839 -4.10 -15.93 51.54
CA LEU A 839 -3.33 -15.68 50.33
C LEU A 839 -4.00 -16.32 49.12
N ALA A 840 -4.48 -17.56 49.27
CA ALA A 840 -5.17 -18.22 48.17
C ALA A 840 -6.43 -17.47 47.78
N LYS A 841 -7.18 -16.99 48.77
CA LYS A 841 -8.40 -16.22 48.47
C LYS A 841 -8.06 -14.94 47.72
N GLU A 842 -7.03 -14.22 48.15
CA GLU A 842 -6.64 -12.99 47.48
C GLU A 842 -6.19 -13.26 46.05
N MET A 843 -5.39 -14.32 45.85
CA MET A 843 -4.93 -14.64 44.51
C MET A 843 -6.07 -15.06 43.60
N ALA A 844 -7.03 -15.83 44.13
CA ALA A 844 -8.20 -16.20 43.33
C ALA A 844 -9.02 -14.98 42.97
N ARG A 845 -9.18 -14.04 43.91
CA ARG A 845 -9.90 -12.81 43.61
C ARG A 845 -9.21 -12.01 42.51
N ILE A 846 -7.88 -11.91 42.57
CA ILE A 846 -7.14 -11.19 41.54
C ILE A 846 -7.30 -11.89 40.19
N ALA A 847 -7.21 -13.22 40.19
CA ALA A 847 -7.34 -13.96 38.95
C ALA A 847 -8.71 -13.77 38.31
N TYR A 848 -9.78 -13.82 39.12
CA TYR A 848 -11.11 -13.63 38.57
C TYR A 848 -11.33 -12.20 38.11
N PHE A 849 -10.77 -11.23 38.84
CA PHE A 849 -10.86 -9.83 38.41
C PHE A 849 -10.19 -9.63 37.07
N MET A 850 -9.02 -10.24 36.86
CA MET A 850 -8.34 -10.11 35.58
C MET A 850 -9.07 -10.86 34.47
N ILE A 851 -9.67 -12.00 34.81
CA ILE A 851 -10.40 -12.78 33.81
C ILE A 851 -11.63 -12.03 33.34
N ASP A 852 -12.32 -11.35 34.26
CA ASP A 852 -13.51 -10.59 33.87
C ASP A 852 -13.21 -9.47 32.90
N LEU A 853 -11.94 -9.05 32.80
CA LEU A 853 -11.56 -7.97 31.89
C LEU A 853 -11.19 -8.45 30.50
N VAL A 854 -11.12 -9.76 30.28
CA VAL A 854 -10.72 -10.30 28.98
C VAL A 854 -11.81 -11.13 28.32
N LEU A 855 -12.91 -11.43 29.00
CA LEU A 855 -13.98 -12.22 28.39
C LEU A 855 -14.63 -11.40 27.28
N PRO A 856 -14.66 -11.88 26.04
CA PRO A 856 -15.18 -11.05 24.94
C PRO A 856 -16.62 -10.63 25.09
N TYR A 857 -17.48 -11.50 25.64
CA TYR A 857 -18.90 -11.16 25.71
C TYR A 857 -19.15 -9.99 26.65
N LYS A 858 -18.35 -9.86 27.71
CA LYS A 858 -18.47 -8.73 28.61
C LYS A 858 -18.12 -7.42 27.93
N ASN A 859 -17.53 -7.45 26.73
CA ASN A 859 -17.33 -6.25 25.95
C ASN A 859 -18.65 -5.60 25.56
N LEU A 860 -19.76 -6.32 25.62
CA LEU A 860 -21.04 -5.74 25.27
C LEU A 860 -21.71 -5.02 26.43
N GLU A 861 -21.11 -5.03 27.63
CA GLU A 861 -21.70 -4.31 28.75
C GLU A 861 -21.53 -2.81 28.60
N ASN A 862 -20.34 -2.36 28.22
CA ASN A 862 -20.07 -0.94 27.95
C ASN A 862 -19.35 -0.85 26.60
N PRO A 863 -20.03 -1.22 25.52
CA PRO A 863 -19.33 -1.41 24.24
C PRO A 863 -18.65 -0.17 23.71
N PHE A 864 -19.23 1.01 23.91
CA PHE A 864 -18.69 2.21 23.29
C PHE A 864 -17.56 2.83 24.11
N GLN A 865 -17.20 2.24 25.24
CA GLN A 865 -16.02 2.63 26.00
C GLN A 865 -14.89 1.63 25.89
N VAL A 866 -15.18 0.33 26.01
CA VAL A 866 -14.13 -0.68 25.97
C VAL A 866 -13.86 -1.20 24.56
N ALA A 867 -14.83 -1.11 23.65
CA ALA A 867 -14.70 -1.56 22.25
C ALA A 867 -14.32 -3.04 22.28
N GLY A 868 -13.38 -3.47 21.45
CA GLY A 868 -12.97 -4.87 21.44
C GLY A 868 -13.76 -5.66 20.42
N ASN A 869 -14.28 -6.80 20.85
CA ASN A 869 -15.10 -7.68 20.01
C ASN A 869 -15.89 -8.61 20.92
N PRO A 870 -17.22 -8.69 20.76
CA PRO A 870 -18.02 -9.51 21.67
C PRO A 870 -17.84 -11.01 21.49
N ARG A 871 -17.12 -11.45 20.47
CA ARG A 871 -16.92 -12.88 20.23
C ARG A 871 -15.47 -13.29 20.08
N ILE A 872 -14.55 -12.37 19.80
CA ILE A 872 -13.15 -12.68 19.54
C ILE A 872 -12.27 -11.86 20.46
N SER A 873 -11.26 -12.49 21.03
CA SER A 873 -10.35 -11.80 21.94
C SER A 873 -9.46 -10.81 21.19
N THR A 874 -9.10 -9.73 21.88
CA THR A 874 -8.20 -8.72 21.34
C THR A 874 -6.82 -8.88 21.98
N GLN A 875 -5.91 -7.96 21.65
CA GLN A 875 -4.52 -8.10 22.07
C GLN A 875 -4.24 -7.48 23.43
N TYR A 876 -4.54 -6.18 23.59
CA TYR A 876 -4.19 -5.48 24.82
C TYR A 876 -5.27 -4.47 25.16
N ILE A 877 -5.17 -3.93 26.37
CA ILE A 877 -6.11 -2.94 26.89
C ILE A 877 -5.34 -1.64 27.11
N ASN A 878 -5.90 -0.53 26.61
CA ASN A 878 -5.29 0.77 26.82
C ASN A 878 -5.51 1.21 28.26
N THR A 879 -4.42 1.39 29.01
CA THR A 879 -4.53 1.75 30.42
C THR A 879 -4.93 3.21 30.63
N ASP A 880 -4.92 4.02 29.58
CA ASP A 880 -5.37 5.41 29.70
C ASP A 880 -6.87 5.55 29.51
N THR A 881 -7.48 4.73 28.65
CA THR A 881 -8.89 4.82 28.35
C THR A 881 -9.70 3.57 28.66
N GLY A 882 -9.06 2.41 28.80
CA GLY A 882 -9.78 1.18 29.03
C GLY A 882 -10.29 0.50 27.77
N GLU A 883 -9.88 0.95 26.59
CA GLU A 883 -10.36 0.40 25.34
C GLU A 883 -9.54 -0.82 24.94
N ASN A 884 -10.23 -1.84 24.43
CA ASN A 884 -9.56 -3.02 23.89
C ASN A 884 -9.19 -2.78 22.44
N ILE A 885 -7.92 -3.02 22.11
CA ILE A 885 -7.39 -2.76 20.77
C ILE A 885 -6.81 -4.05 20.21
N GLY A 886 -7.04 -4.29 18.93
CA GLY A 886 -6.59 -5.49 18.26
C GLY A 886 -5.09 -5.56 18.11
N PRO A 887 -4.60 -6.51 17.29
CA PRO A 887 -5.35 -7.42 16.42
C PRO A 887 -6.09 -8.53 17.16
N LEU A 888 -6.93 -9.29 16.44
CA LEU A 888 -7.78 -10.30 17.06
C LEU A 888 -7.08 -11.62 17.34
N LEU A 889 -5.88 -11.83 16.79
CA LEU A 889 -5.14 -13.07 16.97
C LEU A 889 -4.00 -12.84 17.94
N SER A 890 -3.95 -13.65 19.00
CA SER A 890 -2.92 -13.56 20.03
C SER A 890 -3.06 -14.77 20.94
N GLY A 891 -2.10 -14.92 21.84
CA GLY A 891 -2.14 -16.00 22.80
C GLY A 891 -3.18 -15.83 23.89
N THR A 892 -3.91 -14.71 23.86
CA THR A 892 -4.94 -14.46 24.87
C THR A 892 -5.99 -15.56 24.85
N ALA A 893 -6.47 -15.94 23.67
CA ALA A 893 -7.52 -16.95 23.57
C ALA A 893 -7.04 -18.29 24.11
N THR A 894 -5.83 -18.70 23.71
CA THR A 894 -5.29 -19.98 24.15
C THR A 894 -5.16 -20.03 25.67
N TRP A 895 -4.53 -19.00 26.24
CA TRP A 895 -4.29 -19.03 27.68
C TRP A 895 -5.56 -18.79 28.47
N LEU A 896 -6.53 -18.07 27.91
CA LEU A 896 -7.82 -17.92 28.58
C LEU A 896 -8.59 -19.24 28.62
N ASN A 897 -8.56 -19.98 27.50
CA ASN A 897 -9.18 -21.30 27.50
C ASN A 897 -8.52 -22.22 28.52
N LEU A 898 -7.18 -22.22 28.55
CA LEU A 898 -6.47 -23.03 29.53
C LEU A 898 -6.82 -22.62 30.96
N ASN A 899 -6.89 -21.31 31.22
CA ASN A 899 -7.19 -20.82 32.56
C ASN A 899 -8.60 -21.21 32.99
N LEU A 900 -9.57 -21.09 32.08
CA LEU A 900 -10.94 -21.45 32.43
C LEU A 900 -11.05 -22.94 32.71
N ILE A 901 -10.41 -23.78 31.89
CA ILE A 901 -10.43 -25.22 32.15
C ILE A 901 -9.78 -25.54 33.48
N SER A 902 -8.65 -24.87 33.79
CA SER A 902 -7.97 -25.10 35.06
C SER A 902 -8.82 -24.67 36.24
N LEU A 903 -9.50 -23.52 36.11
CA LEU A 903 -10.40 -23.06 37.16
C LEU A 903 -11.56 -24.01 37.36
N ALA A 904 -12.00 -24.69 36.29
CA ALA A 904 -12.99 -25.74 36.46
C ALA A 904 -12.44 -26.89 37.29
N GLY A 905 -11.13 -26.97 37.46
CA GLY A 905 -10.51 -27.96 38.33
C GLY A 905 -9.90 -29.15 37.63
N ILE A 906 -9.84 -29.16 36.31
CA ILE A 906 -9.35 -30.31 35.57
C ILE A 906 -7.86 -30.13 35.28
N GLU A 907 -7.05 -31.10 35.69
CA GLU A 907 -5.66 -31.15 35.29
C GLU A 907 -5.32 -32.58 34.89
N TYR A 908 -4.33 -32.74 34.02
CA TYR A 908 -3.94 -34.05 33.51
C TYR A 908 -2.58 -34.41 34.08
N THR A 909 -2.49 -35.55 34.75
CA THR A 909 -1.26 -36.05 35.34
C THR A 909 -1.10 -37.52 34.98
N ARG A 910 0.05 -38.09 35.37
CA ARG A 910 0.34 -39.48 35.04
C ARG A 910 -0.72 -40.41 35.62
N ASP A 911 -1.26 -40.08 36.79
CA ASP A 911 -2.27 -40.92 37.41
C ASP A 911 -3.67 -40.70 36.85
N GLY A 912 -3.86 -39.69 36.01
CA GLY A 912 -5.17 -39.45 35.43
C GLY A 912 -5.62 -38.01 35.48
N ILE A 913 -6.78 -37.76 36.07
CA ILE A 913 -7.37 -36.43 36.14
C ILE A 913 -7.28 -35.94 37.58
N SER A 914 -6.48 -34.91 37.81
CA SER A 914 -6.43 -34.25 39.09
C SER A 914 -7.55 -33.22 39.17
N PHE A 915 -8.34 -33.30 40.23
CA PHE A 915 -9.53 -32.47 40.41
C PHE A 915 -9.28 -31.51 41.56
N ASN A 916 -9.40 -30.21 41.30
CA ASN A 916 -9.19 -29.19 42.31
C ASN A 916 -9.84 -27.88 41.87
N PRO A 917 -11.17 -27.80 41.87
CA PRO A 917 -11.84 -26.60 41.38
C PRO A 917 -11.62 -25.40 42.29
N ILE A 918 -11.65 -24.22 41.68
CA ILE A 918 -11.58 -22.94 42.39
C ILE A 918 -12.71 -22.09 41.83
N LEU A 919 -13.80 -21.97 42.60
CA LEU A 919 -14.99 -21.29 42.14
C LEU A 919 -15.00 -19.83 42.63
N ARG A 920 -15.89 -19.04 42.03
CA ARG A 920 -16.08 -17.68 42.47
C ARG A 920 -16.70 -17.65 43.87
N GLU A 921 -16.45 -16.57 44.60
CA GLU A 921 -16.99 -16.45 45.95
C GLU A 921 -18.51 -16.44 45.95
N GLU A 922 -19.11 -15.72 44.99
CA GLU A 922 -20.56 -15.65 44.91
C GLU A 922 -21.19 -16.86 44.24
N GLU A 923 -20.40 -17.70 43.58
CA GLU A 923 -20.94 -18.87 42.92
C GLU A 923 -21.31 -19.95 43.93
N THR A 924 -22.34 -20.71 43.62
CA THR A 924 -22.79 -21.80 44.47
C THR A 924 -23.03 -23.10 43.71
N GLN A 925 -22.81 -23.13 42.40
CA GLN A 925 -23.09 -24.31 41.60
C GLN A 925 -22.30 -24.22 40.31
N LEU A 926 -21.64 -25.32 39.93
CA LEU A 926 -20.87 -25.37 38.69
C LEU A 926 -20.99 -26.76 38.11
N ASN A 927 -21.61 -26.88 36.95
CA ASN A 927 -21.77 -28.16 36.26
C ASN A 927 -21.15 -28.06 34.87
N PHE A 928 -20.45 -29.13 34.47
CA PHE A 928 -19.91 -29.19 33.12
C PHE A 928 -19.71 -30.64 32.71
N THR A 929 -19.40 -30.83 31.44
CA THR A 929 -19.18 -32.15 30.87
C THR A 929 -17.83 -32.17 30.16
N LEU A 930 -17.11 -33.28 30.32
CA LEU A 930 -15.79 -33.45 29.76
C LEU A 930 -15.75 -34.75 28.95
N LYS A 931 -14.95 -34.74 27.89
CA LYS A 931 -14.79 -35.91 27.03
C LYS A 931 -13.36 -36.40 27.09
N ALA A 932 -13.19 -37.72 27.08
CA ALA A 932 -11.91 -38.39 27.01
C ALA A 932 -11.96 -39.41 25.89
N PRO A 933 -10.81 -39.73 25.27
CA PRO A 933 -10.83 -40.55 24.04
C PRO A 933 -11.66 -41.81 24.13
N LYS A 934 -11.91 -42.31 25.35
CA LYS A 934 -12.72 -43.51 25.50
C LYS A 934 -13.72 -43.41 26.66
N SER A 935 -14.13 -42.21 27.06
CA SER A 935 -15.09 -42.08 28.15
C SER A 935 -15.62 -40.65 28.18
N SER A 936 -16.59 -40.42 29.07
CA SER A 936 -17.13 -39.09 29.29
C SER A 936 -17.38 -38.90 30.78
N TYR A 937 -17.30 -37.66 31.23
CA TYR A 937 -17.47 -37.30 32.64
C TYR A 937 -18.47 -36.18 32.76
N LYS A 938 -19.30 -36.26 33.79
CA LYS A 938 -20.27 -35.21 34.13
C LYS A 938 -19.92 -34.69 35.52
N PHE A 939 -19.33 -33.51 35.59
CA PHE A 939 -18.86 -32.92 36.84
C PHE A 939 -19.91 -31.95 37.38
N SER A 940 -20.21 -32.08 38.67
CA SER A 940 -21.09 -31.15 39.38
C SER A 940 -20.42 -30.77 40.69
N ILE A 941 -20.41 -29.48 41.00
CA ILE A 941 -19.79 -28.95 42.21
C ILE A 941 -20.77 -28.01 42.87
N THR A 942 -21.04 -28.23 44.15
CA THR A 942 -21.91 -27.37 44.95
C THR A 942 -21.14 -26.88 46.16
N LYS A 943 -21.36 -25.62 46.52
CA LYS A 943 -20.67 -25.00 47.65
C LYS A 943 -21.50 -23.82 48.13
N PRO A 944 -21.33 -23.41 49.38
CA PRO A 944 -22.03 -22.21 49.88
C PRO A 944 -21.33 -20.95 49.40
N VAL A 945 -21.96 -19.82 49.73
CA VAL A 945 -21.40 -18.51 49.34
C VAL A 945 -20.13 -18.26 50.13
N GLY A 946 -19.06 -17.91 49.42
CA GLY A 946 -17.77 -17.67 50.03
C GLY A 946 -16.68 -18.51 49.38
N PHE A 947 -15.44 -18.14 49.69
CA PHE A 947 -14.29 -18.83 49.15
C PHE A 947 -14.21 -20.24 49.72
N ALA A 948 -13.96 -21.22 48.86
CA ALA A 948 -13.83 -22.61 49.28
C ALA A 948 -12.87 -23.32 48.34
N ARG A 949 -12.03 -24.18 48.91
CA ARG A 949 -11.08 -24.96 48.13
C ARG A 949 -10.80 -26.26 48.86
N MET A 950 -10.32 -27.25 48.10
CA MET A 950 -10.03 -28.55 48.68
C MET A 950 -8.90 -28.51 49.70
N GLU A 951 -8.05 -27.48 49.63
CA GLU A 951 -6.88 -27.42 50.51
C GLU A 951 -7.28 -27.11 51.95
N SER A 952 -8.19 -26.16 52.15
CA SER A 952 -8.51 -25.66 53.48
C SER A 952 -10.01 -25.67 53.72
N SER A 953 -10.69 -26.73 53.27
CA SER A 953 -12.12 -26.87 53.52
C SER A 953 -12.51 -28.32 53.37
N GLU A 954 -13.31 -28.81 54.31
CA GLU A 954 -13.81 -30.17 54.24
C GLU A 954 -14.80 -30.31 53.08
N TYR A 955 -14.85 -31.50 52.50
CA TYR A 955 -15.63 -31.72 51.29
C TYR A 955 -15.99 -33.19 51.18
N GLU A 956 -16.97 -33.47 50.33
CA GLU A 956 -17.36 -34.82 49.98
C GLU A 956 -17.24 -35.00 48.47
N LEU A 957 -16.49 -36.02 48.05
CA LEU A 957 -16.28 -36.31 46.64
C LEU A 957 -16.83 -37.70 46.33
N PHE A 958 -17.70 -37.77 45.32
CA PHE A 958 -18.33 -39.02 44.91
C PHE A 958 -18.06 -39.26 43.43
N VAL A 959 -17.61 -40.46 43.10
CA VAL A 959 -17.41 -40.88 41.72
C VAL A 959 -18.30 -42.09 41.47
N ASP A 960 -19.23 -41.96 40.53
CA ASP A 960 -20.20 -43.01 40.21
C ASP A 960 -20.98 -43.44 41.45
N GLY A 961 -21.26 -42.47 42.33
CA GLY A 961 -22.00 -42.73 43.54
C GLY A 961 -21.20 -43.30 44.68
N GLN A 962 -19.89 -43.50 44.51
CA GLN A 962 -19.03 -44.06 45.54
C GLN A 962 -18.13 -42.97 46.09
N LYS A 963 -18.14 -42.82 47.41
CA LYS A 963 -17.27 -41.83 48.05
C LYS A 963 -15.82 -42.29 48.01
N ILE A 964 -14.93 -41.39 47.59
CA ILE A 964 -13.51 -41.68 47.50
C ILE A 964 -12.74 -40.60 48.22
N ASP A 965 -11.51 -40.93 48.61
CA ASP A 965 -10.63 -39.99 49.30
C ASP A 965 -9.58 -39.39 48.37
N ASN A 966 -9.07 -40.17 47.41
CA ASN A 966 -8.12 -39.65 46.44
C ASN A 966 -8.80 -38.64 45.51
N THR A 967 -8.11 -37.55 45.25
CA THR A 967 -8.64 -36.49 44.39
C THR A 967 -8.26 -36.68 42.92
N VAL A 968 -7.58 -37.76 42.58
CA VAL A 968 -7.17 -38.03 41.21
C VAL A 968 -8.18 -38.98 40.60
N ILE A 969 -9.01 -38.46 39.70
CA ILE A 969 -10.01 -39.29 39.01
C ILE A 969 -9.31 -40.12 37.94
N PRO A 970 -9.51 -41.44 37.93
CA PRO A 970 -8.88 -42.27 36.90
C PRO A 970 -9.41 -41.94 35.52
N MET A 971 -8.57 -42.16 34.51
CA MET A 971 -8.95 -41.96 33.12
C MET A 971 -9.57 -43.26 32.61
N TYR A 972 -10.90 -43.35 32.75
CA TYR A 972 -11.61 -44.57 32.39
C TYR A 972 -11.59 -44.78 30.87
N THR A 973 -11.61 -46.05 30.47
CA THR A 973 -11.62 -46.43 29.06
C THR A 973 -12.72 -47.45 28.78
N ASP A 974 -13.84 -47.36 29.50
CA ASP A 974 -14.93 -48.31 29.37
C ASP A 974 -16.06 -47.80 28.47
N GLU A 975 -15.86 -46.67 27.80
CA GLU A 975 -16.87 -46.08 26.90
C GLU A 975 -18.19 -45.85 27.64
N LYS A 976 -18.10 -45.35 28.86
CA LYS A 976 -19.27 -45.08 29.70
C LYS A 976 -19.14 -43.71 30.33
N GLU A 977 -20.30 -43.14 30.67
CA GLU A 977 -20.34 -41.83 31.31
C GLU A 977 -20.23 -42.00 32.83
N HIS A 978 -19.33 -41.23 33.44
CA HIS A 978 -19.10 -41.28 34.87
C HIS A 978 -19.51 -39.96 35.50
N ILE A 979 -20.26 -40.04 36.60
CA ILE A 979 -20.77 -38.87 37.30
C ILE A 979 -19.84 -38.56 38.46
N VAL A 980 -19.38 -37.31 38.53
CA VAL A 980 -18.52 -36.85 39.61
C VAL A 980 -19.24 -35.72 40.34
N THR A 981 -19.36 -35.85 41.66
CA THR A 981 -20.07 -34.88 42.47
C THR A 981 -19.15 -34.40 43.58
N LEU A 982 -19.08 -33.08 43.77
CA LEU A 982 -18.31 -32.48 44.84
C LEU A 982 -19.21 -31.58 45.66
N LYS A 983 -19.16 -31.74 46.98
CA LYS A 983 -19.97 -30.96 47.91
C LYS A 983 -19.05 -30.31 48.91
N PHE A 984 -19.15 -28.98 49.04
CA PHE A 984 -18.37 -28.23 50.00
C PHE A 984 -19.26 -27.85 51.17
N LYS A 985 -18.79 -28.12 52.39
CA LYS A 985 -19.57 -27.89 53.60
C LYS A 985 -18.90 -26.82 54.45
N LEU A 986 -19.72 -26.07 55.17
CA LEU A 986 -19.24 -25.00 56.03
C LEU A 986 -18.44 -25.55 57.20
N GLY B 2 -14.37 -29.70 -21.29
CA GLY B 2 -15.24 -29.11 -20.29
C GLY B 2 -15.28 -27.59 -20.36
N ILE B 3 -14.77 -26.95 -19.32
CA ILE B 3 -14.75 -25.49 -19.25
C ILE B 3 -13.60 -24.97 -20.09
N THR B 4 -13.88 -24.00 -20.95
CA THR B 4 -12.87 -23.37 -21.79
C THR B 4 -12.64 -21.93 -21.34
N LYS B 5 -11.50 -21.38 -21.76
CA LYS B 5 -11.08 -20.05 -21.37
C LYS B 5 -10.67 -19.27 -22.60
N VAL B 6 -11.18 -18.05 -22.73
CA VAL B 6 -10.87 -17.16 -23.85
C VAL B 6 -10.34 -15.85 -23.27
N THR B 7 -9.12 -15.49 -23.63
CA THR B 7 -8.50 -14.29 -23.10
C THR B 7 -8.84 -13.07 -23.95
N ALA B 8 -8.50 -11.89 -23.43
CA ALA B 8 -8.77 -10.65 -24.14
C ALA B 8 -8.02 -10.57 -25.46
N ARG B 9 -6.76 -11.01 -25.47
CA ARG B 9 -5.98 -10.94 -26.70
C ARG B 9 -6.39 -12.02 -27.69
N ASN B 10 -6.96 -13.13 -27.21
CA ASN B 10 -7.38 -14.20 -28.09
C ASN B 10 -8.73 -13.93 -28.73
N ASN B 11 -9.49 -12.95 -28.24
CA ASN B 11 -10.78 -12.58 -28.83
C ASN B 11 -10.49 -11.70 -30.04
N LYS B 12 -10.45 -12.33 -31.22
CA LYS B 12 -10.03 -11.63 -32.43
C LYS B 12 -11.08 -10.63 -32.89
N ILE B 13 -12.35 -11.02 -32.88
CA ILE B 13 -13.41 -10.19 -33.44
C ILE B 13 -13.71 -9.05 -32.47
N THR B 14 -13.68 -7.82 -32.98
CA THR B 14 -14.03 -6.62 -32.24
C THR B 14 -15.46 -6.22 -32.53
N PRO B 15 -16.11 -5.46 -31.64
CA PRO B 15 -17.48 -5.01 -31.92
C PRO B 15 -17.59 -4.20 -33.20
N VAL B 16 -16.59 -3.39 -33.52
CA VAL B 16 -16.65 -2.59 -34.74
C VAL B 16 -16.55 -3.48 -35.97
N GLU B 17 -15.74 -4.52 -35.91
CA GLU B 17 -15.66 -5.47 -37.02
C GLU B 17 -16.99 -6.17 -37.25
N LEU B 18 -17.65 -6.59 -36.17
CA LEU B 18 -18.96 -7.23 -36.30
C LEU B 18 -19.98 -6.24 -36.86
N LEU B 19 -19.93 -4.99 -36.41
CA LEU B 19 -20.84 -3.98 -36.94
C LEU B 19 -20.62 -3.75 -38.42
N ASN B 20 -19.36 -3.71 -38.85
CA ASN B 20 -19.07 -3.56 -40.27
C ASN B 20 -19.54 -4.77 -41.07
N GLN B 21 -19.38 -5.97 -40.52
CA GLN B 21 -19.86 -7.16 -41.21
C GLN B 21 -21.38 -7.14 -41.36
N LYS B 22 -22.09 -6.69 -40.32
CA LYS B 22 -23.55 -6.77 -40.34
C LYS B 22 -24.20 -5.62 -41.10
N PHE B 23 -23.59 -4.43 -41.09
CA PHE B 23 -24.21 -3.25 -41.70
C PHE B 23 -23.33 -2.57 -42.74
N GLY B 24 -22.25 -3.21 -43.18
CA GLY B 24 -21.35 -2.55 -44.12
C GLY B 24 -22.00 -2.28 -45.46
N ASN B 25 -22.81 -3.22 -45.96
CA ASN B 25 -23.44 -3.08 -47.27
C ASN B 25 -24.82 -2.45 -47.19
N LYS B 26 -25.30 -2.07 -46.01
CA LYS B 26 -26.61 -1.48 -45.85
C LYS B 26 -26.57 0.02 -45.61
N ILE B 27 -25.65 0.50 -44.78
CA ILE B 27 -25.52 1.92 -44.48
C ILE B 27 -24.07 2.33 -44.64
N ASN B 28 -23.85 3.63 -44.69
CA ASN B 28 -22.50 4.18 -44.79
C ASN B 28 -21.91 4.29 -43.40
N LEU B 29 -20.96 3.40 -43.07
CA LEU B 29 -20.34 3.41 -41.75
C LEU B 29 -19.43 4.62 -41.55
N GLY B 30 -18.99 5.26 -42.62
CA GLY B 30 -18.08 6.37 -42.50
C GLY B 30 -16.67 5.94 -42.18
N ASN B 31 -15.85 6.92 -41.82
CA ASN B 31 -14.45 6.64 -41.48
C ASN B 31 -14.30 6.04 -40.09
N PHE B 32 -15.16 6.43 -39.15
CA PHE B 32 -15.09 5.92 -37.79
C PHE B 32 -16.49 5.54 -37.31
N ALA B 33 -16.53 4.60 -36.38
CA ALA B 33 -17.78 4.12 -35.82
C ALA B 33 -17.52 3.57 -34.42
N ASP B 34 -18.57 3.43 -33.64
CA ASP B 34 -18.47 2.85 -32.31
C ASP B 34 -19.46 1.72 -32.17
N ALA B 35 -19.11 0.72 -31.37
CA ALA B 35 -19.96 -0.43 -31.19
C ALA B 35 -19.68 -1.08 -29.84
N VAL B 36 -20.64 -1.87 -29.37
CA VAL B 36 -20.51 -2.60 -28.12
C VAL B 36 -21.26 -3.92 -28.26
N PHE B 37 -20.69 -4.98 -27.70
CA PHE B 37 -21.36 -6.27 -27.68
C PHE B 37 -22.57 -6.22 -26.76
N THR B 38 -23.68 -6.80 -27.21
CA THR B 38 -24.91 -6.80 -26.43
C THR B 38 -25.02 -7.98 -25.48
N ASP B 39 -24.12 -8.96 -25.57
CA ASP B 39 -24.20 -10.15 -24.73
C ASP B 39 -22.80 -10.71 -24.53
N ALA B 40 -22.67 -11.59 -23.53
CA ALA B 40 -21.39 -12.16 -23.18
C ALA B 40 -20.91 -13.20 -24.18
N ALA B 41 -21.75 -13.61 -25.13
CA ALA B 41 -21.35 -14.56 -26.17
C ALA B 41 -20.78 -13.87 -27.40
N PHE B 42 -20.76 -12.55 -27.44
CA PHE B 42 -20.21 -11.76 -28.54
C PHE B 42 -20.89 -12.12 -29.86
N LYS B 43 -22.20 -12.32 -29.82
CA LYS B 43 -22.96 -12.69 -31.02
C LYS B 43 -23.62 -11.51 -31.71
N ASN B 44 -24.08 -10.51 -30.94
CA ASN B 44 -24.77 -9.36 -31.50
C ASN B 44 -24.10 -8.09 -31.00
N VAL B 45 -24.29 -7.01 -31.77
CA VAL B 45 -23.62 -5.74 -31.51
C VAL B 45 -24.63 -4.61 -31.62
N ALA B 46 -24.33 -3.50 -30.94
CA ALA B 46 -25.10 -2.28 -31.05
C ALA B 46 -24.13 -1.12 -31.20
N GLY B 47 -24.34 -0.27 -32.19
CA GLY B 47 -23.37 0.76 -32.45
C GLY B 47 -23.95 1.97 -33.14
N ILE B 48 -23.06 2.93 -33.39
CA ILE B 48 -23.37 4.18 -34.07
C ILE B 48 -22.32 4.40 -35.15
N ALA B 49 -22.77 4.87 -36.31
CA ALA B 49 -21.93 4.98 -37.49
C ALA B 49 -21.54 6.43 -37.76
N ASN B 50 -20.51 6.59 -38.59
CA ASN B 50 -20.08 7.89 -39.12
C ASN B 50 -19.71 8.86 -38.00
N LEU B 51 -18.69 8.48 -37.26
CA LEU B 51 -18.20 9.38 -36.24
C LEU B 51 -17.02 10.20 -36.76
N PRO B 52 -16.88 11.45 -36.30
CA PRO B 52 -15.72 12.25 -36.73
C PRO B 52 -14.39 11.64 -36.31
N MET B 53 -14.34 10.97 -35.17
CA MET B 53 -13.11 10.33 -34.70
C MET B 53 -13.50 9.21 -33.74
N LYS B 54 -12.54 8.34 -33.45
CA LYS B 54 -12.76 7.26 -32.51
C LYS B 54 -13.06 7.83 -31.12
N ALA B 55 -14.12 7.33 -30.50
CA ALA B 55 -14.53 7.80 -29.18
C ALA B 55 -15.49 6.78 -28.59
N PRO B 56 -15.55 6.65 -27.26
CA PRO B 56 -16.49 5.70 -26.63
C PRO B 56 -17.90 6.28 -26.58
N VAL B 57 -18.50 6.45 -27.77
CA VAL B 57 -19.81 7.09 -27.86
C VAL B 57 -20.89 6.20 -27.27
N MET B 58 -20.81 4.89 -27.51
CA MET B 58 -21.85 4.00 -26.99
C MET B 58 -21.83 3.92 -25.47
N GLN B 59 -20.66 4.07 -24.85
CA GLN B 59 -20.61 4.09 -23.39
C GLN B 59 -21.36 5.30 -22.84
N VAL B 60 -21.20 6.45 -23.46
CA VAL B 60 -21.92 7.64 -23.04
C VAL B 60 -23.42 7.50 -23.34
N LEU B 61 -23.75 6.91 -24.48
CA LEU B 61 -25.15 6.73 -24.85
C LEU B 61 -25.88 5.80 -23.88
N MET B 62 -25.22 4.73 -23.46
CA MET B 62 -25.83 3.81 -22.51
C MET B 62 -26.08 4.44 -21.15
N GLU B 63 -25.34 5.50 -20.81
CA GLU B 63 -25.58 6.22 -19.57
C GLU B 63 -26.83 7.08 -19.65
N ASN B 64 -27.35 7.34 -20.85
CA ASN B 64 -28.58 8.09 -21.01
C ASN B 64 -29.77 7.17 -20.81
N SER B 65 -30.66 7.55 -19.89
CA SER B 65 -31.80 6.69 -19.58
C SER B 65 -32.73 6.53 -20.76
N ILE B 66 -32.99 7.61 -21.49
CA ILE B 66 -33.92 7.54 -22.63
C ILE B 66 -33.35 6.63 -23.72
N VAL B 67 -32.08 6.81 -24.06
CA VAL B 67 -31.48 6.04 -25.14
C VAL B 67 -31.39 4.57 -24.76
N SER B 68 -30.97 4.28 -23.53
CA SER B 68 -30.87 2.88 -23.10
C SER B 68 -32.25 2.22 -23.05
N LYS B 69 -33.25 2.94 -22.55
CA LYS B 69 -34.60 2.40 -22.53
C LYS B 69 -35.11 2.11 -23.93
N TYR B 70 -34.84 3.02 -24.88
CA TYR B 70 -35.25 2.77 -26.26
C TYR B 70 -34.51 1.58 -26.84
N LEU B 71 -33.21 1.45 -26.55
CA LEU B 71 -32.44 0.33 -27.08
C LEU B 71 -32.89 -1.00 -26.48
N LYS B 72 -33.45 -0.97 -25.27
CA LYS B 72 -33.92 -2.20 -24.65
C LYS B 72 -34.99 -2.91 -25.48
N GLN B 73 -35.70 -2.20 -26.34
CA GLN B 73 -36.69 -2.84 -27.20
C GLN B 73 -36.05 -3.71 -28.26
N PHE B 74 -34.77 -3.50 -28.58
CA PHE B 74 -34.09 -4.25 -29.62
C PHE B 74 -33.02 -5.17 -29.08
N VAL B 75 -32.07 -4.65 -28.30
CA VAL B 75 -30.99 -5.46 -27.74
C VAL B 75 -31.49 -6.12 -26.45
N PRO B 76 -30.98 -7.31 -26.10
CA PRO B 76 -30.02 -8.14 -26.84
C PRO B 76 -30.72 -8.93 -27.94
N ASP B 77 -30.11 -10.01 -28.43
CA ASP B 77 -30.65 -10.94 -29.41
C ASP B 77 -31.03 -10.26 -30.73
N ARG B 78 -30.66 -9.00 -30.93
CA ARG B 78 -30.87 -8.32 -32.19
C ARG B 78 -29.84 -7.21 -32.34
N SER B 79 -29.13 -7.21 -33.46
CA SER B 79 -28.11 -6.21 -33.73
C SER B 79 -28.74 -4.97 -34.35
N VAL B 80 -28.34 -3.80 -33.87
CA VAL B 80 -28.90 -2.52 -34.32
C VAL B 80 -27.76 -1.54 -34.56
N SER B 81 -28.05 -0.55 -35.40
CA SER B 81 -27.10 0.53 -35.66
C SER B 81 -27.82 1.86 -35.73
N PHE B 82 -27.22 2.89 -35.14
CA PHE B 82 -27.73 4.25 -35.25
C PHE B 82 -27.08 4.93 -36.44
N VAL B 83 -27.90 5.57 -37.28
CA VAL B 83 -27.40 6.28 -38.45
C VAL B 83 -28.10 7.63 -38.55
N GLU B 84 -27.33 8.68 -38.83
CA GLU B 84 -27.87 10.02 -38.98
C GLU B 84 -28.05 10.31 -40.47
N GLU B 85 -29.28 10.64 -40.85
CA GLU B 85 -29.61 11.03 -42.21
C GLU B 85 -30.30 12.38 -42.18
N GLY B 86 -29.82 13.30 -43.02
CA GLY B 86 -30.32 14.66 -42.99
C GLY B 86 -30.10 15.30 -41.64
N GLN B 87 -31.18 15.57 -40.91
CA GLN B 87 -31.12 16.08 -39.56
C GLN B 87 -31.83 15.16 -38.56
N LYS B 88 -32.02 13.90 -38.93
CA LYS B 88 -32.74 12.95 -38.10
C LYS B 88 -31.90 11.70 -37.89
N PHE B 89 -32.30 10.91 -36.90
CA PHE B 89 -31.61 9.68 -36.54
C PHE B 89 -32.52 8.49 -36.80
N TYR B 90 -31.94 7.41 -37.30
CA TYR B 90 -32.65 6.18 -37.59
C TYR B 90 -31.93 5.01 -36.95
N ILE B 91 -32.68 3.95 -36.69
CA ILE B 91 -32.15 2.68 -36.23
C ILE B 91 -32.30 1.67 -37.35
N VAL B 92 -31.25 0.89 -37.60
CA VAL B 92 -31.20 -0.07 -38.67
C VAL B 92 -30.97 -1.45 -38.08
N LEU B 93 -31.75 -2.43 -38.52
CA LEU B 93 -31.64 -3.81 -38.08
C LEU B 93 -30.99 -4.66 -39.17
N GLU B 94 -30.69 -5.91 -38.83
CA GLU B 94 -30.01 -6.80 -39.74
C GLU B 94 -30.87 -7.19 -40.94
N ASP B 95 -32.19 -7.00 -40.86
CA ASP B 95 -33.09 -7.35 -41.94
C ASP B 95 -33.29 -6.22 -42.94
N GLY B 96 -32.57 -5.11 -42.77
CA GLY B 96 -32.68 -3.98 -43.66
C GLY B 96 -33.73 -2.96 -43.25
N GLN B 97 -34.48 -3.21 -42.18
CA GLN B 97 -35.49 -2.27 -41.74
C GLN B 97 -34.83 -1.00 -41.19
N LYS B 98 -35.40 0.15 -41.55
CA LYS B 98 -34.95 1.44 -41.06
C LYS B 98 -36.11 2.13 -40.36
N ILE B 99 -35.93 2.46 -39.09
CA ILE B 99 -37.00 2.99 -38.26
C ILE B 99 -36.57 4.35 -37.71
N GLU B 100 -37.43 5.35 -37.86
CA GLU B 100 -37.16 6.66 -37.31
C GLU B 100 -37.36 6.65 -35.80
N VAL B 101 -36.36 7.14 -35.07
CA VAL B 101 -36.38 7.13 -33.62
C VAL B 101 -37.34 8.22 -33.13
N PRO B 102 -37.87 8.11 -31.91
CA PRO B 102 -38.75 9.16 -31.39
C PRO B 102 -37.99 10.47 -31.19
N GLU B 103 -38.76 11.51 -30.86
CA GLU B 103 -38.19 12.85 -30.76
C GLU B 103 -37.20 12.97 -29.61
N ASP B 104 -37.52 12.42 -28.45
CA ASP B 104 -36.61 12.50 -27.31
C ASP B 104 -35.32 11.74 -27.59
N VAL B 105 -35.42 10.56 -28.19
CA VAL B 105 -34.23 9.78 -28.54
C VAL B 105 -33.39 10.55 -29.55
N ASN B 106 -34.04 11.17 -30.54
CA ASN B 106 -33.31 11.94 -31.54
C ASN B 106 -32.59 13.12 -30.90
N LYS B 107 -33.26 13.82 -29.99
CA LYS B 107 -32.64 14.95 -29.30
C LYS B 107 -31.44 14.51 -28.48
N ALA B 108 -31.59 13.42 -27.74
CA ALA B 108 -30.47 12.92 -26.93
C ALA B 108 -29.30 12.50 -27.80
N LEU B 109 -29.58 11.83 -28.92
CA LEU B 109 -28.51 11.39 -29.82
C LEU B 109 -27.77 12.59 -30.40
N LYS B 110 -28.52 13.61 -30.85
CA LYS B 110 -27.87 14.78 -31.41
C LYS B 110 -27.04 15.51 -30.36
N ALA B 111 -27.58 15.68 -29.16
CA ALA B 111 -26.83 16.33 -28.09
C ALA B 111 -25.57 15.56 -27.74
N THR B 112 -25.61 14.23 -27.81
CA THR B 112 -24.43 13.43 -27.50
C THR B 112 -23.38 13.53 -28.60
N VAL B 113 -23.80 13.48 -29.87
CA VAL B 113 -22.82 13.40 -30.97
C VAL B 113 -22.48 14.74 -31.57
N SER B 114 -23.00 15.84 -31.03
N SER B 114 -23.00 15.84 -31.02
CA SER B 114 -22.68 17.15 -31.58
CA SER B 114 -22.69 17.16 -31.57
C SER B 114 -21.20 17.48 -31.48
C SER B 114 -21.20 17.49 -31.48
N ASP B 115 -20.57 17.20 -30.34
CA ASP B 115 -19.22 17.65 -30.06
C ASP B 115 -18.25 16.51 -29.79
N VAL B 116 -18.33 15.44 -30.60
CA VAL B 116 -17.44 14.29 -30.38
C VAL B 116 -15.98 14.68 -30.57
N LYS B 117 -15.71 15.63 -31.47
CA LYS B 117 -14.33 15.98 -31.79
C LYS B 117 -13.56 16.49 -30.59
N HIS B 118 -14.25 17.12 -29.63
CA HIS B 118 -13.59 17.72 -28.48
C HIS B 118 -13.93 17.01 -27.18
N TRP B 119 -14.18 15.70 -27.24
CA TRP B 119 -14.55 14.96 -26.03
C TRP B 119 -13.38 14.88 -25.06
N ALA B 120 -12.16 14.78 -25.57
CA ALA B 120 -10.98 14.72 -24.72
C ALA B 120 -10.39 16.08 -24.42
N GLY B 121 -11.04 17.16 -24.85
CA GLY B 121 -10.57 18.51 -24.57
C GLY B 121 -9.85 19.12 -25.77
N TYR B 122 -9.31 20.30 -25.53
CA TYR B 122 -8.60 21.03 -26.56
C TYR B 122 -7.55 21.93 -25.90
N LEU B 123 -6.58 22.35 -26.69
CA LEU B 123 -5.52 23.22 -26.23
C LEU B 123 -5.77 24.65 -26.71
N THR B 124 -5.54 25.61 -25.83
CA THR B 124 -5.69 27.01 -26.17
C THR B 124 -4.45 27.49 -26.94
N GLU B 125 -4.43 28.78 -27.28
CA GLU B 125 -3.28 29.34 -27.97
C GLU B 125 -2.03 29.36 -27.10
N ASP B 126 -2.18 29.25 -25.79
CA ASP B 126 -1.04 29.22 -24.86
C ASP B 126 -0.69 27.80 -24.43
N GLY B 127 -1.29 26.79 -25.05
CA GLY B 127 -0.98 25.41 -24.72
C GLY B 127 -1.65 24.88 -23.48
N GLU B 128 -2.60 25.61 -22.92
CA GLU B 128 -3.32 25.14 -21.74
C GLU B 128 -4.42 24.18 -22.16
N HIS B 129 -4.59 23.12 -21.38
CA HIS B 129 -5.54 22.06 -21.71
C HIS B 129 -6.88 22.35 -21.01
N VAL B 130 -7.93 22.49 -21.80
CA VAL B 130 -9.28 22.72 -21.29
C VAL B 130 -10.03 21.40 -21.35
N ILE B 131 -10.53 20.95 -20.19
CA ILE B 131 -11.09 19.62 -20.03
C ILE B 131 -12.53 19.74 -19.53
N ASP B 132 -13.43 19.01 -20.16
CA ASP B 132 -14.78 18.85 -19.64
C ASP B 132 -14.79 17.76 -18.58
N LEU B 133 -15.42 18.05 -17.45
CA LEU B 133 -15.39 17.13 -16.31
C LEU B 133 -16.36 15.96 -16.45
N LEU B 134 -17.21 15.96 -17.47
CA LEU B 134 -18.20 14.91 -17.66
C LEU B 134 -17.80 13.90 -18.74
N LYS B 135 -16.58 13.97 -19.24
CA LYS B 135 -16.20 13.14 -20.37
C LYS B 135 -15.23 12.05 -19.94
N PRO B 136 -15.22 10.91 -20.63
CA PRO B 136 -14.29 9.83 -20.26
C PRO B 136 -12.84 10.22 -20.51
N ALA B 137 -11.96 9.59 -19.75
CA ALA B 137 -10.53 9.85 -19.87
C ALA B 137 -9.90 8.88 -20.87
N PRO B 138 -9.16 9.38 -21.85
CA PRO B 138 -8.46 8.47 -22.77
C PRO B 138 -7.47 7.55 -22.07
N GLY B 139 -6.84 8.02 -21.00
CA GLY B 139 -5.89 7.23 -20.26
C GLY B 139 -5.65 7.77 -18.86
N PRO B 140 -4.97 6.99 -18.02
CA PRO B 140 -4.74 7.43 -16.64
C PRO B 140 -3.86 8.66 -16.51
N HIS B 141 -3.06 8.99 -17.52
CA HIS B 141 -2.16 10.14 -17.46
C HIS B 141 -2.65 11.33 -18.29
N PHE B 142 -3.79 11.21 -18.95
CA PHE B 142 -4.20 12.24 -19.91
C PHE B 142 -4.56 13.55 -19.24
N TYR B 143 -5.25 13.49 -18.10
CA TYR B 143 -5.76 14.67 -17.41
C TYR B 143 -4.92 15.04 -16.20
N VAL B 144 -3.61 14.87 -16.27
CA VAL B 144 -2.73 15.04 -15.13
C VAL B 144 -1.87 16.29 -15.34
N ASN B 145 -1.75 17.09 -14.28
CA ASN B 145 -0.88 18.26 -14.26
C ASN B 145 0.10 18.13 -13.11
N LEU B 146 1.31 18.63 -13.32
CA LEU B 146 2.38 18.57 -12.34
C LEU B 146 2.74 19.98 -11.91
N LEU B 147 2.81 20.20 -10.60
CA LEU B 147 3.16 21.49 -10.03
C LEU B 147 4.47 21.36 -9.26
N ILE B 148 5.29 22.40 -9.32
CA ILE B 148 6.59 22.42 -8.66
C ILE B 148 6.74 23.74 -7.91
N GLY B 149 7.58 23.70 -6.87
CA GLY B 149 7.93 24.88 -6.12
C GLY B 149 9.10 25.63 -6.74
N ASN B 150 9.67 26.53 -5.95
CA ASN B 150 10.81 27.34 -6.40
C ASN B 150 11.73 27.56 -5.21
N ARG B 151 12.81 26.79 -5.14
CA ARG B 151 13.82 26.93 -4.10
C ARG B 151 15.13 27.51 -4.63
N LEU B 152 15.06 28.22 -5.77
CA LEU B 152 16.27 28.83 -6.33
C LEU B 152 16.80 29.91 -5.38
N GLY B 153 18.11 29.89 -5.17
CA GLY B 153 18.73 30.80 -4.23
C GLY B 153 18.73 30.34 -2.79
N PHE B 154 18.35 29.09 -2.53
CA PHE B 154 18.34 28.52 -1.19
C PHE B 154 19.12 27.22 -1.18
N LYS B 155 19.35 26.69 0.02
CA LYS B 155 20.21 25.52 0.17
C LYS B 155 19.50 24.25 -0.27
N ARG B 156 20.26 23.35 -0.90
CA ARG B 156 19.78 22.03 -1.32
C ARG B 156 18.52 22.16 -2.18
N THR B 157 18.67 22.89 -3.28
CA THR B 157 17.53 23.11 -4.17
C THR B 157 17.03 21.80 -4.76
N LEU B 158 17.95 20.92 -5.14
CA LEU B 158 17.57 19.66 -5.78
C LEU B 158 16.86 18.71 -4.82
N GLN B 159 17.00 18.92 -3.51
CA GLN B 159 16.47 17.99 -2.53
C GLN B 159 15.29 18.53 -1.74
N THR B 160 15.01 19.83 -1.80
CA THR B 160 14.02 20.45 -0.94
C THR B 160 12.87 21.10 -1.70
N THR B 161 12.83 20.96 -3.02
CA THR B 161 11.77 21.60 -3.80
C THR B 161 10.47 20.83 -3.66
N PRO B 162 9.38 21.47 -3.24
CA PRO B 162 8.10 20.75 -3.14
C PRO B 162 7.54 20.39 -4.51
N LYS B 163 6.77 19.30 -4.54
CA LYS B 163 6.20 18.80 -5.79
C LYS B 163 4.75 18.41 -5.54
N SER B 164 3.97 18.38 -6.61
CA SER B 164 2.56 18.05 -6.47
C SER B 164 2.02 17.53 -7.79
N VAL B 165 1.03 16.63 -7.70
CA VAL B 165 0.32 16.13 -8.86
C VAL B 165 -1.16 16.41 -8.64
N VAL B 166 -1.80 17.06 -9.63
CA VAL B 166 -3.20 17.46 -9.57
C VAL B 166 -3.88 16.97 -10.84
N ASP B 167 -5.00 16.27 -10.69
CA ASP B 167 -5.76 15.81 -11.82
C ASP B 167 -6.85 16.83 -12.18
N ARG B 168 -7.75 16.46 -13.09
CA ARG B 168 -8.75 17.41 -13.57
C ARG B 168 -9.76 17.77 -12.49
N PHE B 169 -9.99 16.88 -11.53
CA PHE B 169 -10.93 17.13 -10.45
C PHE B 169 -10.26 17.71 -9.21
N GLY B 170 -8.96 17.99 -9.27
CA GLY B 170 -8.21 18.44 -8.12
C GLY B 170 -7.60 17.32 -7.31
N ARG B 171 -7.88 16.07 -7.65
CA ARG B 171 -7.31 14.94 -6.93
C ARG B 171 -5.81 14.84 -7.22
N GLY B 172 -5.10 14.20 -6.32
CA GLY B 172 -3.67 14.03 -6.46
C GLY B 172 -3.01 14.01 -5.11
N SER B 173 -1.77 14.48 -5.08
CA SER B 173 -1.01 14.45 -3.84
C SER B 173 0.07 15.53 -3.85
N PHE B 174 0.64 15.77 -2.68
CA PHE B 174 1.56 16.86 -2.43
C PHE B 174 2.72 16.32 -1.60
N ARG B 175 3.95 16.48 -2.10
CA ARG B 175 5.13 15.90 -1.48
C ARG B 175 6.18 16.97 -1.20
N SER B 176 6.81 16.86 -0.04
CA SER B 176 7.95 17.68 0.34
C SER B 176 9.23 16.95 -0.05
N HIS B 177 10.36 17.36 0.51
CA HIS B 177 11.66 16.74 0.25
C HIS B 177 11.58 15.23 0.29
N ALA B 178 12.34 14.58 -0.60
CA ALA B 178 12.44 13.12 -0.71
C ALA B 178 11.03 12.59 -0.97
N ALA B 179 10.58 11.56 -0.26
CA ALA B 179 9.23 11.02 -0.41
C ALA B 179 8.32 11.43 0.74
N THR B 180 8.66 12.50 1.45
CA THR B 180 7.82 12.98 2.54
C THR B 180 6.48 13.46 2.00
N GLN B 181 5.40 13.00 2.61
CA GLN B 181 4.05 13.30 2.16
C GLN B 181 3.42 14.37 3.03
N VAL B 182 2.91 15.42 2.40
CA VAL B 182 2.06 16.38 3.09
C VAL B 182 0.60 15.94 3.06
N LEU B 183 0.10 15.68 1.87
CA LEU B 183 -1.20 15.04 1.69
C LEU B 183 -0.99 13.56 1.37
N ALA B 184 -1.93 12.75 1.83
CA ALA B 184 -1.75 11.30 1.78
C ALA B 184 -1.69 10.80 0.34
N THR B 185 -0.79 9.87 0.09
CA THR B 185 -0.68 9.17 -1.19
C THR B 185 -1.34 7.81 -1.05
N ARG B 186 -2.12 7.42 -2.05
CA ARG B 186 -2.84 6.16 -2.04
C ARG B 186 -2.11 5.13 -2.89
N PHE B 187 -1.81 3.98 -2.30
CA PHE B 187 -1.22 2.85 -3.01
C PHE B 187 -2.29 1.78 -3.17
N ASP B 188 -2.91 1.72 -4.35
CA ASP B 188 -4.01 0.81 -4.59
C ASP B 188 -3.81 0.15 -5.95
N MET B 189 -4.85 -0.55 -6.41
CA MET B 189 -4.75 -1.31 -7.65
C MET B 189 -4.82 -0.44 -8.89
N ARG B 190 -5.61 0.64 -8.86
CA ARG B 190 -5.83 1.46 -10.02
C ARG B 190 -4.72 2.50 -10.19
N GLN B 191 -4.39 2.80 -11.45
CA GLN B 191 -3.43 3.84 -11.74
C GLN B 191 -4.02 5.23 -11.57
N GLU B 192 -5.34 5.37 -11.61
CA GLU B 192 -5.99 6.67 -11.50
C GLU B 192 -6.01 7.21 -10.09
N GLU B 193 -5.87 6.34 -9.08
CA GLU B 193 -5.94 6.77 -7.68
C GLU B 193 -4.52 7.07 -7.21
N ASN B 194 -4.15 8.35 -7.24
CA ASN B 194 -2.82 8.76 -6.80
C ASN B 194 -2.79 9.17 -5.33
N GLY B 195 -3.84 9.84 -4.85
CA GLY B 195 -3.91 10.27 -3.47
C GLY B 195 -5.22 9.85 -2.83
N PHE B 196 -5.36 10.22 -1.56
CA PHE B 196 -6.60 9.96 -0.85
C PHE B 196 -7.74 10.74 -1.51
N PRO B 197 -8.91 10.14 -1.66
CA PRO B 197 -9.99 10.81 -2.42
C PRO B 197 -10.48 12.11 -1.79
N ALA B 198 -10.23 12.34 -0.51
CA ALA B 198 -10.70 13.55 0.15
C ALA B 198 -9.77 14.74 -0.03
N ASN B 199 -8.62 14.56 -0.65
CA ASN B 199 -7.63 15.62 -0.75
C ASN B 199 -8.14 16.75 -1.64
N ARG B 200 -8.00 17.98 -1.14
CA ARG B 200 -8.30 19.22 -1.86
C ARG B 200 -9.78 19.39 -2.20
N GLN B 201 -10.65 18.59 -1.61
CA GLN B 201 -12.08 18.66 -1.92
C GLN B 201 -12.83 19.40 -0.83
N PHE B 202 -14.02 19.89 -1.19
CA PHE B 202 -14.83 20.64 -0.24
C PHE B 202 -16.31 20.47 -0.59
N TYR B 203 -17.15 20.75 0.39
CA TYR B 203 -18.59 20.67 0.28
C TYR B 203 -19.20 22.03 0.58
N LEU B 204 -20.30 22.33 -0.12
CA LEU B 204 -21.08 23.53 0.11
C LEU B 204 -22.47 23.14 0.56
N TYR B 205 -22.90 23.70 1.69
CA TYR B 205 -24.19 23.43 2.30
C TYR B 205 -25.02 24.70 2.34
N GLU B 206 -26.33 24.55 2.15
CA GLU B 206 -27.27 25.64 2.34
C GLU B 206 -28.49 25.13 3.09
N ASP B 207 -28.82 25.79 4.21
CA ASP B 207 -29.96 25.41 5.04
C ASP B 207 -29.84 23.97 5.53
N GLY B 208 -28.61 23.54 5.81
CA GLY B 208 -28.38 22.22 6.32
C GLY B 208 -28.40 21.12 5.28
N LYS B 209 -28.59 21.44 4.01
CA LYS B 209 -28.63 20.46 2.93
C LYS B 209 -27.42 20.64 2.04
N GLN B 210 -26.78 19.53 1.69
CA GLN B 210 -25.61 19.59 0.81
C GLN B 210 -26.05 20.01 -0.59
N ILE B 211 -25.48 21.11 -1.07
CA ILE B 211 -25.79 21.59 -2.40
C ILE B 211 -24.63 21.46 -3.37
N PHE B 212 -23.41 21.23 -2.89
CA PHE B 212 -22.29 21.13 -3.81
C PHE B 212 -21.21 20.22 -3.25
N TYR B 213 -20.64 19.39 -4.12
CA TYR B 213 -19.42 18.64 -3.83
C TYR B 213 -18.47 18.83 -5.00
N SER B 214 -17.21 19.18 -4.71
CA SER B 214 -16.29 19.58 -5.75
C SER B 214 -15.79 18.42 -6.60
N ALA B 215 -15.98 17.18 -6.15
CA ALA B 215 -15.47 16.02 -6.86
C ALA B 215 -16.58 15.13 -7.42
N LEU B 216 -17.79 15.68 -7.57
CA LEU B 216 -18.91 14.90 -8.07
C LEU B 216 -19.82 15.82 -8.87
N ILE B 217 -19.95 15.55 -10.17
CA ILE B 217 -20.79 16.34 -11.04
C ILE B 217 -22.18 15.72 -11.05
N ASP B 218 -23.16 16.45 -10.53
CA ASP B 218 -24.53 15.98 -10.45
C ASP B 218 -25.42 16.82 -11.36
N ASP B 219 -26.73 16.59 -11.28
CA ASP B 219 -27.67 17.30 -12.15
C ASP B 219 -27.75 18.79 -11.86
N ASN B 220 -27.34 19.23 -10.67
CA ASN B 220 -27.38 20.64 -10.34
C ASN B 220 -26.25 21.44 -10.96
N ILE B 221 -25.23 20.77 -11.51
CA ILE B 221 -24.13 21.43 -12.18
C ILE B 221 -24.45 21.53 -13.66
N VAL B 222 -24.42 22.74 -14.20
CA VAL B 222 -24.75 22.95 -15.61
C VAL B 222 -23.47 23.10 -16.42
N GLU B 223 -22.39 23.56 -15.77
CA GLU B 223 -21.11 23.74 -16.42
C GLU B 223 -20.00 23.32 -15.46
N ALA B 224 -19.01 22.61 -15.98
CA ALA B 224 -17.89 22.16 -15.16
C ALA B 224 -16.70 21.92 -16.07
N THR B 225 -15.70 22.81 -16.00
CA THR B 225 -14.50 22.71 -16.82
C THR B 225 -13.28 22.89 -15.95
N SER B 226 -12.17 22.30 -16.40
CA SER B 226 -10.89 22.43 -15.75
C SER B 226 -9.86 22.92 -16.76
N LYS B 227 -8.86 23.65 -16.27
CA LYS B 227 -7.82 24.19 -17.15
C LYS B 227 -6.46 23.88 -16.55
N HIS B 228 -5.65 23.13 -17.29
CA HIS B 228 -4.29 22.81 -16.90
C HIS B 228 -3.34 23.76 -17.60
N SER B 229 -2.58 24.52 -16.81
CA SER B 229 -1.60 25.46 -17.32
C SER B 229 -0.24 25.20 -16.69
N SER B 230 0.72 26.09 -16.92
CA SER B 230 2.06 25.93 -16.37
C SER B 230 2.05 26.23 -14.89
N ASN B 231 2.24 25.20 -14.07
CA ASN B 231 2.41 25.33 -12.62
C ASN B 231 1.18 25.91 -11.93
N ARG B 232 -0.01 25.65 -12.47
CA ARG B 232 -1.24 26.08 -11.84
C ARG B 232 -2.41 25.30 -12.44
N THR B 233 -3.47 25.15 -11.66
CA THR B 233 -4.68 24.49 -12.15
C THR B 233 -5.90 25.29 -11.74
N VAL B 234 -6.82 25.50 -12.69
CA VAL B 234 -8.04 26.26 -12.46
C VAL B 234 -9.24 25.39 -12.85
N ILE B 235 -10.19 25.25 -11.94
CA ILE B 235 -11.40 24.47 -12.15
C ILE B 235 -12.60 25.38 -11.94
N LYS B 236 -13.58 25.31 -12.83
CA LYS B 236 -14.75 26.17 -12.79
C LYS B 236 -16.03 25.34 -12.78
N TYR B 237 -16.97 25.75 -11.95
CA TYR B 237 -18.29 25.13 -11.85
C TYR B 237 -19.36 26.20 -11.92
N LYS B 238 -20.47 25.86 -12.57
CA LYS B 238 -21.68 26.69 -12.55
C LYS B 238 -22.84 25.83 -12.10
N THR B 239 -23.59 26.32 -11.12
CA THR B 239 -24.72 25.56 -10.60
C THR B 239 -26.03 26.08 -11.18
N ALA B 240 -27.07 25.25 -11.08
CA ALA B 240 -28.39 25.64 -11.55
C ALA B 240 -28.97 26.80 -10.76
N SER B 241 -28.53 26.98 -9.52
CA SER B 241 -28.98 28.09 -8.67
C SER B 241 -28.14 29.35 -8.85
N ASN B 242 -27.42 29.45 -9.97
CA ASN B 242 -26.65 30.66 -10.31
C ASN B 242 -25.54 30.91 -9.30
N LEU B 243 -24.79 29.86 -8.97
CA LEU B 243 -23.57 29.97 -8.19
C LEU B 243 -22.38 29.65 -9.08
N GLU B 244 -21.38 30.50 -9.07
CA GLU B 244 -20.15 30.29 -9.84
C GLU B 244 -19.01 30.01 -8.89
N ILE B 245 -18.37 28.86 -9.05
CA ILE B 245 -17.31 28.42 -8.15
C ILE B 245 -16.03 28.26 -8.94
N THR B 246 -14.95 28.84 -8.44
CA THR B 246 -13.65 28.75 -9.08
C THR B 246 -12.61 28.28 -8.07
N ARG B 247 -11.83 27.28 -8.46
CA ARG B 247 -10.73 26.77 -7.65
C ARG B 247 -9.42 27.00 -8.39
N THR B 248 -8.46 27.61 -7.70
CA THR B 248 -7.12 27.82 -8.25
C THR B 248 -6.13 27.18 -7.30
N ILE B 249 -5.34 26.24 -7.82
CA ILE B 249 -4.40 25.45 -7.03
C ILE B 249 -3.00 25.70 -7.56
N PHE B 250 -2.08 26.05 -6.66
CA PHE B 250 -0.68 26.19 -7.03
C PHE B 250 0.19 26.02 -5.80
N LEU B 251 1.51 26.12 -6.00
CA LEU B 251 2.50 25.98 -4.94
C LEU B 251 3.19 27.32 -4.71
N VAL B 252 3.38 27.68 -3.45
CA VAL B 252 3.98 28.96 -3.09
C VAL B 252 5.49 28.91 -3.31
N PRO B 253 6.06 29.82 -4.10
CA PRO B 253 7.52 29.92 -4.17
C PRO B 253 8.10 30.29 -2.81
N HIS B 254 9.25 29.72 -2.49
CA HIS B 254 9.81 29.87 -1.16
C HIS B 254 10.34 31.27 -0.93
N LYS B 255 10.06 31.80 0.26
CA LYS B 255 10.61 33.06 0.74
C LYS B 255 11.23 32.82 2.11
N LYS B 256 12.04 33.78 2.55
CA LYS B 256 12.70 33.64 3.84
C LYS B 256 11.68 33.60 4.96
N GLY B 257 11.83 32.65 5.86
CA GLY B 257 10.91 32.47 6.97
C GLY B 257 9.68 31.65 6.67
N PHE B 258 9.52 31.18 5.44
CA PHE B 258 8.36 30.39 5.07
C PHE B 258 8.56 28.92 5.42
N PRO B 259 7.49 28.16 5.54
CA PRO B 259 7.61 26.71 5.67
C PRO B 259 8.21 26.10 4.42
N LEU B 260 8.81 24.91 4.60
CA LEU B 260 9.52 24.27 3.49
C LEU B 260 8.57 23.94 2.33
N ALA B 261 7.37 23.46 2.63
CA ALA B 261 6.40 23.13 1.59
C ALA B 261 5.08 23.83 1.90
N THR B 262 4.50 24.47 0.89
CA THR B 262 3.20 25.12 1.06
C THR B 262 2.43 25.07 -0.25
N GLU B 263 1.21 24.53 -0.19
CA GLU B 263 0.29 24.51 -1.31
C GLU B 263 -0.87 25.44 -1.00
N LEU B 264 -1.23 26.27 -1.97
CA LEU B 264 -2.28 27.26 -1.82
C LEU B 264 -3.44 26.92 -2.75
N GLN B 265 -4.64 26.89 -2.18
CA GLN B 265 -5.87 26.74 -2.97
C GLN B 265 -6.80 27.91 -2.66
N ARG B 266 -7.21 28.63 -3.69
CA ARG B 266 -8.14 29.73 -3.57
C ARG B 266 -9.48 29.32 -4.18
N ILE B 267 -10.55 29.47 -3.41
CA ILE B 267 -11.90 29.12 -3.84
C ILE B 267 -12.71 30.41 -3.84
N GLU B 268 -13.16 30.82 -5.01
CA GLU B 268 -13.99 32.01 -5.17
C GLU B 268 -15.42 31.56 -5.47
N ILE B 269 -16.36 32.05 -4.66
CA ILE B 269 -17.77 31.72 -4.83
C ILE B 269 -18.51 33.01 -5.13
N LYS B 270 -19.15 33.08 -6.29
CA LYS B 270 -19.88 34.26 -6.73
C LYS B 270 -21.36 33.93 -6.82
N ASN B 271 -22.17 34.80 -6.23
CA ASN B 271 -23.64 34.68 -6.26
C ASN B 271 -24.15 35.47 -7.45
N ALA B 272 -24.48 34.77 -8.53
CA ALA B 272 -25.01 35.40 -9.73
C ALA B 272 -26.51 35.60 -9.69
N SER B 273 -27.17 35.18 -8.61
CA SER B 273 -28.61 35.37 -8.46
C SER B 273 -28.89 36.77 -7.89
N ASP B 274 -30.17 37.05 -7.66
CA ASP B 274 -30.61 38.35 -7.17
C ASP B 274 -30.92 38.35 -5.68
N LYS B 275 -30.63 37.25 -4.98
CA LYS B 275 -30.93 37.14 -3.56
C LYS B 275 -29.68 36.75 -2.80
N ALA B 276 -29.48 37.35 -1.64
CA ALA B 276 -28.36 36.99 -0.78
C ALA B 276 -28.52 35.55 -0.29
N ARG B 277 -27.40 34.84 -0.20
CA ARG B 277 -27.42 33.42 0.15
C ARG B 277 -26.50 33.17 1.32
N ASN B 278 -27.02 32.46 2.33
CA ASN B 278 -26.25 32.08 3.51
C ASN B 278 -25.82 30.63 3.33
N LEU B 279 -24.54 30.42 3.04
CA LEU B 279 -24.00 29.10 2.79
C LEU B 279 -22.95 28.76 3.84
N SER B 280 -22.49 27.51 3.79
CA SER B 280 -21.38 27.08 4.62
C SER B 280 -20.48 26.17 3.79
N ILE B 281 -19.19 26.18 4.11
CA ILE B 281 -18.20 25.40 3.39
C ILE B 281 -17.49 24.47 4.36
N THR B 282 -17.29 23.23 3.93
CA THR B 282 -16.52 22.23 4.66
C THR B 282 -15.39 21.74 3.77
N TYR B 283 -14.16 22.15 4.08
CA TYR B 283 -12.98 21.77 3.33
C TYR B 283 -12.32 20.57 4.02
N THR B 284 -12.15 19.48 3.27
CA THR B 284 -11.67 18.23 3.84
C THR B 284 -10.30 17.87 3.26
N GLY B 285 -9.65 16.93 3.92
CA GLY B 285 -8.38 16.41 3.44
C GLY B 285 -7.85 15.36 4.38
N MET B 286 -6.72 14.77 4.00
CA MET B 286 -6.08 13.73 4.80
C MET B 286 -4.57 13.92 4.76
N PHE B 287 -3.97 14.06 5.93
CA PHE B 287 -2.53 14.25 6.02
C PHE B 287 -1.79 12.94 5.70
N GLY B 288 -0.62 13.08 5.10
CA GLY B 288 0.22 11.92 4.84
C GLY B 288 0.93 11.46 6.10
N THR B 289 1.05 10.14 6.24
CA THR B 289 1.68 9.57 7.43
C THR B 289 3.20 9.61 7.31
N GLY B 290 3.86 9.62 8.46
CA GLY B 290 5.31 9.55 8.48
C GLY B 290 5.87 8.16 8.37
N ALA B 291 5.09 7.14 8.73
CA ALA B 291 5.52 5.75 8.66
C ALA B 291 4.87 5.11 7.43
N VAL B 292 5.52 5.32 6.27
CA VAL B 292 4.98 4.80 5.03
C VAL B 292 5.09 3.28 4.97
N HIS B 293 6.22 2.73 5.43
CA HIS B 293 6.40 1.29 5.44
C HIS B 293 5.38 0.60 6.32
N ALA B 294 5.04 1.22 7.45
CA ALA B 294 4.09 0.62 8.37
C ALA B 294 2.68 0.55 7.80
N ILE B 295 2.40 1.31 6.73
CA ILE B 295 1.09 1.21 6.08
C ILE B 295 0.88 -0.22 5.58
N PHE B 296 1.91 -0.78 4.93
N PHE B 296 1.92 -0.78 4.93
CA PHE B 296 1.86 -2.19 4.55
CA PHE B 296 1.87 -2.18 4.54
C PHE B 296 2.20 -3.11 5.71
C PHE B 296 2.25 -3.13 5.67
N GLU B 297 2.99 -2.64 6.67
CA GLU B 297 3.40 -3.49 7.78
C GLU B 297 2.36 -3.53 8.91
N ASP B 298 2.02 -2.38 9.48
CA ASP B 298 1.17 -2.34 10.67
C ASP B 298 0.38 -1.04 10.65
N VAL B 299 -0.87 -1.10 10.18
CA VAL B 299 -1.70 0.10 10.10
C VAL B 299 -2.03 0.63 11.49
N THR B 300 -2.23 -0.28 12.45
CA THR B 300 -2.50 0.14 13.82
C THR B 300 -1.34 0.96 14.38
N TYR B 301 -0.11 0.58 14.03
CA TYR B 301 1.05 1.36 14.45
C TYR B 301 0.99 2.78 13.91
N THR B 302 0.62 2.94 12.64
CA THR B 302 0.48 4.27 12.06
C THR B 302 -0.62 5.05 12.77
N ASN B 303 -1.68 4.36 13.19
CA ASN B 303 -2.81 5.06 13.81
C ASN B 303 -2.48 5.52 15.23
N VAL B 304 -1.76 4.70 16.00
CA VAL B 304 -1.60 4.98 17.43
C VAL B 304 -0.42 5.87 17.77
N ILE B 305 0.49 6.13 16.82
CA ILE B 305 1.67 6.94 17.11
C ILE B 305 1.41 8.43 16.93
N MET B 306 0.21 8.83 16.54
CA MET B 306 -0.07 10.23 16.28
C MET B 306 -1.45 10.58 16.80
N GLN B 307 -1.69 11.89 16.94
CA GLN B 307 -2.96 12.43 17.39
C GLN B 307 -3.21 13.72 16.62
N SER B 308 -4.38 14.33 16.86
CA SER B 308 -4.73 15.59 16.24
C SER B 308 -4.54 16.74 17.23
N ALA B 309 -4.19 17.91 16.70
CA ALA B 309 -4.03 19.10 17.50
C ALA B 309 -4.62 20.29 16.76
N ALA B 310 -5.09 21.27 17.53
CA ALA B 310 -5.69 22.47 16.98
C ALA B 310 -4.73 23.65 17.09
N LEU B 311 -4.86 24.59 16.16
CA LEU B 311 -4.02 25.78 16.11
C LEU B 311 -4.87 27.01 16.37
N TYR B 312 -4.32 27.95 17.13
CA TYR B 312 -5.01 29.18 17.48
C TYR B 312 -4.08 30.36 17.25
N ASN B 313 -4.65 31.48 16.81
CA ASN B 313 -3.86 32.68 16.58
C ASN B 313 -3.67 33.43 17.89
N ASP B 314 -3.06 34.62 17.83
CA ASP B 314 -2.81 35.38 19.03
C ASP B 314 -4.09 35.89 19.70
N LYS B 315 -5.19 35.92 18.96
CA LYS B 315 -6.48 36.30 19.53
C LYS B 315 -7.23 35.13 20.14
N GLY B 316 -6.67 33.92 20.08
CA GLY B 316 -7.34 32.76 20.62
C GLY B 316 -8.37 32.14 19.72
N GLU B 317 -8.35 32.45 18.43
CA GLU B 317 -9.31 31.93 17.47
C GLU B 317 -8.75 30.73 16.74
N PHE B 318 -9.57 29.69 16.62
CA PHE B 318 -9.17 28.47 15.92
C PHE B 318 -8.88 28.77 14.46
N ILE B 319 -7.75 28.26 13.96
CA ILE B 319 -7.37 28.49 12.57
C ILE B 319 -7.08 27.22 11.79
N GLY B 320 -6.75 26.10 12.41
CA GLY B 320 -6.46 24.91 11.63
C GLY B 320 -6.08 23.73 12.49
N ILE B 321 -5.66 22.66 11.81
CA ILE B 321 -5.39 21.37 12.43
C ILE B 321 -3.98 20.94 12.04
N THR B 322 -3.29 20.31 12.98
CA THR B 322 -1.99 19.71 12.71
C THR B 322 -1.93 18.30 13.28
N PRO B 323 -1.18 17.41 12.65
CA PRO B 323 -0.95 16.09 13.24
C PRO B 323 0.28 16.07 14.15
N ASP B 324 0.11 15.59 15.38
CA ASP B 324 1.16 15.58 16.39
C ASP B 324 1.63 14.16 16.62
N TYR B 325 2.94 13.93 16.47
CA TYR B 325 3.53 12.61 16.57
C TYR B 325 4.29 12.46 17.87
N TYR B 326 4.23 11.25 18.45
CA TYR B 326 5.01 10.94 19.64
C TYR B 326 6.47 10.61 19.31
N PRO B 327 6.76 9.66 18.40
CA PRO B 327 8.16 9.27 18.19
C PRO B 327 9.00 10.43 17.66
N GLU B 328 10.27 10.43 18.06
CA GLU B 328 11.17 11.53 17.70
C GLU B 328 11.42 11.57 16.20
N GLU B 329 11.59 10.40 15.57
CA GLU B 329 11.94 10.37 14.15
C GLU B 329 10.82 10.97 13.29
N PHE B 330 9.59 10.92 13.76
CA PHE B 330 8.47 11.51 13.04
C PHE B 330 8.16 12.94 13.49
N LYS B 331 8.94 13.50 14.41
CA LYS B 331 8.76 14.86 14.86
C LYS B 331 9.65 15.85 14.14
N GLN B 332 10.42 15.40 13.14
CA GLN B 332 11.28 16.30 12.39
C GLN B 332 10.54 17.03 11.28
N ASP B 333 9.30 16.64 10.98
CA ASP B 333 8.44 17.34 10.04
C ASP B 333 7.10 17.60 10.70
N THR B 334 6.56 18.79 10.50
CA THR B 334 5.29 19.19 11.08
C THR B 334 4.38 19.70 9.98
N ARG B 335 3.21 19.09 9.84
CA ARG B 335 2.24 19.46 8.83
C ARG B 335 1.18 20.40 9.39
N PHE B 336 0.52 21.13 8.51
CA PHE B 336 -0.51 22.08 8.91
C PHE B 336 -1.48 22.31 7.77
N VAL B 337 -2.71 22.63 8.14
CA VAL B 337 -3.72 23.14 7.20
C VAL B 337 -4.45 24.30 7.87
N THR B 338 -4.63 25.39 7.14
N THR B 338 -4.61 25.41 7.16
CA THR B 338 -5.26 26.60 7.67
CA THR B 338 -5.30 26.58 7.69
C THR B 338 -6.22 27.16 6.62
C THR B 338 -6.22 27.15 6.63
N MET B 339 -7.27 27.84 7.10
CA MET B 339 -8.28 28.43 6.23
C MET B 339 -8.50 29.89 6.61
N ILE B 340 -8.68 30.74 5.61
CA ILE B 340 -9.09 32.13 5.79
C ILE B 340 -10.28 32.39 4.90
N VAL B 341 -11.31 33.04 5.44
CA VAL B 341 -12.52 33.38 4.69
C VAL B 341 -12.56 34.90 4.57
N ARG B 342 -12.43 35.41 3.34
CA ARG B 342 -12.50 36.83 3.06
C ARG B 342 -13.88 37.12 2.48
N ASN B 343 -14.70 37.85 3.24
CA ASN B 343 -16.00 38.31 2.80
C ASN B 343 -15.89 39.82 2.66
N GLY B 344 -15.80 40.30 1.42
N GLY B 344 -15.80 40.30 1.42
CA GLY B 344 -15.61 41.71 1.17
CA GLY B 344 -15.61 41.71 1.17
C GLY B 344 -14.32 42.22 1.76
C GLY B 344 -14.32 42.22 1.76
N ASP B 345 -14.42 43.03 2.81
CA ASP B 345 -13.25 43.55 3.51
C ASP B 345 -13.02 42.89 4.85
N GLU B 346 -13.84 41.92 5.24
CA GLU B 346 -13.72 41.30 6.55
C GLU B 346 -13.12 39.91 6.44
N LYS B 347 -12.36 39.53 7.46
CA LYS B 347 -11.68 38.25 7.53
C LYS B 347 -12.27 37.41 8.66
N SER B 348 -12.42 36.11 8.40
CA SER B 348 -12.93 35.18 9.40
C SER B 348 -12.19 33.85 9.27
N PHE B 349 -12.37 33.01 10.26
CA PHE B 349 -11.66 31.76 10.41
C PHE B 349 -12.65 30.64 10.65
N PRO B 350 -12.25 29.38 10.44
CA PRO B 350 -13.21 28.28 10.57
C PRO B 350 -13.86 28.25 11.94
N GLN B 351 -15.16 27.96 11.95
CA GLN B 351 -15.92 27.90 13.19
C GLN B 351 -16.06 26.48 13.72
N SER B 352 -15.84 25.46 12.90
CA SER B 352 -15.96 24.09 13.36
C SER B 352 -14.92 23.22 12.67
N PHE B 353 -14.65 22.06 13.27
CA PHE B 353 -13.72 21.12 12.67
C PHE B 353 -14.13 19.70 13.05
N SER B 354 -13.62 18.75 12.27
CA SER B 354 -13.78 17.33 12.54
C SER B 354 -12.50 16.63 12.14
N THR B 355 -12.09 15.64 12.93
CA THR B 355 -10.84 14.92 12.68
C THR B 355 -11.03 13.41 12.62
N ASP B 356 -12.26 12.93 12.55
CA ASP B 356 -12.55 11.50 12.49
C ASP B 356 -13.31 11.19 11.21
N TYR B 357 -12.77 10.26 10.41
CA TYR B 357 -13.41 9.90 9.16
C TYR B 357 -14.75 9.21 9.40
N ASN B 358 -14.83 8.33 10.40
CA ASN B 358 -16.07 7.61 10.66
C ASN B 358 -17.18 8.54 11.10
N ASP B 359 -16.86 9.49 11.99
CA ASP B 359 -17.87 10.46 12.43
C ASP B 359 -18.30 11.36 11.28
N PHE B 360 -17.35 11.79 10.45
CA PHE B 360 -17.66 12.68 9.34
C PHE B 360 -18.56 12.00 8.31
N VAL B 361 -18.17 10.81 7.87
CA VAL B 361 -18.97 10.09 6.87
C VAL B 361 -20.27 9.60 7.49
N GLY B 362 -20.20 9.01 8.69
CA GLY B 362 -21.40 8.51 9.33
C GLY B 362 -22.00 7.36 8.56
N THR B 363 -23.31 7.41 8.35
CA THR B 363 -24.03 6.38 7.62
C THR B 363 -24.06 6.64 6.12
N GLY B 364 -23.48 7.74 5.66
CA GLY B 364 -23.44 8.07 4.25
C GLY B 364 -22.17 7.63 3.58
N THR B 365 -21.78 8.35 2.55
CA THR B 365 -20.55 8.10 1.80
C THR B 365 -19.67 9.34 1.83
N LEU B 366 -18.52 9.25 1.16
CA LEU B 366 -17.64 10.42 1.08
C LEU B 366 -18.25 11.52 0.22
N GLU B 367 -19.04 11.15 -0.78
CA GLU B 367 -19.70 12.15 -1.62
C GLU B 367 -20.88 12.79 -0.91
N HIS B 368 -21.56 12.06 -0.03
CA HIS B 368 -22.68 12.58 0.75
C HIS B 368 -22.49 12.21 2.21
N PRO B 369 -21.56 12.88 2.90
CA PRO B 369 -21.33 12.56 4.31
C PRO B 369 -22.52 12.91 5.18
N ALA B 370 -22.79 12.06 6.17
CA ALA B 370 -23.91 12.28 7.07
C ALA B 370 -23.61 13.36 8.10
N GLY B 371 -22.36 13.48 8.53
CA GLY B 371 -21.99 14.48 9.51
C GLY B 371 -21.22 15.65 8.91
N GLY B 372 -21.39 15.87 7.61
CA GLY B 372 -20.63 16.91 6.94
C GLY B 372 -21.01 18.31 7.38
N SER B 373 -22.30 18.55 7.61
CA SER B 373 -22.77 19.88 7.98
C SER B 373 -22.74 20.13 9.48
N ASN B 374 -22.46 19.11 10.30
CA ASN B 374 -22.42 19.25 11.75
C ASN B 374 -21.12 18.62 12.24
N LEU B 375 -20.04 19.39 12.23
CA LEU B 375 -18.75 18.91 12.71
C LEU B 375 -18.73 18.88 14.23
N ASN B 376 -18.19 17.79 14.78
CA ASN B 376 -18.30 17.53 16.21
C ASN B 376 -17.23 18.21 17.05
N ASN B 377 -16.24 18.84 16.42
CA ASN B 377 -15.20 19.59 17.14
C ASN B 377 -14.46 18.70 18.14
N LYS B 378 -14.21 17.47 17.76
CA LYS B 378 -13.54 16.50 18.62
C LYS B 378 -12.15 16.21 18.07
N LEU B 379 -11.14 16.38 18.92
CA LEU B 379 -9.76 16.11 18.53
C LEU B 379 -9.49 14.62 18.70
N ASN B 380 -9.19 13.94 17.59
CA ASN B 380 -8.95 12.50 17.62
C ASN B 380 -7.66 12.19 18.36
N ARG B 381 -7.70 11.13 19.19
CA ARG B 381 -6.51 10.68 19.89
C ARG B 381 -5.65 9.74 19.07
N LYS B 382 -6.13 9.30 17.91
CA LYS B 382 -5.39 8.40 17.03
C LYS B 382 -5.35 9.00 15.64
N GLY B 383 -4.63 8.31 14.74
CA GLY B 383 -4.66 8.64 13.34
C GLY B 383 -5.82 7.97 12.65
N PRO B 384 -5.92 8.14 11.33
CA PRO B 384 -5.04 8.94 10.45
C PRO B 384 -5.36 10.43 10.53
N GLY B 385 -4.52 11.26 9.92
CA GLY B 385 -4.71 12.69 9.98
C GLY B 385 -5.77 13.22 9.03
N PHE B 386 -7.00 12.75 9.18
CA PHE B 386 -8.12 13.31 8.43
C PHE B 386 -8.57 14.61 9.08
N PHE B 387 -8.93 15.58 8.25
CA PHE B 387 -9.39 16.86 8.75
C PHE B 387 -10.53 17.37 7.88
N ALA B 388 -11.41 18.14 8.52
CA ALA B 388 -12.51 18.82 7.83
C ALA B 388 -12.80 20.11 8.59
N LEU B 389 -12.56 21.25 7.96
CA LEU B 389 -12.79 22.55 8.56
C LEU B 389 -14.03 23.19 7.96
N GLY B 390 -14.93 23.65 8.82
CA GLY B 390 -16.20 24.20 8.38
C GLY B 390 -16.38 25.64 8.83
N ALA B 391 -16.89 26.47 7.93
CA ALA B 391 -17.13 27.89 8.19
C ALA B 391 -18.35 28.39 7.43
N PRO B 392 -19.20 29.20 8.06
CA PRO B 392 -20.33 29.79 7.35
C PRO B 392 -20.01 31.18 6.80
N PHE B 393 -20.80 31.58 5.81
CA PHE B 393 -20.63 32.89 5.21
C PHE B 393 -21.90 33.25 4.43
N THR B 394 -22.18 34.55 4.37
CA THR B 394 -23.29 35.08 3.58
C THR B 394 -22.73 35.86 2.41
N VAL B 395 -23.21 35.55 1.21
CA VAL B 395 -22.76 36.21 -0.02
C VAL B 395 -23.93 36.97 -0.61
N GLU B 396 -23.72 38.26 -0.86
CA GLU B 396 -24.73 39.15 -1.39
C GLU B 396 -24.86 38.98 -2.90
N PRO B 397 -25.99 39.37 -3.49
CA PRO B 397 -26.15 39.25 -4.94
C PRO B 397 -25.08 40.01 -5.68
N GLY B 398 -24.45 39.35 -6.65
CA GLY B 398 -23.40 39.94 -7.44
C GLY B 398 -22.06 40.04 -6.75
N LYS B 399 -21.93 39.51 -5.53
CA LYS B 399 -20.70 39.60 -4.76
C LYS B 399 -19.96 38.27 -4.77
N THR B 400 -18.71 38.32 -4.35
CA THR B 400 -17.84 37.14 -4.32
C THR B 400 -17.25 36.98 -2.92
N VAL B 401 -17.16 35.73 -2.48
CA VAL B 401 -16.52 35.37 -1.22
C VAL B 401 -15.32 34.49 -1.54
N ILE B 402 -14.17 34.83 -0.95
CA ILE B 402 -12.93 34.11 -1.21
C ILE B 402 -12.60 33.26 0.00
N ILE B 403 -12.11 32.04 -0.25
CA ILE B 403 -11.64 31.16 0.80
C ILE B 403 -10.26 30.68 0.41
N ASP B 404 -9.25 31.03 1.21
CA ASP B 404 -7.87 30.64 0.94
C ASP B 404 -7.47 29.54 1.91
N THR B 405 -7.07 28.40 1.38
CA THR B 405 -6.60 27.28 2.18
C THR B 405 -5.10 27.09 1.95
N PHE B 406 -4.35 27.05 3.03
CA PHE B 406 -2.90 26.84 3.01
C PHE B 406 -2.62 25.49 3.66
N THR B 407 -2.14 24.54 2.87
CA THR B 407 -1.64 23.29 3.40
C THR B 407 -0.12 23.31 3.33
N GLY B 408 0.55 22.58 4.21
CA GLY B 408 1.99 22.59 4.10
C GLY B 408 2.68 21.85 5.22
N LEU B 409 4.00 21.99 5.22
CA LEU B 409 4.90 21.24 6.08
C LEU B 409 6.16 22.04 6.33
N SER B 410 6.61 22.03 7.58
CA SER B 410 7.91 22.57 7.98
C SER B 410 8.82 21.41 8.35
N SER B 411 10.11 21.54 8.06
CA SER B 411 11.04 20.43 8.20
C SER B 411 12.32 20.88 8.89
N SER B 412 12.99 19.93 9.51
CA SER B 412 14.31 20.15 10.09
C SER B 412 15.41 20.19 9.03
N LYS B 413 15.10 19.84 7.79
CA LYS B 413 16.08 19.90 6.72
C LYS B 413 16.47 21.33 6.36
N ASP B 414 15.73 22.32 6.86
CA ASP B 414 16.03 23.72 6.58
C ASP B 414 16.21 24.53 7.85
N ASN B 415 16.22 23.90 9.02
CA ASN B 415 16.32 24.61 10.28
C ASN B 415 17.20 23.84 11.24
N GLU B 416 17.78 24.57 12.19
CA GLU B 416 18.56 24.00 13.27
C GLU B 416 17.77 24.07 14.58
N ASN B 417 18.02 23.09 15.45
CA ASN B 417 17.27 22.96 16.70
C ASN B 417 15.77 22.96 16.45
N TYR B 418 15.37 22.13 15.50
CA TYR B 418 13.99 22.13 15.03
C TYR B 418 13.04 21.58 16.10
N SER B 419 11.85 22.16 16.15
CA SER B 419 10.75 21.69 16.99
C SER B 419 9.46 22.22 16.37
N ASP B 420 8.34 21.98 17.04
CA ASP B 420 7.07 22.51 16.55
C ASP B 420 7.00 24.03 16.68
N ALA B 421 7.82 24.63 17.55
CA ALA B 421 7.86 26.08 17.65
C ALA B 421 8.35 26.71 16.35
N VAL B 422 9.30 26.06 15.68
CA VAL B 422 9.77 26.54 14.39
C VAL B 422 8.64 26.53 13.38
N MET B 423 7.85 25.45 13.37
CA MET B 423 6.70 25.38 12.46
C MET B 423 5.71 26.48 12.77
N LEU B 424 5.44 26.73 14.05
CA LEU B 424 4.50 27.77 14.42
C LEU B 424 4.98 29.14 13.96
N ARG B 425 6.27 29.42 14.15
CA ARG B 425 6.82 30.71 13.71
C ARG B 425 6.75 30.86 12.20
N GLU B 426 7.10 29.80 11.46
CA GLU B 426 7.06 29.88 10.00
C GLU B 426 5.64 30.02 9.49
N LEU B 427 4.69 29.32 10.11
CA LEU B 427 3.29 29.46 9.74
C LEU B 427 2.79 30.87 10.02
N ASP B 428 3.22 31.46 11.13
CA ASP B 428 2.87 32.84 11.42
C ASP B 428 3.41 33.78 10.35
N ASN B 429 4.67 33.56 9.94
CA ASN B 429 5.24 34.39 8.87
C ASN B 429 4.44 34.26 7.59
N LEU B 430 4.09 33.02 7.22
CA LEU B 430 3.34 32.79 5.99
C LEU B 430 1.96 33.44 6.05
N LEU B 431 1.29 33.35 7.19
CA LEU B 431 -0.05 33.93 7.31
C LEU B 431 0.01 35.45 7.33
N ARG B 432 1.06 36.03 7.92
CA ARG B 432 1.20 37.48 7.87
C ARG B 432 1.49 37.94 6.45
N TYR B 433 2.24 37.15 5.68
CA TYR B 433 2.53 37.53 4.30
C TYR B 433 1.25 37.59 3.46
N PHE B 434 0.36 36.62 3.64
CA PHE B 434 -0.86 36.50 2.84
C PHE B 434 -2.07 37.07 3.55
N GLU B 435 -1.88 38.08 4.39
CA GLU B 435 -3.01 38.66 5.12
C GLU B 435 -3.89 39.52 4.24
N LYS B 436 -3.39 39.98 3.09
CA LYS B 436 -4.17 40.77 2.16
C LYS B 436 -4.68 39.89 1.02
N SER B 437 -5.84 40.26 0.49
CA SER B 437 -6.46 39.47 -0.56
C SER B 437 -5.61 39.47 -1.84
N GLU B 438 -5.02 40.61 -2.18
CA GLU B 438 -4.27 40.73 -3.42
C GLU B 438 -2.92 40.01 -3.39
N SER B 439 -2.47 39.56 -2.22
CA SER B 439 -1.18 38.87 -2.13
C SER B 439 -1.20 37.56 -2.90
N VAL B 440 -2.32 36.83 -2.84
CA VAL B 440 -2.42 35.56 -3.57
C VAL B 440 -2.35 35.80 -5.06
N GLU B 441 -3.07 36.80 -5.56
CA GLU B 441 -3.03 37.13 -6.99
C GLU B 441 -1.63 37.58 -7.40
N GLU B 442 -0.96 38.36 -6.55
CA GLU B 442 0.39 38.79 -6.86
C GLU B 442 1.35 37.61 -6.94
N THR B 443 1.21 36.65 -6.02
CA THR B 443 2.07 35.47 -6.06
C THR B 443 1.80 34.64 -7.30
N LEU B 444 0.53 34.48 -7.68
CA LEU B 444 0.21 33.74 -8.90
C LEU B 444 0.80 34.42 -10.13
N ASN B 445 0.67 35.75 -10.21
CA ASN B 445 1.25 36.48 -11.32
C ASN B 445 2.77 36.36 -11.34
N GLU B 446 3.38 36.34 -10.15
CA GLU B 446 4.83 36.15 -10.08
C GLU B 446 5.24 34.80 -10.63
N ILE B 447 4.48 33.75 -10.30
CA ILE B 447 4.76 32.41 -10.82
C ILE B 447 4.64 32.41 -12.35
N ILE B 448 3.55 32.99 -12.86
CA ILE B 448 3.31 33.00 -14.30
C ILE B 448 4.44 33.75 -15.02
N ASN B 449 4.81 34.91 -14.48
CA ASN B 449 5.86 35.71 -15.10
C ASN B 449 7.21 35.00 -15.03
N PHE B 450 7.50 34.31 -13.93
CA PHE B 450 8.75 33.58 -13.83
C PHE B 450 8.84 32.51 -14.90
N HIS B 451 7.77 31.75 -15.10
CA HIS B 451 7.83 30.68 -16.09
C HIS B 451 7.87 31.24 -17.51
N GLU B 452 7.14 32.34 -17.75
CA GLU B 452 7.21 32.99 -19.06
C GLU B 452 8.61 33.48 -19.37
N ASN B 453 9.28 34.08 -18.38
CA ASN B 453 10.64 34.57 -18.59
C ASN B 453 11.63 33.42 -18.74
N TYR B 454 11.42 32.33 -18.01
CA TYR B 454 12.28 31.17 -18.13
C TYR B 454 12.20 30.58 -19.53
N GLY B 455 11.01 30.55 -20.12
CA GLY B 455 10.88 29.98 -21.45
C GLY B 455 11.40 30.83 -22.59
N LYS B 456 12.02 31.98 -22.30
CA LYS B 456 12.40 32.94 -23.32
C LYS B 456 13.75 32.64 -23.97
N TYR B 457 14.45 31.59 -23.53
CA TYR B 457 15.77 31.30 -24.11
C TYR B 457 15.66 30.95 -25.59
N PHE B 458 14.66 30.15 -25.95
CA PHE B 458 14.45 29.75 -27.34
C PHE B 458 12.95 29.84 -27.62
N GLN B 459 12.56 30.69 -28.57
CA GLN B 459 11.15 30.90 -28.89
C GLN B 459 10.92 30.61 -30.36
N PHE B 460 9.96 29.72 -30.63
CA PHE B 460 9.58 29.38 -32.00
C PHE B 460 8.45 30.29 -32.47
N ASN B 461 8.51 30.68 -33.73
CA ASN B 461 7.45 31.48 -34.37
C ASN B 461 7.24 30.90 -35.77
N THR B 462 6.35 29.92 -35.88
CA THR B 462 6.13 29.21 -37.13
C THR B 462 4.70 29.31 -37.63
N GLY B 463 3.84 30.06 -36.96
CA GLY B 463 2.44 30.14 -37.33
C GLY B 463 1.57 29.04 -36.74
N ASN B 464 2.12 27.84 -36.58
CA ASN B 464 1.42 26.74 -35.93
C ASN B 464 1.36 27.04 -34.44
N LYS B 465 0.21 27.53 -33.97
CA LYS B 465 0.09 27.96 -32.58
C LYS B 465 0.26 26.79 -31.62
N LEU B 466 -0.27 25.62 -31.98
CA LEU B 466 -0.18 24.46 -31.09
C LEU B 466 1.26 24.04 -30.88
N PHE B 467 2.04 23.95 -31.96
CA PHE B 467 3.44 23.56 -31.85
C PHE B 467 4.24 24.60 -31.08
N ASP B 468 4.00 25.88 -31.35
CA ASP B 468 4.72 26.94 -30.66
C ASP B 468 4.43 26.93 -29.17
N SER B 469 3.15 26.75 -28.80
CA SER B 469 2.81 26.68 -27.39
C SER B 469 3.38 25.44 -26.74
N GLY B 470 3.37 24.31 -27.44
CA GLY B 470 3.90 23.09 -26.87
C GLY B 470 5.39 23.16 -26.62
N PHE B 471 6.12 23.83 -27.49
CA PHE B 471 7.57 23.92 -27.29
C PHE B 471 7.93 25.04 -26.32
N ASN B 472 7.37 26.24 -26.54
CA ASN B 472 7.82 27.41 -25.79
C ASN B 472 7.40 27.34 -24.32
N ARG B 473 6.28 26.70 -24.01
CA ARG B 473 5.76 26.69 -22.64
C ARG B 473 5.76 25.29 -22.04
N ASN B 474 5.13 24.31 -22.69
CA ASN B 474 4.96 23.00 -22.07
C ASN B 474 6.29 22.25 -21.98
N LEU B 475 7.04 22.21 -23.08
CA LEU B 475 8.30 21.46 -23.09
C LEU B 475 9.33 22.11 -22.17
N ALA B 476 9.40 23.44 -22.17
CA ALA B 476 10.34 24.13 -21.28
C ALA B 476 10.01 23.84 -19.83
N PHE B 477 8.74 23.88 -19.46
CA PHE B 477 8.35 23.56 -18.10
C PHE B 477 8.69 22.12 -17.76
N GLN B 478 8.46 21.19 -18.69
CA GLN B 478 8.78 19.80 -18.41
C GLN B 478 10.28 19.60 -18.21
N VAL B 479 11.09 20.31 -18.99
CA VAL B 479 12.54 20.22 -18.82
C VAL B 479 12.96 20.75 -17.46
N LEU B 480 12.40 21.89 -17.06
CA LEU B 480 12.70 22.43 -15.72
C LEU B 480 12.26 21.46 -14.62
N TYR B 481 11.06 20.88 -14.78
CA TYR B 481 10.53 19.96 -13.78
C TYR B 481 11.41 18.73 -13.66
N GLN B 482 11.87 18.19 -14.78
CA GLN B 482 12.74 17.01 -14.73
C GLN B 482 14.12 17.35 -14.21
N THR B 483 14.61 18.57 -14.45
CA THR B 483 15.86 18.99 -13.85
C THR B 483 15.75 19.03 -12.33
N PHE B 484 14.64 19.55 -11.82
CA PHE B 484 14.49 19.64 -10.37
C PHE B 484 14.12 18.31 -9.72
N MET B 485 13.42 17.43 -10.45
CA MET B 485 12.82 16.26 -9.84
C MET B 485 13.35 14.93 -10.34
N SER B 486 14.08 14.91 -11.45
CA SER B 486 14.60 13.67 -12.05
C SER B 486 13.42 12.78 -12.39
N ARG B 487 13.27 11.59 -11.80
CA ARG B 487 12.15 10.70 -12.07
C ARG B 487 11.56 10.18 -10.75
N SER B 488 11.36 11.08 -9.80
CA SER B 488 10.97 10.70 -8.46
C SER B 488 9.48 10.80 -8.18
N PHE B 489 8.75 11.65 -8.89
CA PHE B 489 7.35 11.88 -8.60
C PHE B 489 6.53 11.87 -9.89
N GLY B 490 5.26 11.56 -9.74
CA GLY B 490 4.36 11.53 -10.88
C GLY B 490 3.02 10.98 -10.47
N GLN B 491 2.16 10.82 -11.49
CA GLN B 491 0.84 10.23 -11.25
C GLN B 491 0.95 8.79 -10.81
N THR B 492 1.83 8.01 -11.44
CA THR B 492 2.04 6.62 -11.07
C THR B 492 3.42 6.37 -10.46
N GLN B 493 4.29 7.36 -10.43
CA GLN B 493 5.60 7.24 -9.79
C GLN B 493 5.45 7.69 -8.34
N LYS B 494 5.07 6.75 -7.48
CA LYS B 494 4.73 7.07 -6.10
C LYS B 494 5.74 6.54 -5.08
N GLY B 495 6.63 5.64 -5.47
CA GLY B 495 7.64 5.13 -4.56
C GLY B 495 8.76 6.11 -4.36
N TYR B 496 9.67 5.75 -3.45
CA TYR B 496 10.83 6.57 -3.14
C TYR B 496 11.94 6.26 -4.13
N ARG B 497 12.42 7.29 -4.82
CA ARG B 497 13.50 7.15 -5.80
C ARG B 497 14.55 8.21 -5.56
N GLU B 498 15.81 7.84 -5.71
CA GLU B 498 16.93 8.76 -5.61
C GLU B 498 17.32 9.25 -6.99
N ILE B 499 18.18 10.27 -7.02
CA ILE B 499 18.62 10.86 -8.26
C ILE B 499 19.69 9.98 -8.89
N GLY B 500 19.43 9.50 -10.11
CA GLY B 500 20.42 8.73 -10.82
C GLY B 500 21.51 9.60 -11.42
N PHE B 501 22.70 9.03 -11.53
CA PHE B 501 23.84 9.79 -12.07
C PHE B 501 23.59 10.17 -13.52
N ARG B 502 23.18 9.21 -14.35
CA ARG B 502 22.96 9.48 -15.76
C ARG B 502 21.84 10.50 -15.99
N GLU B 503 21.00 10.73 -14.98
CA GLU B 503 19.99 11.78 -15.09
C GLU B 503 20.59 13.17 -15.23
N ILE B 504 21.91 13.29 -15.13
CA ILE B 504 22.61 14.52 -15.48
C ILE B 504 22.25 14.91 -16.91
N GLN B 505 21.73 13.94 -17.68
CA GLN B 505 21.27 14.23 -19.04
C GLN B 505 20.25 15.36 -19.07
N ASP B 506 19.42 15.49 -18.02
CA ASP B 506 18.46 16.58 -17.99
C ASP B 506 19.16 17.93 -18.07
N LEU B 507 20.26 18.08 -17.33
CA LEU B 507 21.01 19.32 -17.36
C LEU B 507 21.58 19.62 -18.75
N PHE B 508 21.61 18.62 -19.64
CA PHE B 508 22.04 18.87 -21.01
C PHE B 508 21.15 19.90 -21.68
N ALA B 509 19.86 19.95 -21.31
CA ALA B 509 18.92 20.82 -21.99
C ALA B 509 18.57 22.07 -21.19
N SER B 510 18.37 21.94 -19.87
CA SER B 510 17.88 23.06 -19.08
C SER B 510 18.94 24.10 -18.77
N MET B 511 20.22 23.75 -18.85
CA MET B 511 21.26 24.67 -18.40
C MET B 511 21.21 25.98 -19.19
N TYR B 512 21.05 25.90 -20.50
CA TYR B 512 20.98 27.11 -21.32
C TYR B 512 19.84 28.01 -20.89
N TYR B 513 18.75 27.43 -20.41
CA TYR B 513 17.67 28.24 -19.85
C TYR B 513 18.10 28.94 -18.57
N PHE B 514 18.68 28.18 -17.63
CA PHE B 514 19.03 28.74 -16.34
C PHE B 514 20.06 29.84 -16.49
N ILE B 515 21.10 29.60 -17.29
CA ILE B 515 22.13 30.61 -17.52
C ILE B 515 21.50 31.88 -18.09
N ASN B 516 20.41 31.75 -18.82
CA ASN B 516 19.78 32.91 -19.45
C ASN B 516 18.79 33.62 -18.54
N ILE B 517 18.59 33.15 -17.31
CA ILE B 517 17.82 33.90 -16.33
C ILE B 517 18.69 34.29 -15.15
N GLY B 518 20.00 34.35 -15.34
CA GLY B 518 20.90 34.77 -14.29
C GLY B 518 21.22 33.74 -13.23
N TYR B 519 21.09 32.46 -13.56
CA TYR B 519 21.34 31.39 -12.61
C TYR B 519 22.45 30.45 -13.09
N GLN B 520 23.54 31.05 -13.56
CA GLN B 520 24.71 30.25 -13.93
C GLN B 520 25.33 29.58 -12.71
N ASP B 521 25.28 30.26 -11.56
CA ASP B 521 25.83 29.68 -10.33
C ASP B 521 25.06 28.44 -9.91
N PHE B 522 23.76 28.40 -10.17
CA PHE B 522 22.98 27.19 -9.88
C PHE B 522 23.45 26.02 -10.74
N VAL B 523 23.74 26.28 -12.02
CA VAL B 523 24.26 25.24 -12.89
C VAL B 523 25.62 24.76 -12.40
N LYS B 524 26.47 25.69 -11.97
CA LYS B 524 27.76 25.31 -11.40
C LYS B 524 27.58 24.45 -10.16
N GLU B 525 26.63 24.81 -9.30
CA GLU B 525 26.37 24.03 -8.10
C GLU B 525 25.91 22.62 -8.45
N LEU B 526 25.05 22.49 -9.45
CA LEU B 526 24.61 21.16 -9.88
C LEU B 526 25.78 20.36 -10.43
N LEU B 527 26.64 20.99 -11.22
CA LEU B 527 27.79 20.29 -11.77
C LEU B 527 28.71 19.79 -10.66
N PHE B 528 28.95 20.64 -9.65
CA PHE B 528 29.82 20.24 -8.54
C PHE B 528 29.17 19.15 -7.70
N GLU B 529 27.84 19.22 -7.53
CA GLU B 529 27.15 18.18 -6.78
C GLU B 529 27.28 16.82 -7.48
N TRP B 530 27.16 16.81 -8.80
CA TRP B 530 27.36 15.56 -9.52
C TRP B 530 28.81 15.11 -9.47
N THR B 531 29.75 16.05 -9.56
CA THR B 531 31.17 15.71 -9.51
C THR B 531 31.57 15.13 -8.16
N ALA B 532 30.87 15.53 -7.09
CA ALA B 532 31.19 15.02 -5.76
C ALA B 532 30.88 13.55 -5.60
N ASN B 533 30.17 12.93 -6.54
CA ASN B 533 29.82 11.52 -6.47
C ASN B 533 30.74 10.64 -7.30
N VAL B 534 31.87 11.16 -7.74
CA VAL B 534 32.85 10.40 -8.51
C VAL B 534 34.00 10.01 -7.59
N TYR B 535 34.38 8.74 -7.62
CA TYR B 535 35.45 8.25 -6.78
C TYR B 535 36.82 8.56 -7.37
N LYS B 536 37.87 8.29 -6.60
CA LYS B 536 39.21 8.61 -7.04
C LYS B 536 39.62 7.81 -8.26
N MET B 537 39.25 6.53 -8.31
CA MET B 537 39.63 5.70 -9.45
C MET B 537 38.93 6.16 -10.73
N GLY B 538 37.66 6.53 -10.66
CA GLY B 538 36.97 7.01 -11.83
C GLY B 538 35.52 6.59 -11.95
N TYR B 539 35.09 5.63 -11.14
CA TYR B 539 33.69 5.23 -11.15
C TYR B 539 32.87 6.18 -10.27
N ALA B 540 31.55 6.00 -10.30
CA ALA B 540 30.65 6.92 -9.65
C ALA B 540 29.53 6.16 -8.94
N ASN B 541 28.91 6.84 -7.98
CA ASN B 541 27.72 6.30 -7.34
C ASN B 541 26.57 6.24 -8.33
N HIS B 542 25.79 5.17 -8.25
CA HIS B 542 24.65 5.04 -9.16
C HIS B 542 23.52 5.99 -8.78
N ASN B 543 23.28 6.16 -7.48
CA ASN B 543 22.19 7.00 -7.00
C ASN B 543 22.69 7.85 -5.84
N PHE B 544 21.99 8.97 -5.61
CA PHE B 544 22.30 9.85 -4.49
C PHE B 544 21.15 10.82 -4.25
N TYR B 545 20.72 10.96 -3.00
CA TYR B 545 19.84 12.06 -2.61
C TYR B 545 20.49 12.98 -1.60
N TRP B 546 20.88 12.47 -0.43
CA TRP B 546 21.71 13.20 0.51
C TRP B 546 23.16 12.72 0.49
N VAL B 547 23.35 11.42 0.31
CA VAL B 547 24.67 10.82 0.14
C VAL B 547 24.58 9.82 -1.01
N GLY B 548 25.75 9.48 -1.56
CA GLY B 548 25.79 8.53 -2.64
C GLY B 548 25.68 7.09 -2.17
N LYS B 549 25.37 6.21 -3.12
CA LYS B 549 25.27 4.78 -2.82
C LYS B 549 25.50 4.01 -4.11
N GLN B 550 25.79 2.70 -3.94
CA GLN B 550 26.06 1.79 -5.05
C GLN B 550 27.25 2.26 -5.86
N PRO B 551 28.47 2.19 -5.32
CA PRO B 551 29.64 2.73 -6.02
C PRO B 551 30.05 1.84 -7.20
N GLY B 552 30.08 2.44 -8.39
CA GLY B 552 30.52 1.72 -9.57
C GLY B 552 29.65 0.55 -9.95
N LEU B 553 28.37 0.59 -9.59
CA LEU B 553 27.47 -0.52 -9.94
C LEU B 553 27.29 -0.64 -11.44
N TYR B 554 27.17 0.49 -12.13
CA TYR B 554 26.98 0.50 -13.58
C TYR B 554 28.18 1.18 -14.24
N SER B 555 28.56 0.66 -15.41
CA SER B 555 29.83 1.04 -16.02
C SER B 555 29.76 2.35 -16.81
N ASP B 556 28.55 2.84 -17.12
CA ASP B 556 28.41 4.00 -17.98
C ASP B 556 28.17 5.30 -17.22
N ASP B 557 28.00 5.23 -15.90
CA ASP B 557 27.48 6.37 -15.15
C ASP B 557 28.41 7.58 -15.24
N SER B 558 29.69 7.39 -14.92
CA SER B 558 30.60 8.52 -14.81
C SER B 558 30.93 9.15 -16.16
N LEU B 559 30.65 8.47 -17.26
CA LEU B 559 31.00 8.99 -18.57
C LEU B 559 30.05 10.10 -19.04
N TRP B 560 28.86 10.21 -18.44
CA TRP B 560 27.93 11.26 -18.85
C TRP B 560 28.34 12.64 -18.34
N LEU B 561 29.13 12.71 -17.27
CA LEU B 561 29.52 13.99 -16.69
C LEU B 561 30.35 14.82 -17.65
N LEU B 562 31.15 14.17 -18.51
CA LEU B 562 31.98 14.89 -19.45
C LEU B 562 31.15 15.69 -20.43
N GLN B 563 30.02 15.13 -20.87
CA GLN B 563 29.15 15.85 -21.80
C GLN B 563 28.58 17.11 -21.16
N ALA B 564 28.13 17.02 -19.91
CA ALA B 564 27.61 18.20 -19.22
C ALA B 564 28.68 19.25 -19.04
N TYR B 565 29.88 18.84 -18.62
CA TYR B 565 30.97 19.81 -18.44
C TYR B 565 31.33 20.46 -19.76
N TYR B 566 31.39 19.68 -20.84
CA TYR B 566 31.71 20.22 -22.15
C TYR B 566 30.66 21.23 -22.59
N ARG B 567 29.37 20.91 -22.39
CA ARG B 567 28.31 21.83 -22.78
C ARG B 567 28.43 23.14 -22.01
N TYR B 568 28.62 23.06 -20.69
CA TYR B 568 28.71 24.27 -19.88
C TYR B 568 29.90 25.11 -20.29
N ILE B 569 31.08 24.49 -20.44
CA ILE B 569 32.29 25.24 -20.73
C ILE B 569 32.23 25.84 -22.13
N ILE B 570 31.65 25.11 -23.09
CA ILE B 570 31.54 25.66 -24.44
C ILE B 570 30.59 26.84 -24.46
N TYR B 571 29.45 26.72 -23.78
CA TYR B 571 28.48 27.82 -23.82
C TYR B 571 28.98 29.05 -23.08
N THR B 572 29.57 28.87 -21.90
CA THR B 572 29.93 30.00 -21.07
C THR B 572 31.37 30.45 -21.23
N LYS B 573 32.23 29.60 -21.79
CA LYS B 573 33.67 29.88 -21.88
C LYS B 573 34.27 30.12 -20.49
N ASP B 574 33.75 29.41 -19.50
CA ASP B 574 34.16 29.56 -18.10
C ASP B 574 34.95 28.32 -17.72
N THR B 575 36.26 28.38 -17.91
CA THR B 575 37.16 27.28 -17.59
C THR B 575 37.60 27.28 -16.13
N SER B 576 37.24 28.31 -15.36
CA SER B 576 37.64 28.37 -13.96
C SER B 576 37.07 27.20 -13.16
N VAL B 577 35.95 26.63 -13.62
CA VAL B 577 35.37 25.47 -12.95
C VAL B 577 36.34 24.29 -12.96
N LEU B 578 37.31 24.29 -13.86
CA LEU B 578 38.30 23.21 -13.87
C LEU B 578 39.20 23.27 -12.64
N ASN B 579 39.39 24.45 -12.06
CA ASN B 579 40.26 24.61 -10.92
C ASN B 579 39.55 24.41 -9.58
N GLU B 580 38.23 24.22 -9.60
CA GLU B 580 37.48 24.06 -8.36
C GLU B 580 37.84 22.75 -7.68
N GLU B 581 37.98 22.80 -6.36
CA GLU B 581 38.28 21.63 -5.55
C GLU B 581 36.98 21.07 -5.00
N VAL B 582 36.61 19.88 -5.44
CA VAL B 582 35.37 19.23 -5.03
C VAL B 582 35.73 18.00 -4.20
N PRO B 583 34.97 17.67 -3.16
CA PRO B 583 35.23 16.43 -2.41
C PRO B 583 35.10 15.21 -3.31
N VAL B 584 35.92 14.20 -3.02
CA VAL B 584 35.81 12.93 -3.72
C VAL B 584 34.77 12.05 -3.03
N ALA B 585 34.22 11.11 -3.80
CA ALA B 585 33.20 10.22 -3.25
C ALA B 585 33.77 9.23 -2.24
N ASP B 586 35.09 9.01 -2.26
CA ASP B 586 35.71 8.13 -1.27
C ASP B 586 35.52 8.68 0.14
N GLY B 587 35.69 9.99 0.31
CA GLY B 587 35.45 10.63 1.58
C GLY B 587 36.72 10.95 2.34
N ASN B 588 36.56 11.07 3.65
CA ASN B 588 37.64 11.37 4.59
C ASN B 588 38.33 12.68 4.18
N ASN B 589 37.52 13.74 4.15
CA ASN B 589 37.99 15.13 3.97
C ASN B 589 38.98 15.26 2.82
N GLU B 590 38.72 14.56 1.73
CA GLU B 590 39.60 14.54 0.58
C GLU B 590 38.98 15.31 -0.58
N LYS B 591 39.76 16.18 -1.20
CA LYS B 591 39.29 17.02 -2.30
C LYS B 591 40.20 16.87 -3.50
N ARG B 592 39.63 17.05 -4.68
CA ARG B 592 40.37 16.96 -5.94
C ARG B 592 39.86 18.04 -6.88
N ALA B 593 40.76 18.52 -7.74
CA ALA B 593 40.36 19.47 -8.77
C ALA B 593 39.46 18.78 -9.79
N VAL B 594 38.58 19.58 -10.40
CA VAL B 594 37.63 19.04 -11.37
C VAL B 594 38.37 18.45 -12.56
N ARG B 595 39.43 19.12 -13.01
CA ARG B 595 40.21 18.63 -14.14
C ARG B 595 40.79 17.25 -13.85
N GLU B 596 41.31 17.06 -12.64
CA GLU B 596 41.85 15.75 -12.27
C GLU B 596 40.74 14.70 -12.19
N THR B 597 39.55 15.09 -11.75
CA THR B 597 38.44 14.14 -11.71
C THR B 597 38.06 13.69 -13.12
N LEU B 598 38.00 14.63 -14.07
CA LEU B 598 37.70 14.25 -15.46
C LEU B 598 38.79 13.35 -16.02
N LYS B 599 40.06 13.67 -15.73
CA LYS B 599 41.15 12.83 -16.19
C LYS B 599 41.06 11.42 -15.60
N ALA B 600 40.70 11.32 -14.32
CA ALA B 600 40.55 10.02 -13.69
C ALA B 600 39.40 9.23 -14.30
N ILE B 601 38.30 9.91 -14.62
CA ILE B 601 37.17 9.23 -15.26
C ILE B 601 37.61 8.64 -16.60
N ILE B 602 38.30 9.45 -17.40
CA ILE B 602 38.75 8.98 -18.71
C ILE B 602 39.73 7.83 -18.56
N GLN B 603 40.67 7.94 -17.61
CA GLN B 603 41.65 6.87 -17.40
C GLN B 603 40.98 5.58 -16.96
N TYR B 604 40.00 5.67 -16.07
CA TYR B 604 39.29 4.49 -15.61
C TYR B 604 38.55 3.81 -16.75
N SER B 605 37.88 4.59 -17.59
CA SER B 605 37.09 3.98 -18.66
C SER B 605 37.93 3.56 -19.85
N ALA B 606 39.17 4.05 -19.98
CA ALA B 606 39.98 3.78 -21.16
C ALA B 606 41.16 2.86 -20.92
N SER B 607 41.64 2.74 -19.70
CA SER B 607 42.84 1.94 -19.48
C SER B 607 42.69 0.86 -18.41
N ILE B 608 41.94 1.14 -17.34
CA ILE B 608 41.85 0.22 -16.22
C ILE B 608 40.72 -0.77 -16.43
N SER B 609 39.49 -0.27 -16.53
CA SER B 609 38.31 -1.13 -16.63
C SER B 609 38.00 -1.42 -18.11
N VAL B 610 38.89 -2.20 -18.72
CA VAL B 610 38.75 -2.59 -20.12
C VAL B 610 38.93 -4.09 -20.23
N GLY B 611 38.41 -4.64 -21.32
CA GLY B 611 38.44 -6.06 -21.57
C GLY B 611 39.57 -6.48 -22.47
N ASP B 612 39.42 -7.65 -23.10
CA ASP B 612 40.47 -8.20 -23.94
C ASP B 612 40.71 -7.33 -25.16
N HIS B 613 39.66 -6.79 -25.75
CA HIS B 613 39.79 -5.94 -26.93
C HIS B 613 40.07 -4.48 -26.59
N GLY B 614 40.15 -4.14 -25.31
CA GLY B 614 40.40 -2.77 -24.90
C GLY B 614 39.17 -1.92 -24.73
N LEU B 615 37.99 -2.46 -24.97
CA LEU B 615 36.76 -1.71 -24.78
C LEU B 615 36.34 -1.73 -23.31
N PRO B 616 35.59 -0.72 -22.86
CA PRO B 616 35.21 -0.68 -21.45
C PRO B 616 34.40 -1.90 -21.03
N LEU B 617 34.65 -2.35 -19.80
CA LEU B 617 33.94 -3.51 -19.27
C LEU B 617 32.47 -3.21 -19.06
N LEU B 618 31.63 -4.22 -19.29
CA LEU B 618 30.19 -4.05 -19.12
C LEU B 618 29.80 -4.02 -17.65
N ASP B 619 30.54 -4.73 -16.80
CA ASP B 619 30.26 -4.84 -15.36
C ASP B 619 28.85 -5.43 -15.19
N LEU B 620 28.09 -5.00 -14.19
CA LEU B 620 26.74 -5.53 -14.02
C LEU B 620 25.86 -5.20 -15.21
N ALA B 621 25.89 -3.94 -15.65
CA ALA B 621 25.13 -3.50 -16.81
C ALA B 621 25.61 -2.10 -17.18
N ASP B 622 25.03 -1.57 -18.24
CA ASP B 622 25.29 -0.22 -18.71
C ASP B 622 23.92 0.44 -18.82
N TRP B 623 23.85 1.56 -19.55
CA TRP B 623 22.60 2.27 -19.80
C TRP B 623 21.42 1.32 -20.03
N ASN B 624 21.66 0.24 -20.77
CA ASN B 624 20.64 -0.79 -20.96
C ASN B 624 20.63 -1.69 -19.73
N ASP B 625 19.51 -1.67 -18.99
CA ASP B 625 19.42 -2.41 -17.74
C ASP B 625 19.17 -3.91 -17.94
N SER B 626 18.79 -4.33 -19.15
CA SER B 626 18.51 -5.73 -19.41
C SER B 626 19.74 -6.52 -19.85
N LEU B 627 20.89 -5.87 -20.01
CA LEU B 627 22.10 -6.52 -20.50
C LEU B 627 22.89 -7.09 -19.32
N LYS B 628 22.27 -8.07 -18.66
CA LYS B 628 22.90 -8.79 -17.55
C LYS B 628 23.63 -10.02 -18.07
N ILE B 629 24.64 -9.77 -18.90
CA ILE B 629 25.36 -10.87 -19.54
C ILE B 629 26.21 -11.62 -18.54
N ASP B 630 26.90 -10.91 -17.66
CA ASP B 630 27.81 -11.51 -16.70
C ASP B 630 27.13 -11.64 -15.35
N SER B 631 27.07 -12.86 -14.83
CA SER B 631 26.44 -13.13 -13.54
C SER B 631 27.40 -13.01 -12.37
N ASN B 632 28.70 -12.87 -12.63
CA ASN B 632 29.71 -12.72 -11.58
C ASN B 632 30.36 -11.35 -11.64
N SER B 633 29.56 -10.33 -11.95
CA SER B 633 30.07 -8.98 -12.06
C SER B 633 30.40 -8.41 -10.67
N ILE B 634 31.24 -7.38 -10.67
CA ILE B 634 31.67 -6.73 -9.44
C ILE B 634 31.47 -5.22 -9.59
N ASP B 635 31.34 -4.55 -8.44
CA ASP B 635 31.12 -3.12 -8.42
C ASP B 635 32.47 -2.40 -8.35
N GLY B 636 32.43 -1.08 -8.14
CA GLY B 636 33.66 -0.29 -8.18
C GLY B 636 34.60 -0.59 -7.02
N ALA B 637 34.06 -0.75 -5.81
CA ALA B 637 34.91 -0.93 -4.64
C ALA B 637 35.63 -2.27 -4.67
N THR B 638 34.89 -3.35 -4.94
CA THR B 638 35.52 -4.67 -5.02
C THR B 638 36.51 -4.73 -6.17
N LYS B 639 36.16 -4.13 -7.31
CA LYS B 639 37.09 -4.08 -8.44
C LYS B 639 38.36 -3.32 -8.08
N GLU B 640 38.23 -2.22 -7.34
CA GLU B 640 39.40 -1.46 -6.93
C GLU B 640 40.28 -2.28 -5.99
N LYS B 641 39.67 -2.99 -5.04
CA LYS B 641 40.45 -3.82 -4.12
C LYS B 641 41.18 -4.93 -4.88
N LEU B 642 40.49 -5.59 -5.81
CA LEU B 642 41.12 -6.64 -6.60
C LEU B 642 42.21 -6.09 -7.50
N TYR B 643 42.00 -4.89 -8.04
CA TYR B 643 42.99 -4.26 -8.90
C TYR B 643 44.26 -3.93 -8.12
N TYR B 644 44.10 -3.42 -6.90
CA TYR B 644 45.27 -3.16 -6.06
C TYR B 644 45.98 -4.45 -5.68
N GLU B 645 45.22 -5.51 -5.40
CA GLU B 645 45.83 -6.80 -5.12
C GLU B 645 46.63 -7.30 -6.31
N GLN B 646 46.07 -7.19 -7.51
CA GLN B 646 46.77 -7.61 -8.72
C GLN B 646 48.02 -6.78 -8.95
N LEU B 647 47.93 -5.46 -8.73
CA LEU B 647 49.08 -4.59 -8.90
C LEU B 647 50.20 -4.95 -7.95
N LYS B 648 49.87 -5.24 -6.69
CA LYS B 648 50.91 -5.62 -5.73
C LYS B 648 51.48 -6.98 -6.07
N LYS B 649 50.65 -7.91 -6.55
CA LYS B 649 51.12 -9.25 -6.88
C LYS B 649 51.99 -9.23 -8.13
N THR B 650 51.53 -8.54 -9.18
CA THR B 650 52.24 -8.51 -10.45
C THR B 650 53.35 -7.47 -10.47
N ASN B 651 53.44 -6.63 -9.44
CA ASN B 651 54.43 -5.56 -9.38
C ASN B 651 54.29 -4.61 -10.56
N GLY B 652 53.04 -4.29 -10.91
CA GLY B 652 52.75 -3.35 -11.98
C GLY B 652 52.68 -1.92 -11.49
N LYS B 653 52.09 -1.07 -12.32
CA LYS B 653 51.94 0.34 -12.00
C LYS B 653 50.49 0.76 -12.20
N TYR B 654 50.10 1.84 -11.53
CA TYR B 654 48.75 2.36 -11.64
C TYR B 654 48.46 2.76 -13.07
N GLY B 655 47.26 2.45 -13.54
CA GLY B 655 46.86 2.69 -14.91
C GLY B 655 46.91 1.47 -15.80
N ASP B 656 47.43 0.36 -15.30
CA ASP B 656 47.46 -0.87 -16.08
C ASP B 656 46.07 -1.49 -16.15
N ARG B 657 45.91 -2.41 -17.10
CA ARG B 657 44.62 -3.07 -17.30
C ARG B 657 44.30 -4.00 -16.14
N PHE B 658 43.04 -4.01 -15.72
CA PHE B 658 42.55 -4.95 -14.73
C PHE B 658 42.26 -6.28 -15.42
N MET B 659 43.06 -7.29 -15.13
CA MET B 659 42.94 -8.57 -15.83
C MET B 659 41.65 -9.27 -15.43
N SER B 660 40.89 -9.69 -16.44
CA SER B 660 39.62 -10.38 -16.25
C SER B 660 39.16 -10.90 -17.61
N ASP B 661 38.06 -11.64 -17.61
CA ASP B 661 37.45 -12.14 -18.83
C ASP B 661 36.01 -11.64 -18.97
N TYR B 662 35.73 -10.48 -18.40
CA TYR B 662 34.39 -9.92 -18.45
C TYR B 662 34.06 -9.40 -19.85
N SER B 663 32.78 -9.17 -20.08
CA SER B 663 32.31 -8.67 -21.37
C SER B 663 32.59 -7.17 -21.49
N GLU B 664 32.58 -6.69 -22.74
CA GLU B 664 32.84 -5.29 -23.05
C GLU B 664 31.61 -4.67 -23.68
N SER B 665 31.36 -3.41 -23.33
CA SER B 665 30.23 -2.67 -23.85
C SER B 665 30.70 -1.71 -24.94
N VAL B 666 30.10 -1.82 -26.13
CA VAL B 666 30.48 -0.96 -27.24
C VAL B 666 29.87 0.43 -27.10
N MET B 667 28.65 0.53 -26.56
CA MET B 667 28.07 1.84 -26.31
C MET B 667 28.88 2.60 -25.28
N ASN B 668 29.44 1.89 -24.30
CA ASN B 668 30.37 2.51 -23.36
C ASN B 668 31.61 3.02 -24.09
N ALA B 669 32.08 2.28 -25.09
CA ALA B 669 33.22 2.74 -25.88
C ALA B 669 32.88 4.01 -26.65
N PHE B 670 31.69 4.09 -27.21
CA PHE B 670 31.27 5.32 -27.90
C PHE B 670 31.20 6.49 -26.93
N LEU B 671 30.63 6.25 -25.74
CA LEU B 671 30.56 7.30 -24.73
C LEU B 671 31.96 7.76 -24.32
N LEU B 672 32.88 6.80 -24.16
CA LEU B 672 34.25 7.15 -23.79
C LEU B 672 34.93 7.96 -24.88
N LYS B 673 34.72 7.60 -26.15
CA LYS B 673 35.31 8.37 -27.24
C LYS B 673 34.77 9.80 -27.26
N LEU B 674 33.45 9.95 -27.08
CA LEU B 674 32.87 11.29 -27.03
C LEU B 674 33.43 12.08 -25.85
N ALA B 675 33.58 11.44 -24.70
CA ALA B 675 34.13 12.13 -23.53
C ALA B 675 35.58 12.56 -23.78
N ILE B 676 36.36 11.71 -24.45
CA ILE B 676 37.75 12.06 -24.75
C ILE B 676 37.80 13.26 -25.69
N ASP B 677 36.95 13.27 -26.72
CA ASP B 677 36.91 14.41 -27.63
C ASP B 677 36.50 15.68 -26.89
N HIS B 678 35.52 15.57 -26.00
CA HIS B 678 35.07 16.73 -25.22
C HIS B 678 36.19 17.26 -24.33
N LEU B 679 36.93 16.37 -23.68
CA LEU B 679 38.04 16.82 -22.84
C LEU B 679 39.15 17.44 -23.67
N ALA B 680 39.39 16.92 -24.87
CA ALA B 680 40.36 17.55 -25.76
C ALA B 680 39.94 18.98 -26.12
N GLU B 681 38.66 19.16 -26.44
CA GLU B 681 38.16 20.51 -26.74
C GLU B 681 38.28 21.42 -25.53
N ILE B 682 37.95 20.91 -24.34
CA ILE B 682 38.05 21.72 -23.13
C ILE B 682 39.49 22.13 -22.87
N ALA B 683 40.42 21.18 -23.03
CA ALA B 683 41.84 21.48 -22.81
C ALA B 683 42.36 22.50 -23.80
N THR B 684 42.00 22.36 -25.07
CA THR B 684 42.47 23.34 -26.05
C THR B 684 41.80 24.70 -25.87
N LEU B 685 40.62 24.73 -25.25
CA LEU B 685 40.03 26.02 -24.87
C LEU B 685 40.70 26.61 -23.64
N ASP B 686 41.27 25.76 -22.79
CA ASP B 686 41.94 26.19 -21.57
C ASP B 686 43.44 26.40 -21.76
N ASN B 687 43.92 26.40 -23.01
CA ASN B 687 45.34 26.55 -23.32
C ASN B 687 46.18 25.44 -22.70
N ASP B 688 45.61 24.23 -22.61
CA ASP B 688 46.33 23.05 -22.13
C ASP B 688 46.70 22.21 -23.35
N THR B 689 47.82 22.58 -23.97
CA THR B 689 48.20 21.99 -25.25
C THR B 689 48.58 20.52 -25.10
N GLN B 690 49.40 20.19 -24.12
CA GLN B 690 49.85 18.81 -23.96
C GLN B 690 48.69 17.88 -23.63
N LEU B 691 47.79 18.31 -22.73
CA LEU B 691 46.63 17.51 -22.41
C LEU B 691 45.76 17.29 -23.64
N ALA B 692 45.60 18.33 -24.46
CA ALA B 692 44.86 18.19 -25.71
C ALA B 692 45.52 17.18 -26.63
N GLN B 693 46.86 17.17 -26.67
CA GLN B 693 47.57 16.22 -27.53
C GLN B 693 47.34 14.79 -27.07
N GLN B 694 47.47 14.54 -25.76
CA GLN B 694 47.23 13.19 -25.26
C GLN B 694 45.78 12.77 -25.49
N MET B 695 44.83 13.70 -25.30
CA MET B 695 43.44 13.38 -25.55
C MET B 695 43.19 13.04 -27.02
N SER B 696 43.83 13.78 -27.93
CA SER B 696 43.65 13.52 -29.36
C SER B 696 44.20 12.15 -29.73
N GLU B 697 45.40 11.82 -29.25
CA GLU B 697 45.96 10.51 -29.59
C GLU B 697 45.16 9.38 -28.97
N LEU B 698 44.67 9.58 -27.74
CA LEU B 698 43.84 8.56 -27.11
C LEU B 698 42.52 8.38 -27.87
N SER B 699 41.94 9.48 -28.35
CA SER B 699 40.73 9.39 -29.15
C SER B 699 40.98 8.61 -30.43
N LYS B 700 42.11 8.87 -31.10
CA LYS B 700 42.44 8.12 -32.30
C LYS B 700 42.60 6.64 -32.00
N GLU B 701 43.28 6.30 -30.90
CA GLU B 701 43.47 4.91 -30.53
C GLU B 701 42.13 4.23 -30.23
N VAL B 702 41.25 4.91 -29.51
CA VAL B 702 39.95 4.33 -29.17
C VAL B 702 39.11 4.12 -30.43
N THR B 703 39.15 5.09 -31.36
CA THR B 703 38.44 4.94 -32.62
C THR B 703 38.96 3.74 -33.40
N ASP B 704 40.29 3.58 -33.43
CA ASP B 704 40.86 2.43 -34.13
C ASP B 704 40.41 1.13 -33.49
N ARG B 705 40.41 1.06 -32.16
CA ARG B 705 39.96 -0.16 -31.48
C ARG B 705 38.50 -0.47 -31.80
N ILE B 706 37.64 0.55 -31.75
CA ILE B 706 36.23 0.32 -32.03
C ILE B 706 36.03 -0.15 -33.46
N GLN B 707 36.70 0.49 -34.42
CA GLN B 707 36.55 0.10 -35.81
C GLN B 707 37.08 -1.31 -36.04
N LYS B 708 38.15 -1.69 -35.35
CA LYS B 708 38.75 -3.00 -35.58
C LYS B 708 37.92 -4.12 -34.97
N HIS B 709 37.39 -3.92 -33.76
CA HIS B 709 36.83 -5.03 -33.00
C HIS B 709 35.31 -5.01 -32.88
N ALA B 710 34.64 -3.91 -33.22
CA ALA B 710 33.21 -3.81 -32.98
C ALA B 710 32.36 -3.81 -34.24
N TRP B 711 32.95 -3.56 -35.41
CA TRP B 711 32.20 -3.54 -36.67
C TRP B 711 32.12 -4.97 -37.21
N LYS B 712 30.90 -5.43 -37.46
CA LYS B 712 30.63 -6.80 -37.87
C LYS B 712 30.01 -6.85 -39.26
N GLU B 713 30.52 -6.01 -40.16
CA GLU B 713 30.32 -6.03 -41.62
C GLU B 713 28.91 -5.60 -42.02
N ASN B 714 27.99 -5.47 -41.06
CA ASN B 714 26.70 -4.85 -41.35
C ASN B 714 26.20 -3.95 -40.24
N PHE B 715 26.77 -4.00 -39.04
CA PHE B 715 26.28 -3.24 -37.90
C PHE B 715 27.41 -3.18 -36.87
N PHE B 716 27.28 -2.22 -35.96
CA PHE B 716 28.20 -2.16 -34.83
C PHE B 716 27.66 -3.07 -33.73
N ALA B 717 28.51 -3.95 -33.22
CA ALA B 717 28.08 -4.87 -32.17
C ALA B 717 27.74 -4.09 -30.91
N ARG B 718 26.93 -4.72 -30.05
CA ARG B 718 26.52 -4.11 -28.80
C ARG B 718 27.40 -4.57 -27.62
N VAL B 719 27.67 -5.86 -27.54
CA VAL B 719 28.47 -6.44 -26.47
C VAL B 719 29.51 -7.37 -27.08
N LEU B 720 30.72 -7.32 -26.56
CA LEU B 720 31.77 -8.26 -26.94
C LEU B 720 31.96 -9.27 -25.81
N ILE B 721 31.95 -10.56 -26.16
CA ILE B 721 32.00 -11.64 -25.19
C ILE B 721 33.38 -12.28 -25.24
N ASN B 722 33.99 -12.48 -24.07
CA ASN B 722 35.34 -13.01 -23.98
C ASN B 722 35.46 -14.26 -23.15
N ARG B 723 34.37 -14.78 -22.59
CA ARG B 723 34.43 -15.90 -21.66
C ARG B 723 34.23 -17.26 -22.31
N TYR B 724 34.10 -17.32 -23.64
CA TYR B 724 33.94 -18.58 -24.35
C TYR B 724 35.19 -18.79 -25.20
N LYS B 725 36.14 -19.56 -24.67
CA LYS B 725 37.39 -19.81 -25.39
C LYS B 725 37.17 -20.68 -26.62
N ASP B 726 36.13 -21.51 -26.60
CA ASP B 726 35.84 -22.35 -27.75
C ASP B 726 35.31 -21.57 -28.95
N GLY B 727 34.96 -20.30 -28.75
CA GLY B 727 34.45 -19.50 -29.84
C GLY B 727 32.98 -19.67 -30.15
N SER B 728 32.21 -20.28 -29.25
CA SER B 728 30.78 -20.46 -29.50
C SER B 728 30.07 -19.13 -29.61
N TYR B 729 30.38 -18.20 -28.71
CA TYR B 729 29.82 -16.85 -28.76
C TYR B 729 30.94 -15.84 -28.53
N THR B 730 31.04 -14.86 -29.42
CA THR B 730 32.06 -13.83 -29.30
C THR B 730 31.51 -12.41 -29.30
N TYR B 731 30.30 -12.19 -29.80
CA TYR B 731 29.74 -10.85 -29.80
C TYR B 731 28.22 -10.94 -29.86
N LEU B 732 27.57 -9.83 -29.53
CA LEU B 732 26.12 -9.70 -29.58
C LEU B 732 25.77 -8.31 -30.10
N GLY B 733 24.91 -8.26 -31.10
CA GLY B 733 24.44 -6.98 -31.58
C GLY B 733 24.72 -6.70 -33.05
N ALA B 734 24.86 -7.75 -33.85
CA ALA B 734 25.08 -7.61 -35.28
C ALA B 734 24.76 -8.93 -35.95
N LYS B 735 25.06 -9.03 -37.24
CA LYS B 735 24.78 -10.24 -37.99
C LYS B 735 25.77 -11.33 -37.64
N GLY B 736 25.28 -12.57 -37.54
CA GLY B 736 26.13 -13.70 -37.26
C GLY B 736 26.45 -13.93 -35.81
N ASP B 737 25.79 -13.24 -34.88
CA ASP B 737 26.05 -13.45 -33.47
C ASP B 737 25.38 -14.70 -32.92
N LYS B 738 24.50 -15.34 -33.69
CA LYS B 738 23.86 -16.60 -33.32
C LYS B 738 23.04 -16.48 -32.04
N LEU B 739 22.52 -15.29 -31.76
CA LEU B 739 21.74 -15.05 -30.55
C LEU B 739 20.36 -14.48 -30.85
N SER B 740 19.96 -14.44 -32.13
CA SER B 740 18.64 -13.93 -32.48
C SER B 740 17.56 -14.94 -32.10
N ALA B 741 16.47 -14.43 -31.54
CA ALA B 741 15.30 -15.25 -31.23
C ALA B 741 14.28 -15.26 -32.34
N ASP B 742 14.52 -14.54 -33.43
CA ASP B 742 13.62 -14.51 -34.57
C ASP B 742 14.26 -15.24 -35.74
N PRO B 743 13.64 -16.32 -36.24
CA PRO B 743 14.25 -17.05 -37.37
C PRO B 743 14.43 -16.20 -38.62
N ASN B 744 13.55 -15.21 -38.84
CA ASN B 744 13.63 -14.38 -40.03
C ASN B 744 14.65 -13.27 -39.92
N ILE B 745 15.26 -13.08 -38.75
CA ILE B 745 16.26 -12.04 -38.54
C ILE B 745 17.59 -12.72 -38.23
N ASP B 746 18.62 -12.39 -39.02
CA ASP B 746 19.95 -12.96 -38.83
C ASP B 746 20.74 -12.03 -37.92
N GLY B 747 20.66 -12.29 -36.62
CA GLY B 747 21.36 -11.50 -35.63
C GLY B 747 20.44 -10.57 -34.87
N VAL B 748 20.98 -10.00 -33.80
CA VAL B 748 20.28 -9.02 -32.99
C VAL B 748 20.84 -7.65 -33.34
N TYR B 749 19.99 -6.63 -33.29
CA TYR B 749 20.38 -5.28 -33.62
C TYR B 749 19.87 -4.32 -32.55
N PHE B 750 20.75 -3.45 -32.07
CA PHE B 750 20.42 -2.48 -31.03
C PHE B 750 20.39 -1.10 -31.65
N LEU B 751 19.33 -0.34 -31.36
CA LEU B 751 19.23 1.03 -31.86
C LEU B 751 20.35 1.91 -31.30
N ASN B 752 20.66 1.74 -30.01
CA ASN B 752 21.66 2.58 -29.38
C ASN B 752 23.04 2.38 -29.98
N SER B 753 23.32 1.19 -30.51
CA SER B 753 24.62 0.95 -31.12
C SER B 753 24.84 1.90 -32.29
N PHE B 754 23.89 1.95 -33.23
CA PHE B 754 23.99 2.89 -34.33
C PHE B 754 23.92 4.33 -33.85
N ALA B 755 23.03 4.61 -32.89
CA ALA B 755 22.83 5.97 -32.43
C ALA B 755 24.13 6.56 -31.89
N TRP B 756 24.81 5.83 -31.01
CA TRP B 756 26.03 6.34 -30.41
C TRP B 756 27.27 6.07 -31.24
N SER B 757 27.18 5.24 -32.28
CA SER B 757 28.23 5.24 -33.28
C SER B 757 28.22 6.53 -34.08
N VAL B 758 27.03 7.00 -34.46
CA VAL B 758 26.95 8.26 -35.18
C VAL B 758 27.24 9.44 -34.26
N LEU B 759 26.70 9.41 -33.04
CA LEU B 759 26.85 10.54 -32.12
C LEU B 759 28.30 10.74 -31.71
N SER B 760 29.08 9.67 -31.60
CA SER B 760 30.48 9.75 -31.24
C SER B 760 31.39 10.02 -32.42
N ASP B 761 30.84 10.17 -33.62
CA ASP B 761 31.61 10.44 -34.83
C ASP B 761 32.63 9.33 -35.11
N VAL B 762 32.21 8.09 -34.92
CA VAL B 762 33.05 6.93 -35.18
C VAL B 762 32.71 6.28 -36.51
N ALA B 763 31.41 6.10 -36.78
CA ALA B 763 30.99 5.45 -38.01
C ALA B 763 31.29 6.32 -39.23
N THR B 764 31.56 5.66 -40.35
CA THR B 764 31.80 6.35 -41.61
C THR B 764 30.51 6.42 -42.42
N ASP B 765 30.57 7.08 -43.57
CA ASP B 765 29.38 7.27 -44.39
C ASP B 765 28.84 5.94 -44.90
N GLU B 766 29.72 5.04 -45.35
CA GLU B 766 29.26 3.73 -45.82
C GLU B 766 28.63 2.94 -44.69
N GLN B 767 29.27 2.94 -43.51
CA GLN B 767 28.70 2.26 -42.36
C GLN B 767 27.37 2.89 -41.96
N ILE B 768 27.28 4.21 -42.05
CA ILE B 768 26.03 4.90 -41.73
C ILE B 768 24.92 4.44 -42.68
N ALA B 769 25.22 4.37 -43.98
CA ALA B 769 24.22 3.93 -44.94
C ALA B 769 23.79 2.48 -44.69
N ILE B 770 24.76 1.60 -44.41
CA ILE B 770 24.44 0.20 -44.15
C ILE B 770 23.56 0.07 -42.91
N MET B 771 23.92 0.77 -41.84
CA MET B 771 23.14 0.69 -40.61
C MET B 771 21.76 1.30 -40.79
N VAL B 772 21.64 2.38 -41.57
CA VAL B 772 20.34 2.96 -41.84
C VAL B 772 19.45 1.97 -42.58
N ASP B 773 20.02 1.28 -43.58
CA ASP B 773 19.26 0.25 -44.27
C ASP B 773 18.83 -0.86 -43.32
N VAL B 774 19.72 -1.27 -42.43
CA VAL B 774 19.39 -2.35 -41.50
C VAL B 774 18.26 -1.94 -40.57
N ILE B 775 18.33 -0.72 -40.02
CA ILE B 775 17.29 -0.28 -39.09
C ILE B 775 15.98 -0.05 -39.83
N LYS B 776 16.03 0.36 -41.10
CA LYS B 776 14.80 0.46 -41.88
C LYS B 776 14.18 -0.91 -42.10
N LYS B 777 15.02 -1.93 -42.30
CA LYS B 777 14.50 -3.27 -42.54
C LYS B 777 13.94 -3.91 -41.28
N HIS B 778 14.59 -3.70 -40.13
CA HIS B 778 14.29 -4.46 -38.93
C HIS B 778 13.78 -3.61 -37.78
N LEU B 779 14.44 -2.50 -37.47
CA LEU B 779 14.13 -1.75 -36.26
C LEU B 779 13.02 -0.73 -36.45
N LEU B 780 12.53 -0.52 -37.68
CA LEU B 780 11.50 0.46 -37.94
C LEU B 780 10.13 -0.20 -37.91
N THR B 781 9.21 0.38 -37.15
CA THR B 781 7.85 -0.11 -36.98
C THR B 781 6.88 1.02 -37.30
N PRO B 782 5.61 0.69 -37.56
CA PRO B 782 4.63 1.76 -37.82
C PRO B 782 4.44 2.72 -36.66
N TYR B 783 4.83 2.32 -35.45
CA TYR B 783 4.71 3.18 -34.27
C TYR B 783 6.04 3.76 -33.82
N GLY B 784 7.10 3.62 -34.61
CA GLY B 784 8.38 4.20 -34.29
C GLY B 784 9.49 3.18 -34.39
N LEU B 785 10.60 3.48 -33.72
CA LEU B 785 11.77 2.61 -33.72
C LEU B 785 11.87 1.90 -32.38
N ARG B 786 11.93 0.57 -32.43
N ARG B 786 11.93 0.57 -32.43
CA ARG B 786 12.03 -0.21 -31.20
CA ARG B 786 12.03 -0.22 -31.21
C ARG B 786 13.47 -0.22 -30.69
C ARG B 786 13.47 -0.21 -30.69
N LEU B 787 13.61 -0.51 -29.40
CA LEU B 787 14.92 -0.50 -28.77
C LEU B 787 15.83 -1.58 -29.36
N VAL B 788 15.30 -2.78 -29.57
CA VAL B 788 16.13 -3.92 -29.97
C VAL B 788 15.23 -4.95 -30.64
N THR B 789 15.81 -5.69 -31.59
CA THR B 789 15.13 -6.83 -32.18
C THR B 789 15.10 -7.99 -31.18
N PRO B 790 14.20 -8.95 -31.38
CA PRO B 790 14.12 -10.08 -30.44
C PRO B 790 15.45 -10.82 -30.32
N ALA B 791 15.79 -11.19 -29.10
CA ALA B 791 17.06 -11.84 -28.79
C ALA B 791 16.84 -12.99 -27.82
N ASP B 792 17.73 -13.97 -27.88
CA ASP B 792 17.71 -15.13 -26.99
C ASP B 792 18.98 -15.08 -26.14
N LEU B 793 18.90 -14.38 -25.01
CA LEU B 793 20.06 -14.21 -24.14
C LEU B 793 20.28 -15.38 -23.21
N ASN B 794 19.38 -16.37 -23.19
CA ASN B 794 19.56 -17.53 -22.32
C ASN B 794 20.71 -18.41 -22.78
N LYS B 795 21.14 -18.30 -24.04
CA LYS B 795 22.23 -19.13 -24.52
C LYS B 795 23.56 -18.73 -23.89
N ILE B 796 23.76 -17.44 -23.64
CA ILE B 796 25.01 -16.95 -23.09
C ILE B 796 24.88 -16.73 -21.59
N ALA B 797 23.66 -16.43 -21.14
CA ALA B 797 23.37 -16.19 -19.72
C ALA B 797 22.15 -17.02 -19.35
N ASN B 798 22.39 -18.22 -18.84
CA ASN B 798 21.30 -19.11 -18.46
C ASN B 798 20.53 -18.62 -17.24
N ASP B 799 21.06 -17.64 -16.51
CA ASP B 799 20.40 -17.13 -15.32
C ASP B 799 19.26 -16.18 -15.62
N THR B 800 19.15 -15.69 -16.85
CA THR B 800 18.06 -14.79 -17.20
C THR B 800 16.72 -15.53 -17.16
N ALA B 801 15.72 -14.87 -16.58
CA ALA B 801 14.39 -15.46 -16.47
C ALA B 801 13.60 -15.21 -17.76
N THR B 802 12.36 -15.69 -17.78
CA THR B 802 11.49 -15.51 -18.92
C THR B 802 10.97 -14.07 -18.96
N GLY B 803 10.21 -13.74 -19.99
CA GLY B 803 9.67 -12.41 -20.12
C GLY B 803 8.60 -12.12 -19.09
N HIS B 804 8.34 -10.82 -18.89
CA HIS B 804 7.36 -10.36 -17.94
C HIS B 804 6.17 -9.68 -18.59
N TYR B 805 6.23 -9.35 -19.88
CA TYR B 805 5.24 -8.51 -20.52
C TYR B 805 4.68 -9.18 -21.77
N PHE B 806 3.42 -8.86 -22.07
CA PHE B 806 2.84 -9.22 -23.35
C PHE B 806 3.55 -8.46 -24.47
N PHE B 807 3.33 -8.91 -25.70
CA PHE B 807 3.96 -8.25 -26.83
C PHE B 807 3.53 -6.79 -26.93
N GLY B 808 4.50 -5.91 -27.14
CA GLY B 808 4.23 -4.49 -27.27
C GLY B 808 4.38 -3.68 -26.00
N ASP B 809 4.68 -4.32 -24.87
CA ASP B 809 4.80 -3.64 -23.59
C ASP B 809 6.25 -3.67 -23.12
N ARG B 810 6.81 -2.50 -22.84
CA ARG B 810 8.14 -2.35 -22.24
C ARG B 810 9.20 -3.16 -22.97
N GLU B 811 9.75 -4.17 -22.30
CA GLU B 811 10.86 -4.94 -22.86
C GLU B 811 10.42 -5.84 -24.02
N ASN B 812 9.13 -6.08 -24.17
CA ASN B 812 8.65 -7.00 -25.21
C ASN B 812 8.22 -6.21 -26.45
N GLY B 813 9.21 -5.62 -27.09
CA GLY B 813 9.01 -5.01 -28.40
C GLY B 813 8.37 -3.63 -28.40
N ALA B 814 8.33 -2.94 -27.27
CA ALA B 814 7.77 -1.61 -27.25
C ALA B 814 8.77 -0.60 -27.83
N VAL B 815 8.26 0.58 -28.14
CA VAL B 815 9.06 1.69 -28.64
C VAL B 815 9.33 2.61 -27.47
N PHE B 816 10.58 2.62 -26.99
CA PHE B 816 10.98 3.52 -25.92
C PHE B 816 11.33 4.88 -26.51
N LYS B 817 10.65 5.92 -26.04
CA LYS B 817 10.79 7.23 -26.66
C LYS B 817 12.15 7.86 -26.38
N HIS B 818 12.78 7.52 -25.26
CA HIS B 818 14.10 8.06 -24.96
C HIS B 818 15.15 7.55 -25.94
N ALA B 819 15.20 6.24 -26.14
CA ALA B 819 16.15 5.67 -27.10
C ALA B 819 15.83 6.11 -28.52
N SER B 820 14.54 6.20 -28.85
CA SER B 820 14.16 6.69 -30.17
C SER B 820 14.60 8.13 -30.38
N MET B 821 14.53 8.95 -29.32
CA MET B 821 14.97 10.34 -29.43
C MET B 821 16.49 10.42 -29.60
N MET B 822 17.23 9.57 -28.91
CA MET B 822 18.68 9.53 -29.14
C MET B 822 19.00 9.11 -30.58
N ALA B 823 18.26 8.12 -31.09
CA ALA B 823 18.44 7.71 -32.48
C ALA B 823 18.11 8.85 -33.44
N VAL B 824 17.08 9.63 -33.13
CA VAL B 824 16.72 10.77 -33.96
C VAL B 824 17.81 11.83 -33.93
N ALA B 825 18.41 12.05 -32.76
CA ALA B 825 19.55 12.96 -32.67
C ALA B 825 20.70 12.49 -33.56
N ALA B 826 20.99 11.18 -33.53
CA ALA B 826 22.02 10.64 -34.40
C ALA B 826 21.67 10.84 -35.87
N LEU B 827 20.40 10.62 -36.23
CA LEU B 827 19.97 10.80 -37.61
C LEU B 827 20.14 12.24 -38.06
N ILE B 828 19.76 13.19 -37.21
CA ILE B 828 19.92 14.60 -37.55
C ILE B 828 21.39 14.95 -37.73
N LYS B 829 22.24 14.49 -36.81
CA LYS B 829 23.66 14.78 -36.89
C LYS B 829 24.27 14.20 -38.16
N ALA B 830 23.87 12.98 -38.53
CA ALA B 830 24.37 12.38 -39.75
C ALA B 830 23.88 13.12 -40.99
N ALA B 831 22.59 13.43 -41.05
CA ALA B 831 22.02 14.11 -42.20
C ALA B 831 22.60 15.51 -42.37
N LYS B 832 23.08 16.13 -41.31
CA LYS B 832 23.69 17.45 -41.43
C LYS B 832 25.03 17.40 -42.16
N LYS B 833 25.67 16.23 -42.27
CA LYS B 833 27.03 16.19 -42.79
C LYS B 833 27.33 15.06 -43.78
N VAL B 834 26.38 14.18 -44.09
CA VAL B 834 26.67 13.11 -45.03
C VAL B 834 26.77 13.66 -46.44
N LYS B 835 27.61 13.03 -47.27
CA LYS B 835 27.82 13.50 -48.63
C LYS B 835 26.62 13.18 -49.52
N ASP B 836 26.05 11.99 -49.37
CA ASP B 836 24.94 11.57 -50.22
C ASP B 836 23.68 12.35 -49.85
N ASN B 837 23.10 13.04 -50.83
CA ASN B 837 21.91 13.83 -50.58
C ASN B 837 20.68 12.94 -50.34
N GLU B 838 20.59 11.83 -51.08
CA GLU B 838 19.45 10.93 -50.90
C GLU B 838 19.44 10.30 -49.52
N LEU B 839 20.62 9.90 -49.02
CA LEU B 839 20.71 9.34 -47.68
C LEU B 839 20.31 10.38 -46.63
N ALA B 840 20.77 11.62 -46.80
CA ALA B 840 20.39 12.68 -45.88
C ALA B 840 18.89 12.92 -45.89
N LYS B 841 18.30 12.92 -47.09
CA LYS B 841 16.85 13.12 -47.19
C LYS B 841 16.09 12.00 -46.50
N GLU B 842 16.51 10.75 -46.72
CA GLU B 842 15.84 9.62 -46.08
C GLU B 842 15.97 9.69 -44.56
N MET B 843 17.16 10.01 -44.06
CA MET B 843 17.36 10.10 -42.61
C MET B 843 16.55 11.24 -42.01
N ALA B 844 16.48 12.38 -42.69
CA ALA B 844 15.65 13.48 -42.20
C ALA B 844 14.18 13.10 -42.18
N ARG B 845 13.71 12.38 -43.22
CA ARG B 845 12.34 11.92 -43.24
C ARG B 845 12.05 10.98 -42.07
N ILE B 846 12.97 10.05 -41.80
CA ILE B 846 12.79 9.13 -40.68
C ILE B 846 12.76 9.89 -39.36
N ALA B 847 13.66 10.87 -39.20
CA ALA B 847 13.71 11.64 -37.97
C ALA B 847 12.41 12.41 -37.75
N TYR B 848 11.89 13.05 -38.80
CA TYR B 848 10.64 13.80 -38.64
C TYR B 848 9.46 12.87 -38.39
N PHE B 849 9.45 11.70 -39.04
CA PHE B 849 8.40 10.73 -38.79
C PHE B 849 8.40 10.27 -37.33
N MET B 850 9.58 10.02 -36.77
CA MET B 850 9.66 9.61 -35.38
C MET B 850 9.31 10.76 -34.44
N ILE B 851 9.68 11.99 -34.80
CA ILE B 851 9.37 13.15 -33.97
C ILE B 851 7.87 13.39 -33.91
N ASP B 852 7.18 13.20 -35.03
CA ASP B 852 5.74 13.40 -35.06
C ASP B 852 5.00 12.45 -34.12
N LEU B 853 5.61 11.34 -33.75
CA LEU B 853 4.99 10.36 -32.88
C LEU B 853 5.20 10.65 -31.40
N VAL B 854 6.03 11.63 -31.04
CA VAL B 854 6.32 11.92 -29.65
C VAL B 854 5.88 13.31 -29.22
N LEU B 855 5.44 14.16 -30.13
CA LEU B 855 4.99 15.50 -29.75
C LEU B 855 3.70 15.39 -28.94
N PRO B 856 3.66 15.90 -27.71
CA PRO B 856 2.47 15.69 -26.87
C PRO B 856 1.18 16.26 -27.45
N TYR B 857 1.25 17.43 -28.11
CA TYR B 857 0.02 18.05 -28.59
C TYR B 857 -0.65 17.20 -29.66
N LYS B 858 0.14 16.51 -30.48
CA LYS B 858 -0.43 15.62 -31.48
C LYS B 858 -1.19 14.46 -30.87
N ASN B 859 -1.04 14.23 -29.57
CA ASN B 859 -1.87 13.25 -28.87
C ASN B 859 -3.34 13.62 -28.92
N LEU B 860 -3.68 14.87 -29.19
CA LEU B 860 -5.07 15.28 -29.25
C LEU B 860 -5.71 15.03 -30.61
N GLU B 861 -4.95 14.54 -31.59
CA GLU B 861 -5.54 14.25 -32.90
C GLU B 861 -6.41 13.00 -32.85
N ASN B 862 -5.92 11.95 -32.22
CA ASN B 862 -6.68 10.70 -32.02
C ASN B 862 -6.57 10.30 -30.55
N PRO B 863 -7.12 11.13 -29.65
CA PRO B 863 -6.82 10.95 -28.22
C PRO B 863 -7.25 9.62 -27.65
N PHE B 864 -8.36 9.05 -28.12
CA PHE B 864 -8.88 7.84 -27.51
C PHE B 864 -8.24 6.58 -28.04
N GLN B 865 -7.30 6.69 -28.98
CA GLN B 865 -6.49 5.56 -29.42
C GLN B 865 -5.06 5.64 -28.93
N VAL B 866 -4.42 6.82 -28.99
CA VAL B 866 -3.03 6.95 -28.57
C VAL B 866 -2.88 7.33 -27.11
N ALA B 867 -3.89 7.94 -26.49
CA ALA B 867 -3.88 8.34 -25.07
C ALA B 867 -2.67 9.26 -24.86
N GLY B 868 -1.92 9.07 -23.78
CA GLY B 868 -0.74 9.88 -23.53
C GLY B 868 -1.09 11.09 -22.68
N ASN B 869 -0.63 12.26 -23.11
CA ASN B 869 -0.89 13.51 -22.44
C ASN B 869 -0.65 14.65 -23.43
N PRO B 870 -1.60 15.56 -23.62
CA PRO B 870 -1.43 16.61 -24.63
C PRO B 870 -0.41 17.67 -24.27
N ARG B 871 0.13 17.65 -23.06
CA ARG B 871 1.11 18.65 -22.64
C ARG B 871 2.39 18.06 -22.07
N ILE B 872 2.40 16.80 -21.65
CA ILE B 872 3.55 16.20 -21.00
C ILE B 872 3.92 14.91 -21.74
N SER B 873 5.21 14.70 -21.95
CA SER B 873 5.67 13.51 -22.65
C SER B 873 5.50 12.26 -21.78
N THR B 874 5.26 11.13 -22.44
CA THR B 874 5.15 9.85 -21.78
C THR B 874 6.42 9.03 -22.03
N GLN B 875 6.41 7.78 -21.57
CA GLN B 875 7.62 6.97 -21.59
C GLN B 875 7.78 6.19 -22.89
N TYR B 876 6.80 5.36 -23.23
CA TYR B 876 6.93 4.48 -24.39
C TYR B 876 5.60 4.35 -25.10
N ILE B 877 5.65 3.76 -26.30
CA ILE B 877 4.48 3.54 -27.13
C ILE B 877 4.28 2.03 -27.27
N ASN B 878 3.05 1.59 -27.06
CA ASN B 878 2.72 0.17 -27.22
C ASN B 878 2.66 -0.17 -28.71
N THR B 879 3.54 -1.06 -29.14
CA THR B 879 3.61 -1.41 -30.56
C THR B 879 2.46 -2.30 -31.01
N ASP B 880 1.66 -2.82 -30.08
CA ASP B 880 0.49 -3.61 -30.45
C ASP B 880 -0.75 -2.76 -30.67
N THR B 881 -0.89 -1.66 -29.93
CA THR B 881 -2.08 -0.81 -30.01
C THR B 881 -1.78 0.63 -30.41
N GLY B 882 -0.55 1.09 -30.27
CA GLY B 882 -0.23 2.48 -30.55
C GLY B 882 -0.51 3.44 -29.42
N GLU B 883 -0.81 2.95 -28.23
CA GLU B 883 -1.14 3.80 -27.09
C GLU B 883 0.11 4.26 -26.38
N ASN B 884 0.13 5.53 -25.97
CA ASN B 884 1.21 6.06 -25.16
C ASN B 884 0.96 5.78 -23.69
N ILE B 885 1.95 5.20 -23.02
CA ILE B 885 1.82 4.79 -21.62
C ILE B 885 2.91 5.47 -20.80
N GLY B 886 2.55 5.94 -19.61
CA GLY B 886 3.44 6.64 -18.74
C GLY B 886 4.56 5.77 -18.19
N PRO B 887 5.29 6.27 -17.19
CA PRO B 887 5.10 7.53 -16.46
C PRO B 887 5.46 8.77 -17.26
N LEU B 888 5.14 9.95 -16.72
CA LEU B 888 5.31 11.21 -17.44
C LEU B 888 6.73 11.76 -17.37
N LEU B 889 7.61 11.19 -16.56
CA LEU B 889 8.97 11.67 -16.41
C LEU B 889 9.92 10.68 -17.06
N SER B 890 10.74 11.17 -17.99
CA SER B 890 11.71 10.35 -18.71
C SER B 890 12.63 11.29 -19.48
N GLY B 891 13.66 10.71 -20.09
CA GLY B 891 14.56 11.49 -20.92
C GLY B 891 13.98 11.91 -22.26
N THR B 892 12.73 11.50 -22.52
CA THR B 892 12.07 11.86 -23.77
C THR B 892 11.99 13.37 -23.93
N ALA B 893 11.57 14.07 -22.88
CA ALA B 893 11.42 15.53 -22.98
C ALA B 893 12.76 16.20 -23.24
N THR B 894 13.79 15.80 -22.50
CA THR B 894 15.11 16.41 -22.66
C THR B 894 15.64 16.20 -24.07
N TRP B 895 15.59 14.96 -24.56
CA TRP B 895 16.17 14.70 -25.87
C TRP B 895 15.30 15.25 -26.99
N LEU B 896 13.99 15.35 -26.78
CA LEU B 896 13.13 15.99 -27.78
C LEU B 896 13.41 17.48 -27.88
N ASN B 897 13.61 18.14 -26.74
CA ASN B 897 13.99 19.55 -26.77
C ASN B 897 15.32 19.74 -27.48
N LEU B 898 16.30 18.89 -27.16
CA LEU B 898 17.59 18.99 -27.84
C LEU B 898 17.46 18.75 -29.34
N ASN B 899 16.66 17.75 -29.73
CA ASN B 899 16.48 17.45 -31.14
C ASN B 899 15.79 18.58 -31.89
N LEU B 900 14.77 19.19 -31.29
CA LEU B 900 14.09 20.30 -31.95
C LEU B 900 15.03 21.50 -32.10
N ILE B 901 15.81 21.81 -31.07
CA ILE B 901 16.76 22.91 -31.19
C ILE B 901 17.80 22.61 -32.26
N SER B 902 18.28 21.37 -32.31
CA SER B 902 19.27 20.99 -33.34
C SER B 902 18.67 21.07 -34.73
N LEU B 903 17.42 20.64 -34.90
CA LEU B 903 16.76 20.74 -36.19
C LEU B 903 16.56 22.19 -36.60
N ALA B 904 16.38 23.09 -35.63
CA ALA B 904 16.37 24.50 -35.95
C ALA B 904 17.71 24.97 -36.49
N GLY B 905 18.77 24.19 -36.30
CA GLY B 905 20.06 24.48 -36.88
C GLY B 905 21.09 25.07 -35.93
N ILE B 906 20.79 25.16 -34.64
CA ILE B 906 21.68 25.81 -33.69
C ILE B 906 22.57 24.76 -33.04
N GLU B 907 23.89 24.96 -33.13
CA GLU B 907 24.84 24.16 -32.37
C GLU B 907 25.87 25.09 -31.77
N TYR B 908 26.46 24.67 -30.66
CA TYR B 908 27.44 25.48 -29.94
C TYR B 908 28.81 24.85 -30.07
N THR B 909 29.78 25.62 -30.59
CA THR B 909 31.15 25.17 -30.77
C THR B 909 32.09 26.24 -30.23
N ARG B 910 33.38 25.92 -30.23
CA ARG B 910 34.38 26.85 -29.72
C ARG B 910 34.37 28.16 -30.48
N ASP B 911 34.06 28.14 -31.78
CA ASP B 911 34.03 29.34 -32.58
C ASP B 911 32.72 30.11 -32.44
N GLY B 912 31.71 29.55 -31.78
CA GLY B 912 30.46 30.25 -31.60
C GLY B 912 29.24 29.40 -31.90
N ILE B 913 28.38 29.89 -32.80
CA ILE B 913 27.13 29.22 -33.13
C ILE B 913 27.26 28.66 -34.54
N SER B 914 27.26 27.33 -34.64
CA SER B 914 27.22 26.66 -35.94
C SER B 914 25.77 26.57 -36.40
N PHE B 915 25.52 27.04 -37.62
CA PHE B 915 24.18 27.12 -38.19
C PHE B 915 24.07 26.11 -39.32
N ASN B 916 23.08 25.21 -39.22
CA ASN B 916 22.85 24.19 -40.22
C ASN B 916 21.44 23.65 -40.11
N PRO B 917 20.42 24.42 -40.46
CA PRO B 917 19.05 23.97 -40.28
C PRO B 917 18.69 22.82 -41.22
N ILE B 918 17.77 21.98 -40.76
CA ILE B 918 17.21 20.89 -41.54
C ILE B 918 15.69 21.00 -41.41
N LEU B 919 15.05 21.55 -42.43
CA LEU B 919 13.62 21.80 -42.39
C LEU B 919 12.84 20.65 -43.00
N ARG B 920 11.53 20.63 -42.74
CA ARG B 920 10.66 19.64 -43.34
C ARG B 920 10.52 19.91 -44.84
N GLU B 921 10.20 18.84 -45.58
CA GLU B 921 10.07 18.97 -47.02
C GLU B 921 8.95 19.93 -47.41
N GLU B 922 7.81 19.85 -46.71
CA GLU B 922 6.68 20.71 -47.00
C GLU B 922 6.81 22.11 -46.40
N GLU B 923 7.76 22.31 -45.49
CA GLU B 923 7.94 23.62 -44.88
C GLU B 923 8.63 24.57 -45.85
N THR B 924 8.25 25.85 -45.79
CA THR B 924 8.84 26.87 -46.62
C THR B 924 9.28 28.10 -45.84
N GLN B 925 9.14 28.11 -44.52
CA GLN B 925 9.46 29.28 -43.72
C GLN B 925 9.65 28.85 -42.28
N LEU B 926 10.70 29.35 -41.64
CA LEU B 926 10.97 29.02 -40.24
C LEU B 926 11.60 30.22 -39.55
N ASN B 927 10.91 30.80 -38.58
CA ASN B 927 11.41 31.94 -37.83
C ASN B 927 11.47 31.58 -36.35
N PHE B 928 12.55 32.00 -35.69
CA PHE B 928 12.64 31.82 -34.25
C PHE B 928 13.59 32.85 -33.67
N THR B 929 13.59 32.93 -32.33
CA THR B 929 14.43 33.86 -31.60
C THR B 929 15.24 33.11 -30.55
N LEU B 930 16.50 33.49 -30.42
CA LEU B 930 17.43 32.85 -29.51
C LEU B 930 18.07 33.90 -28.60
N LYS B 931 18.36 33.51 -27.36
CA LYS B 931 18.98 34.39 -26.38
C LYS B 931 20.36 33.87 -26.03
N ALA B 932 21.31 34.77 -25.83
CA ALA B 932 22.64 34.48 -25.37
C ALA B 932 22.95 35.40 -24.20
N PRO B 933 23.83 34.98 -23.28
CA PRO B 933 24.03 35.74 -22.03
C PRO B 933 24.24 37.23 -22.22
N LYS B 934 24.69 37.65 -23.40
CA LYS B 934 24.90 39.07 -23.65
C LYS B 934 24.42 39.52 -25.03
N SER B 935 23.46 38.82 -25.64
CA SER B 935 22.97 39.21 -26.95
C SER B 935 21.68 38.45 -27.26
N SER B 936 21.09 38.77 -28.40
CA SER B 936 19.91 38.07 -28.89
C SER B 936 19.99 37.95 -30.40
N TYR B 937 19.37 36.90 -30.93
CA TYR B 937 19.40 36.60 -32.35
C TYR B 937 17.98 36.35 -32.84
N LYS B 938 17.68 36.83 -34.05
CA LYS B 938 16.42 36.59 -34.73
C LYS B 938 16.72 35.84 -36.02
N PHE B 939 16.42 34.55 -36.06
CA PHE B 939 16.72 33.70 -37.20
C PHE B 939 15.49 33.56 -38.09
N SER B 940 15.69 33.73 -39.39
CA SER B 940 14.66 33.51 -40.39
C SER B 940 15.25 32.65 -41.51
N ILE B 941 14.52 31.62 -41.92
CA ILE B 941 14.95 30.71 -42.97
C ILE B 941 13.82 30.55 -43.97
N THR B 942 14.13 30.73 -45.25
CA THR B 942 13.17 30.54 -46.33
C THR B 942 13.73 29.55 -47.33
N LYS B 943 12.87 28.69 -47.85
CA LYS B 943 13.27 27.68 -48.82
C LYS B 943 12.04 27.24 -49.60
N PRO B 944 12.22 26.72 -50.81
CA PRO B 944 11.09 26.19 -51.58
C PRO B 944 10.67 24.83 -51.06
N VAL B 945 9.59 24.31 -51.64
CA VAL B 945 9.07 23.00 -51.23
C VAL B 945 10.06 21.92 -51.67
N GLY B 946 10.41 21.05 -50.75
CA GLY B 946 11.36 19.98 -51.00
C GLY B 946 12.52 20.02 -50.02
N PHE B 947 13.27 18.92 -50.02
CA PHE B 947 14.41 18.79 -49.13
C PHE B 947 15.52 19.76 -49.54
N ALA B 948 16.09 20.44 -48.55
CA ALA B 948 17.17 21.38 -48.78
C ALA B 948 18.07 21.43 -47.55
N ARG B 949 19.37 21.50 -47.80
CA ARG B 949 20.35 21.59 -46.72
C ARG B 949 21.57 22.34 -47.21
N MET B 950 22.33 22.88 -46.27
CA MET B 950 23.53 23.64 -46.61
C MET B 950 24.60 22.78 -47.27
N GLU B 951 24.55 21.46 -47.10
CA GLU B 951 25.60 20.60 -47.61
C GLU B 951 25.58 20.52 -49.14
N SER B 952 24.40 20.35 -49.72
CA SER B 952 24.27 20.10 -51.16
C SER B 952 23.18 20.97 -51.76
N SER B 953 23.19 22.26 -51.42
CA SER B 953 22.25 23.21 -52.00
C SER B 953 22.82 24.61 -51.86
N GLU B 954 22.73 25.39 -52.94
CA GLU B 954 23.17 26.77 -52.89
C GLU B 954 22.26 27.59 -51.98
N TYR B 955 22.84 28.57 -51.29
CA TYR B 955 22.10 29.34 -50.31
C TYR B 955 22.75 30.71 -50.15
N GLU B 956 21.99 31.63 -49.55
CA GLU B 956 22.47 32.96 -49.20
C GLU B 956 22.28 33.16 -47.71
N LEU B 957 23.36 33.51 -47.03
CA LEU B 957 23.36 33.72 -45.58
C LEU B 957 23.75 35.17 -45.29
N PHE B 958 22.90 35.86 -44.55
CA PHE B 958 23.11 37.25 -44.18
C PHE B 958 23.06 37.40 -42.67
N VAL B 959 24.06 38.07 -42.11
CA VAL B 959 24.09 38.44 -40.70
C VAL B 959 24.12 39.95 -40.61
N ASP B 960 23.14 40.53 -39.93
CA ASP B 960 23.02 41.99 -39.77
C ASP B 960 23.00 42.70 -41.12
N GLY B 961 22.42 42.06 -42.13
CA GLY B 961 22.35 42.63 -43.46
C GLY B 961 23.59 42.45 -44.31
N GLN B 962 24.63 41.82 -43.80
CA GLN B 962 25.87 41.59 -44.53
C GLN B 962 25.96 40.13 -44.93
N LYS B 963 26.19 39.88 -46.21
CA LYS B 963 26.34 38.51 -46.69
C LYS B 963 27.63 37.91 -46.16
N ILE B 964 27.55 36.67 -45.69
CA ILE B 964 28.70 35.98 -45.13
C ILE B 964 28.80 34.60 -45.76
N ASP B 965 30.02 34.05 -45.72
CA ASP B 965 30.31 32.72 -46.23
C ASP B 965 30.50 31.68 -45.14
N ASN B 966 31.13 32.06 -44.03
CA ASN B 966 31.31 31.15 -42.92
C ASN B 966 29.96 30.90 -42.24
N THR B 967 29.66 29.63 -41.97
CA THR B 967 28.40 29.25 -41.36
C THR B 967 28.41 29.33 -39.84
N VAL B 968 29.54 29.72 -39.25
CA VAL B 968 29.65 29.82 -37.79
C VAL B 968 29.34 31.25 -37.39
N ILE B 969 28.17 31.46 -36.79
CA ILE B 969 27.77 32.78 -36.33
C ILE B 969 28.52 33.10 -35.04
N PRO B 970 29.21 34.23 -34.95
CA PRO B 970 29.91 34.58 -33.71
C PRO B 970 28.95 34.81 -32.56
N MET B 971 29.44 34.53 -31.36
CA MET B 971 28.66 34.76 -30.13
C MET B 971 28.90 36.19 -29.69
N TYR B 972 28.04 37.09 -30.16
CA TYR B 972 28.20 38.51 -29.86
C TYR B 972 27.94 38.81 -28.40
N THR B 973 28.61 39.85 -27.90
CA THR B 973 28.47 40.28 -26.51
C THR B 973 28.24 41.79 -26.43
N ASP B 974 27.55 42.35 -27.41
CA ASP B 974 27.32 43.79 -27.49
C ASP B 974 25.94 44.20 -26.97
N GLU B 975 25.20 43.27 -26.37
CA GLU B 975 23.85 43.55 -25.84
C GLU B 975 22.95 44.12 -26.92
N LYS B 976 23.01 43.55 -28.12
CA LYS B 976 22.22 44.00 -29.25
C LYS B 976 21.60 42.80 -29.95
N GLU B 977 20.50 43.05 -30.65
CA GLU B 977 19.81 42.01 -31.40
C GLU B 977 20.39 41.93 -32.80
N HIS B 978 20.71 40.71 -33.23
CA HIS B 978 21.29 40.47 -34.55
C HIS B 978 20.33 39.66 -35.39
N ILE B 979 20.12 40.09 -36.63
CA ILE B 979 19.19 39.44 -37.56
C ILE B 979 19.99 38.51 -38.45
N VAL B 980 19.56 37.25 -38.52
CA VAL B 980 20.17 36.24 -39.38
C VAL B 980 19.13 35.77 -40.37
N THR B 981 19.49 35.80 -41.66
CA THR B 981 18.58 35.42 -42.73
C THR B 981 19.24 34.36 -43.60
N LEU B 982 18.51 33.28 -43.88
CA LEU B 982 18.99 32.23 -44.76
C LEU B 982 17.97 32.01 -45.86
N LYS B 983 18.44 31.96 -47.10
CA LYS B 983 17.58 31.75 -48.25
C LYS B 983 18.12 30.59 -49.07
N PHE B 984 17.25 29.64 -49.39
CA PHE B 984 17.58 28.51 -50.24
C PHE B 984 16.99 28.71 -51.62
N LYS B 985 17.81 28.49 -52.65
CA LYS B 985 17.38 28.68 -54.03
C LYS B 985 17.15 27.33 -54.70
N LEU B 986 16.45 27.38 -55.83
CA LEU B 986 16.15 26.17 -56.59
C LEU B 986 17.32 25.78 -57.50
CL CL C . -6.88 -8.32 13.20
CL CL D . 8.83 -10.40 30.02
CL CL E . 3.71 9.49 -13.68
CL CL F . 20.90 -0.44 -25.51
#